data_8RYI
#
_entry.id   8RYI
#
_cell.length_a   163.990
_cell.length_b   86.520
_cell.length_c   168.410
_cell.angle_alpha   90.000
_cell.angle_beta   113.990
_cell.angle_gamma   90.000
#
_symmetry.space_group_name_H-M   'C 1 2 1'
#
loop_
_entity.id
_entity.type
_entity.pdbx_description
1 polymer 'Arginase family protein'
2 polymer 'Agmatinase family protein'
3 non-polymer 'dicarbonimidic diamide'
4 non-polymer UREA
5 non-polymer 'NICKEL (II) ION'
6 non-polymer 'CALCIUM ION'
7 water water
#
loop_
_entity_poly.entity_id
_entity_poly.type
_entity_poly.pdbx_seq_one_letter_code
_entity_poly.pdbx_strand_id
1 'polypeptide(L)'
;MNPAKSYAHLFSPLGGDAGDNYRAPGLITFLRSAHVPLNAEALKACGAKYAFVGVPFDEGNIGKPGSEDAPREFRLITQE
YFSYWFEYNVDLHGKAVDCGDVSMPKVSPEVAHERIYRAVREVLKSGLIPIICGGDRSISITAARALSDHIGPQKKMGYM
HFGAQLDMADSWAGERNLAPCAMARITELPNLDIRNVAHLGARNAMNPKDHIDLSKERGLQYDSMFDLFDAGIYPLVERS
IDRVWSGTDAQYLGFNFNVMDSSTAPGVTSTEPGGLESREMMRIVDMIAKRGGVSVIDLTELCPIFDISGTAARLAACVI
MRLMASLAAQDGDVIDDKLRRTDLVAAE
;
C,A,F,D
2 'polypeptide(L)'
;MAWSHPQFEKVENLYFQGAMLDRKTETAKWQFTPHQHRGPAEQFGENDHIYSPKLHNGSFKSRGLATFMGAPYCPPDRHK
IREMGAKICFLAVPWDQGQIVRAGASQGAAGLRDATTQYFPYMFEYDVDLLSFFRVVDCGDVPTVPGNNIKSQEYTADYV
TECLEGGAKVILFGGDHSLPIPGAKALSRFTGSGKMGYLHVDCHLDAGPDWAGNLITNCSGAPRALDLPNCNARNMAHMG
SRNSLNPKDWWDFYVDNEIRVVTMPEMIERGLEVCANEIFERVKKDTDSLYFTWDTDSIDISCMPANSAPECYGLKGREV
IQLARIAGRHGCDILDIVELCPDFDPSQISVKMTVNMIYHYLGSRAQTLRQQGKQP
;
B,E
#
loop_
_chem_comp.id
_chem_comp.type
_chem_comp.name
_chem_comp.formula
C5J non-polymer 'dicarbonimidic diamide' 'C2 H5 N3 O2'
CA non-polymer 'CALCIUM ION' 'Ca 2'
NI non-polymer 'NICKEL (II) ION' 'Ni 2'
URE non-polymer UREA 'C H4 N2 O'
#
# COMPACT_ATOMS: atom_id res chain seq x y z
N SER A 6 28.35 25.42 -22.41
CA SER A 6 28.56 24.47 -21.33
C SER A 6 28.00 23.08 -21.67
N TYR A 7 28.81 22.04 -21.45
CA TYR A 7 28.46 20.68 -21.83
C TYR A 7 28.75 19.65 -20.75
N ALA A 8 29.08 20.06 -19.52
CA ALA A 8 29.41 19.09 -18.47
C ALA A 8 28.28 18.10 -18.22
N HIS A 9 27.04 18.49 -18.53
CA HIS A 9 25.87 17.63 -18.33
C HIS A 9 25.87 16.41 -19.25
N LEU A 10 26.77 16.36 -20.24
CA LEU A 10 26.89 15.18 -21.10
C LEU A 10 27.71 14.08 -20.46
N PHE A 11 28.52 14.43 -19.45
CA PHE A 11 29.58 13.59 -18.94
C PHE A 11 29.37 13.35 -17.45
N SER A 12 30.17 12.44 -16.91
CA SER A 12 30.15 12.18 -15.47
C SER A 12 30.36 13.48 -14.70
N PRO A 13 29.66 13.68 -13.58
CA PRO A 13 29.82 14.92 -12.83
C PRO A 13 31.27 15.10 -12.39
N LEU A 14 31.73 16.34 -12.42
CA LEU A 14 33.09 16.60 -11.99
C LEU A 14 33.22 16.59 -10.48
N GLY A 15 32.19 17.01 -9.76
CA GLY A 15 32.19 16.99 -8.31
C GLY A 15 33.29 17.84 -7.70
N GLY A 16 33.37 17.85 -6.37
CA GLY A 16 34.32 18.75 -5.72
C GLY A 16 34.09 20.20 -6.06
N ASP A 17 32.88 20.54 -6.49
CA ASP A 17 32.51 21.89 -6.93
C ASP A 17 31.81 22.63 -5.80
N ALA A 18 32.05 23.93 -5.74
CA ALA A 18 31.50 24.78 -4.70
C ALA A 18 31.17 26.14 -5.30
N GLY A 19 30.73 27.07 -4.44
CA GLY A 19 30.38 28.41 -4.87
C GLY A 19 28.89 28.66 -5.04
N ASP A 20 28.07 27.60 -5.05
CA ASP A 20 26.63 27.78 -5.17
C ASP A 20 26.05 28.44 -3.92
N ASN A 21 26.58 28.08 -2.75
CA ASN A 21 26.17 28.62 -1.45
C ASN A 21 24.73 28.27 -1.09
N TYR A 22 23.75 28.83 -1.81
CA TYR A 22 22.34 28.57 -1.53
C TYR A 22 21.58 28.39 -2.84
N ARG A 23 20.58 27.52 -2.83
CA ARG A 23 19.77 27.20 -3.99
C ARG A 23 18.39 27.84 -3.86
N ALA A 24 18.07 28.74 -4.79
CA ALA A 24 16.76 29.40 -4.81
C ALA A 24 15.66 28.36 -4.89
N PRO A 25 14.50 28.60 -4.27
CA PRO A 25 13.40 27.63 -4.39
C PRO A 25 12.92 27.57 -5.83
N GLY A 26 12.64 26.37 -6.29
CA GLY A 26 12.27 26.18 -7.68
C GLY A 26 10.97 25.43 -7.86
N LEU A 27 10.69 25.03 -9.09
CA LEU A 27 9.51 24.25 -9.41
C LEU A 27 9.94 22.87 -9.91
N ILE A 28 9.24 21.84 -9.46
CA ILE A 28 9.34 20.53 -10.06
C ILE A 28 9.06 20.66 -11.55
N THR A 29 10.05 20.38 -12.38
CA THR A 29 9.93 20.60 -13.81
C THR A 29 10.23 19.34 -14.62
N PHE A 30 9.54 19.24 -15.77
CA PHE A 30 9.76 18.14 -16.71
C PHE A 30 11.21 18.14 -17.17
N LEU A 31 11.90 17.01 -16.94
CA LEU A 31 13.29 16.85 -17.38
C LEU A 31 14.23 17.86 -16.73
N ARG A 32 13.91 18.33 -15.52
CA ARG A 32 14.66 19.42 -14.88
C ARG A 32 14.84 20.62 -15.81
N SER A 33 13.87 20.83 -16.70
CA SER A 33 13.98 21.87 -17.70
C SER A 33 13.50 23.21 -17.14
N ALA A 34 13.83 24.27 -17.86
CA ALA A 34 13.45 25.60 -17.41
C ALA A 34 11.94 25.77 -17.47
N HIS A 35 11.41 26.60 -16.56
CA HIS A 35 10.03 27.03 -16.59
C HIS A 35 9.88 28.25 -17.49
N VAL A 36 8.94 28.18 -18.43
CA VAL A 36 8.58 29.33 -19.27
C VAL A 36 7.08 29.54 -19.11
N PRO A 37 6.61 30.78 -18.94
CA PRO A 37 5.17 31.01 -18.85
C PRO A 37 4.45 30.56 -20.12
N LEU A 38 3.15 30.32 -19.97
CA LEU A 38 2.30 29.93 -21.09
C LEU A 38 2.02 31.16 -21.95
N ASN A 39 3.03 31.56 -22.73
CA ASN A 39 2.95 32.75 -23.56
C ASN A 39 3.72 32.50 -24.85
N ALA A 40 3.06 32.69 -25.98
CA ALA A 40 3.61 32.23 -27.24
C ALA A 40 4.94 32.89 -27.55
N GLU A 41 5.06 34.18 -27.32
CA GLU A 41 6.32 34.81 -27.69
C GLU A 41 7.46 34.39 -26.78
N ALA A 42 7.22 34.35 -25.47
CA ALA A 42 8.25 33.86 -24.56
C ALA A 42 8.59 32.41 -24.90
N LEU A 43 7.62 31.64 -25.37
CA LEU A 43 7.89 30.29 -25.82
C LEU A 43 8.69 30.29 -27.11
N LYS A 44 8.34 31.17 -28.05
CA LYS A 44 9.07 31.21 -29.32
C LYS A 44 10.52 31.63 -29.11
N ALA A 45 10.75 32.52 -28.16
CA ALA A 45 12.09 33.07 -27.93
C ALA A 45 12.96 32.17 -27.07
N CYS A 46 12.40 31.17 -26.41
CA CYS A 46 13.20 30.40 -25.46
C CYS A 46 14.13 29.39 -26.13
N GLY A 47 13.90 29.03 -27.39
CA GLY A 47 14.78 28.13 -28.11
C GLY A 47 14.40 26.67 -28.04
N ALA A 48 13.43 26.31 -27.22
CA ALA A 48 13.04 24.92 -27.10
C ALA A 48 12.18 24.48 -28.29
N LYS A 49 12.08 23.17 -28.47
CA LYS A 49 11.19 22.60 -29.48
C LYS A 49 9.87 22.09 -28.90
N TYR A 50 9.85 21.70 -27.63
CA TYR A 50 8.68 21.14 -26.97
C TYR A 50 8.33 21.99 -25.74
N ALA A 51 7.04 22.01 -25.41
CA ALA A 51 6.53 22.69 -24.21
C ALA A 51 5.68 21.69 -23.43
N PHE A 52 6.17 21.25 -22.28
CA PHE A 52 5.40 20.32 -21.48
C PHE A 52 4.28 21.11 -20.81
N VAL A 53 3.07 20.56 -20.86
CA VAL A 53 1.89 21.20 -20.27
C VAL A 53 1.20 20.18 -19.38
N GLY A 54 1.16 20.48 -18.08
CA GLY A 54 0.43 19.61 -17.15
C GLY A 54 -1.05 19.98 -17.13
N VAL A 55 -1.89 18.95 -17.17
CA VAL A 55 -3.34 19.17 -17.11
C VAL A 55 -3.91 18.26 -16.01
N PRO A 56 -3.82 18.67 -14.74
CA PRO A 56 -4.37 17.83 -13.65
C PRO A 56 -5.88 17.96 -13.55
N PHE A 57 -6.57 17.42 -14.54
CA PHE A 57 -8.02 17.50 -14.66
C PHE A 57 -8.55 16.08 -14.77
N ASP A 58 -9.48 15.69 -13.87
CA ASP A 58 -10.03 14.34 -13.83
C ASP A 58 -11.56 14.32 -13.76
N GLU A 59 -12.23 15.40 -14.12
CA GLU A 59 -13.68 15.45 -14.01
C GLU A 59 -14.40 14.93 -15.26
N GLY A 60 -13.66 14.39 -16.23
CA GLY A 60 -14.18 13.58 -17.30
C GLY A 60 -14.01 12.08 -17.07
N ASN A 61 -13.44 11.69 -15.94
CA ASN A 61 -13.11 10.30 -15.63
C ASN A 61 -14.37 9.55 -15.15
N ILE A 62 -14.70 8.44 -15.82
CA ILE A 62 -15.83 7.62 -15.39
C ILE A 62 -15.39 6.43 -14.54
N GLY A 63 -14.08 6.23 -14.36
CA GLY A 63 -13.53 5.09 -13.61
C GLY A 63 -12.91 5.45 -12.27
N LYS A 64 -11.91 4.69 -11.86
CA LYS A 64 -11.28 4.88 -10.56
C LYS A 64 -10.48 6.18 -10.56
N PRO A 65 -10.48 6.93 -9.45
CA PRO A 65 -9.79 8.22 -9.41
C PRO A 65 -8.27 8.08 -9.26
N GLY A 66 -7.57 9.15 -9.59
CA GLY A 66 -6.13 9.14 -9.39
C GLY A 66 -5.30 9.88 -10.43
N SER A 67 -5.82 10.07 -11.64
CA SER A 67 -4.99 10.68 -12.69
C SER A 67 -4.67 12.14 -12.42
N GLU A 68 -5.38 12.78 -11.48
CA GLU A 68 -5.08 14.16 -11.15
C GLU A 68 -3.63 14.32 -10.71
N ASP A 69 -3.05 13.30 -10.09
CA ASP A 69 -1.68 13.37 -9.60
C ASP A 69 -0.63 12.94 -10.63
N ALA A 70 -1.06 12.51 -11.82
CA ALA A 70 -0.09 12.04 -12.82
C ALA A 70 0.92 13.11 -13.23
N PRO A 71 0.53 14.36 -13.55
CA PRO A 71 1.55 15.34 -14.00
C PRO A 71 2.68 15.53 -13.01
N ARG A 72 2.38 15.53 -11.71
CA ARG A 72 3.44 15.67 -10.71
C ARG A 72 4.35 14.46 -10.71
N GLU A 73 3.77 13.25 -10.66
CA GLU A 73 4.60 12.05 -10.57
C GLU A 73 5.39 11.84 -11.86
N PHE A 74 4.78 12.18 -13.00
CA PHE A 74 5.51 12.09 -14.27
C PHE A 74 6.73 13.00 -14.28
N ARG A 75 6.56 14.26 -13.87
CA ARG A 75 7.67 15.18 -13.80
C ARG A 75 8.78 14.66 -12.89
N LEU A 76 8.41 14.12 -11.73
CA LEU A 76 9.40 13.64 -10.77
C LEU A 76 10.20 12.47 -11.32
N ILE A 77 9.56 11.61 -12.12
CA ILE A 77 10.28 10.50 -12.71
C ILE A 77 11.31 11.01 -13.71
N THR A 78 10.91 11.98 -14.55
CA THR A 78 11.81 12.48 -15.57
C THR A 78 13.02 13.21 -15.00
N GLN A 79 12.94 13.67 -13.75
CA GLN A 79 14.07 14.38 -13.15
C GLN A 79 15.19 13.45 -12.74
N GLU A 80 14.99 12.13 -12.83
CA GLU A 80 16.04 11.17 -12.51
C GLU A 80 17.00 10.90 -13.66
N TYR A 81 16.70 11.34 -14.87
CA TYR A 81 17.44 10.87 -16.02
C TYR A 81 18.41 11.92 -16.54
N PHE A 82 19.51 11.44 -17.13
CA PHE A 82 20.43 12.31 -17.85
C PHE A 82 19.78 12.74 -19.16
N SER A 83 20.31 13.83 -19.72
CA SER A 83 19.80 14.35 -20.98
C SER A 83 20.43 13.71 -22.22
N TYR A 84 21.55 13.00 -22.10
CA TYR A 84 22.21 12.41 -23.26
C TYR A 84 21.82 10.94 -23.41
N TRP A 85 21.41 10.56 -24.62
CA TRP A 85 20.96 9.20 -24.95
C TRP A 85 21.94 8.61 -25.94
N PHE A 86 22.82 7.73 -25.46
CA PHE A 86 23.87 7.16 -26.31
C PHE A 86 23.33 6.31 -27.45
N GLU A 87 22.11 5.74 -27.32
CA GLU A 87 21.54 4.96 -28.43
C GLU A 87 21.24 5.82 -29.65
N TYR A 88 21.02 7.12 -29.46
CA TYR A 88 20.70 8.02 -30.56
C TYR A 88 21.76 9.10 -30.77
N ASN A 89 22.74 9.23 -29.87
CA ASN A 89 23.72 10.31 -29.87
C ASN A 89 23.05 11.69 -29.85
N VAL A 90 22.04 11.83 -29.01
CA VAL A 90 21.23 13.04 -28.96
C VAL A 90 21.24 13.61 -27.54
N ASP A 91 21.25 14.93 -27.45
CA ASP A 91 21.17 15.65 -26.19
C ASP A 91 19.81 16.33 -26.10
N LEU A 92 19.03 15.95 -25.09
CA LEU A 92 17.71 16.55 -24.90
C LEU A 92 17.75 17.85 -24.12
N HIS A 93 18.91 18.23 -23.60
CA HIS A 93 19.02 19.45 -22.80
C HIS A 93 18.64 20.68 -23.60
N GLY A 94 17.71 21.47 -23.05
CA GLY A 94 17.24 22.66 -23.71
C GLY A 94 16.21 22.42 -24.78
N LYS A 95 15.90 21.18 -25.09
CA LYS A 95 14.93 20.91 -26.14
C LYS A 95 13.50 21.07 -25.67
N ALA A 96 13.25 21.01 -24.36
CA ALA A 96 11.92 21.21 -23.81
C ALA A 96 11.95 22.27 -22.72
N VAL A 97 10.78 22.86 -22.48
CA VAL A 97 10.53 23.69 -21.32
C VAL A 97 9.22 23.21 -20.70
N ASP A 98 8.99 23.64 -19.46
CA ASP A 98 7.81 23.24 -18.70
C ASP A 98 6.98 24.48 -18.45
N CYS A 99 5.71 24.46 -18.82
CA CYS A 99 4.85 25.61 -18.65
C CYS A 99 4.02 25.54 -17.39
N GLY A 100 4.33 24.59 -16.50
CA GLY A 100 3.52 24.39 -15.31
C GLY A 100 2.26 23.64 -15.64
N ASP A 101 1.26 23.77 -14.77
CA ASP A 101 -0.04 23.18 -15.03
C ASP A 101 -1.01 24.25 -15.49
N VAL A 102 -1.90 23.89 -16.41
CA VAL A 102 -3.03 24.76 -16.72
C VAL A 102 -3.80 25.06 -15.44
N SER A 103 -4.18 26.32 -15.28
CA SER A 103 -4.94 26.74 -14.11
C SER A 103 -6.42 26.49 -14.37
N MET A 104 -7.03 25.61 -13.59
CA MET A 104 -8.41 25.22 -13.80
C MET A 104 -9.18 25.23 -12.48
N PRO A 105 -10.42 25.71 -12.48
CA PRO A 105 -11.25 25.61 -11.27
C PRO A 105 -11.84 24.22 -11.15
N LYS A 106 -12.17 23.84 -9.92
CA LYS A 106 -12.82 22.56 -9.64
C LYS A 106 -14.34 22.70 -9.78
N VAL A 107 -15.00 21.57 -10.10
CA VAL A 107 -16.46 21.49 -10.23
C VAL A 107 -16.95 22.51 -11.26
N SER A 108 -16.16 22.77 -12.30
CA SER A 108 -16.54 23.69 -13.37
C SER A 108 -15.89 23.23 -14.66
N PRO A 109 -16.35 22.09 -15.22
CA PRO A 109 -15.63 21.49 -16.36
C PRO A 109 -15.68 22.31 -17.63
N GLU A 110 -16.78 23.05 -17.86
CA GLU A 110 -16.84 23.93 -19.03
C GLU A 110 -15.70 24.93 -19.00
N VAL A 111 -15.52 25.61 -17.86
CA VAL A 111 -14.43 26.58 -17.74
C VAL A 111 -13.08 25.88 -17.81
N ALA A 112 -12.94 24.71 -17.16
CA ALA A 112 -11.68 23.99 -17.21
C ALA A 112 -11.28 23.68 -18.65
N HIS A 113 -12.24 23.20 -19.46
CA HIS A 113 -11.93 22.87 -20.85
C HIS A 113 -11.54 24.11 -21.64
N GLU A 114 -12.19 25.26 -21.39
CA GLU A 114 -11.80 26.49 -22.07
CA GLU A 114 -11.80 26.47 -22.08
C GLU A 114 -10.38 26.89 -21.71
N ARG A 115 -10.02 26.76 -20.43
CA ARG A 115 -8.65 27.04 -20.01
C ARG A 115 -7.67 26.12 -20.73
N ILE A 116 -8.02 24.84 -20.85
CA ILE A 116 -7.18 23.90 -21.61
C ILE A 116 -7.09 24.31 -23.07
N TYR A 117 -8.22 24.67 -23.67
CA TYR A 117 -8.22 25.05 -25.09
C TYR A 117 -7.29 26.24 -25.35
N ARG A 118 -7.39 27.30 -24.54
CA ARG A 118 -6.56 28.46 -24.76
C ARG A 118 -5.09 28.14 -24.54
N ALA A 119 -4.81 27.29 -23.56
CA ALA A 119 -3.43 26.91 -23.28
C ALA A 119 -2.79 26.19 -24.46
N VAL A 120 -3.51 25.22 -25.06
CA VAL A 120 -2.96 24.49 -26.21
C VAL A 120 -2.85 25.41 -27.41
N ARG A 121 -3.85 26.26 -27.63
CA ARG A 121 -3.75 27.23 -28.72
C ARG A 121 -2.53 28.14 -28.56
N GLU A 122 -2.20 28.53 -27.33
CA GLU A 122 -1.06 29.44 -27.15
C GLU A 122 0.26 28.75 -27.45
N VAL A 123 0.43 27.50 -26.99
CA VAL A 123 1.66 26.79 -27.27
C VAL A 123 1.80 26.55 -28.78
N LEU A 124 0.72 26.13 -29.42
CA LEU A 124 0.75 25.93 -30.87
C LEU A 124 1.09 27.23 -31.58
N LYS A 125 0.53 28.35 -31.12
CA LYS A 125 0.82 29.66 -31.70
C LYS A 125 2.32 29.95 -31.68
N SER A 126 3.04 29.45 -30.67
CA SER A 126 4.47 29.66 -30.57
C SER A 126 5.27 28.82 -31.55
N GLY A 127 4.66 27.79 -32.14
CA GLY A 127 5.36 26.88 -33.00
C GLY A 127 5.99 25.70 -32.29
N LEU A 128 5.99 25.70 -30.96
CA LEU A 128 6.51 24.55 -30.22
C LEU A 128 5.46 23.44 -30.20
N ILE A 129 5.94 22.23 -29.87
CA ILE A 129 5.08 21.05 -29.83
C ILE A 129 4.58 20.90 -28.38
N PRO A 130 3.29 21.08 -28.12
CA PRO A 130 2.81 20.83 -26.76
C PRO A 130 2.90 19.34 -26.42
N ILE A 131 3.46 19.04 -25.27
CA ILE A 131 3.41 17.71 -24.68
C ILE A 131 2.46 17.82 -23.50
N ILE A 132 1.25 17.29 -23.68
CA ILE A 132 0.14 17.48 -22.76
C ILE A 132 0.04 16.23 -21.88
N CYS A 133 0.28 16.39 -20.58
CA CYS A 133 0.22 15.25 -19.67
C CYS A 133 -1.04 15.42 -18.86
N GLY A 134 -1.89 14.45 -18.95
CA GLY A 134 -3.17 14.68 -18.40
C GLY A 134 -3.38 14.02 -17.10
N GLY A 135 -4.56 14.35 -16.61
CA GLY A 135 -5.44 13.53 -15.87
C GLY A 135 -6.15 12.76 -16.95
N ASP A 136 -7.48 12.90 -17.06
CA ASP A 136 -8.28 11.93 -17.79
C ASP A 136 -8.29 12.18 -19.31
N ARG A 137 -8.77 11.16 -20.02
CA ARG A 137 -8.72 11.05 -21.48
C ARG A 137 -9.54 12.12 -22.19
N SER A 138 -10.56 12.69 -21.53
CA SER A 138 -11.38 13.70 -22.20
C SER A 138 -10.61 14.98 -22.50
N ILE A 139 -9.46 15.22 -21.86
CA ILE A 139 -8.72 16.42 -22.21
C ILE A 139 -8.24 16.36 -23.66
N SER A 140 -8.09 15.15 -24.23
CA SER A 140 -7.67 15.04 -25.62
C SER A 140 -8.70 15.64 -26.58
N ILE A 141 -9.98 15.58 -26.23
CA ILE A 141 -11.03 16.19 -27.05
C ILE A 141 -10.70 17.65 -27.29
N THR A 142 -10.38 18.36 -26.21
CA THR A 142 -10.13 19.79 -26.29
C THR A 142 -8.80 20.06 -26.97
N ALA A 143 -7.78 19.27 -26.66
CA ALA A 143 -6.47 19.48 -27.27
C ALA A 143 -6.54 19.25 -28.76
N ALA A 144 -7.22 18.19 -29.19
CA ALA A 144 -7.32 17.90 -30.62
C ALA A 144 -8.13 18.97 -31.34
N ARG A 145 -9.17 19.48 -30.68
CA ARG A 145 -9.93 20.59 -31.25
C ARG A 145 -9.06 21.84 -31.39
N ALA A 146 -8.18 22.09 -30.41
CA ALA A 146 -7.29 23.26 -30.52
C ALA A 146 -6.37 23.14 -31.72
N LEU A 147 -5.84 21.94 -31.99
CA LEU A 147 -4.99 21.76 -33.17
C LEU A 147 -5.79 21.94 -34.45
N SER A 148 -7.01 21.38 -34.50
CA SER A 148 -7.87 21.52 -35.66
C SER A 148 -8.16 22.99 -35.94
N ASP A 149 -8.46 23.76 -34.89
CA ASP A 149 -8.67 25.19 -35.07
C ASP A 149 -7.38 25.89 -35.50
N HIS A 150 -6.25 25.49 -34.91
CA HIS A 150 -4.97 26.14 -35.19
C HIS A 150 -4.59 26.04 -36.66
N ILE A 151 -4.75 24.86 -37.26
CA ILE A 151 -4.38 24.71 -38.67
C ILE A 151 -5.47 25.24 -39.61
N GLY A 152 -6.72 25.35 -39.16
CA GLY A 152 -7.76 25.95 -39.97
C GLY A 152 -8.37 25.03 -41.00
N PRO A 153 -9.45 25.48 -41.64
CA PRO A 153 -10.25 24.60 -42.51
C PRO A 153 -9.64 24.30 -43.87
N GLN A 154 -8.54 24.95 -44.26
CA GLN A 154 -7.89 24.65 -45.53
C GLN A 154 -6.74 23.66 -45.38
N LYS A 155 -6.50 23.13 -44.17
CA LYS A 155 -5.43 22.19 -43.91
C LYS A 155 -6.00 20.85 -43.46
N LYS A 156 -5.19 19.80 -43.56
CA LYS A 156 -5.62 18.46 -43.23
C LYS A 156 -4.88 17.98 -41.98
N MET A 157 -5.63 17.41 -41.04
CA MET A 157 -5.10 16.94 -39.78
C MET A 157 -5.08 15.42 -39.80
N GLY A 158 -4.08 14.84 -39.13
CA GLY A 158 -4.02 13.40 -38.91
C GLY A 158 -4.07 13.10 -37.42
N TYR A 159 -4.53 11.91 -37.04
CA TYR A 159 -4.71 11.60 -35.61
C TYR A 159 -4.40 10.14 -35.35
N MET A 160 -3.51 9.88 -34.41
CA MET A 160 -3.19 8.52 -34.03
C MET A 160 -3.23 8.41 -32.51
N HIS A 161 -3.90 7.38 -32.01
CA HIS A 161 -4.01 7.16 -30.57
C HIS A 161 -3.71 5.71 -30.27
N PHE A 162 -2.93 5.49 -29.20
CA PHE A 162 -2.67 4.16 -28.66
C PHE A 162 -3.48 4.01 -27.39
N GLY A 163 -4.25 2.93 -27.29
CA GLY A 163 -5.05 2.69 -26.10
C GLY A 163 -5.82 1.38 -26.21
N ALA A 164 -6.17 0.83 -25.04
CA ALA A 164 -6.96 -0.40 -24.99
C ALA A 164 -8.45 -0.16 -25.25
N GLN A 165 -8.90 1.08 -25.18
CA GLN A 165 -10.32 1.41 -25.29
C GLN A 165 -10.56 2.27 -26.52
N LEU A 166 -11.62 1.94 -27.26
CA LEU A 166 -11.99 2.76 -28.42
C LEU A 166 -12.46 4.16 -28.03
N ASP A 167 -13.16 4.31 -26.89
CA ASP A 167 -13.73 5.60 -26.48
C ASP A 167 -14.62 6.19 -27.60
N MET A 168 -15.51 5.37 -28.14
CA MET A 168 -16.43 5.78 -29.20
C MET A 168 -17.87 5.84 -28.70
N ALA A 169 -18.05 6.37 -27.49
CA ALA A 169 -19.39 6.57 -26.97
C ALA A 169 -19.93 7.85 -27.58
N ASP A 170 -20.99 7.73 -28.39
CA ASP A 170 -21.66 8.95 -28.82
C ASP A 170 -22.12 9.76 -27.62
N SER A 171 -22.65 9.10 -26.60
CA SER A 171 -22.88 9.73 -25.32
C SER A 171 -22.72 8.69 -24.22
N TRP A 172 -22.47 9.17 -23.01
CA TRP A 172 -22.24 8.31 -21.86
C TRP A 172 -22.94 8.96 -20.67
N ALA A 173 -23.85 8.24 -20.03
CA ALA A 173 -24.73 8.79 -19.00
C ALA A 173 -25.42 10.06 -19.50
N GLY A 174 -25.73 10.10 -20.79
CA GLY A 174 -26.33 11.27 -21.37
C GLY A 174 -25.38 12.41 -21.65
N GLU A 175 -24.09 12.28 -21.33
CA GLU A 175 -23.11 13.35 -21.53
C GLU A 175 -22.30 13.11 -22.80
N ARG A 176 -21.72 14.17 -23.34
CA ARG A 176 -21.08 14.05 -24.65
C ARG A 176 -19.57 14.28 -24.64
N ASN A 177 -18.99 14.72 -23.52
CA ASN A 177 -17.57 15.04 -23.51
C ASN A 177 -16.84 14.39 -22.35
N LEU A 178 -17.29 13.21 -21.92
CA LEU A 178 -16.56 12.43 -20.96
C LEU A 178 -15.48 11.62 -21.67
N ALA A 179 -14.58 11.04 -20.88
CA ALA A 179 -13.46 10.27 -21.43
C ALA A 179 -13.89 9.20 -22.42
N PRO A 180 -14.89 8.35 -22.15
CA PRO A 180 -15.27 7.33 -23.15
C PRO A 180 -15.90 7.90 -24.43
N CYS A 181 -16.16 9.21 -24.50
CA CYS A 181 -16.69 9.84 -25.70
C CYS A 181 -15.60 10.41 -26.58
N ALA A 182 -14.33 10.29 -26.17
CA ALA A 182 -13.28 11.13 -26.73
C ALA A 182 -13.16 10.93 -28.24
N MET A 183 -13.04 9.69 -28.70
CA MET A 183 -12.87 9.46 -30.14
C MET A 183 -14.11 9.86 -30.93
N ALA A 184 -15.30 9.69 -30.36
CA ALA A 184 -16.52 10.07 -31.06
C ALA A 184 -16.56 11.57 -31.31
N ARG A 185 -16.04 12.35 -30.36
CA ARG A 185 -15.93 13.79 -30.59
C ARG A 185 -14.77 14.09 -31.53
N ILE A 186 -13.62 13.45 -31.32
CA ILE A 186 -12.45 13.78 -32.14
C ILE A 186 -12.69 13.42 -33.61
N THR A 187 -13.38 12.31 -33.87
CA THR A 187 -13.67 11.97 -35.26
C THR A 187 -14.77 12.83 -35.86
N GLU A 188 -15.31 13.80 -35.11
CA GLU A 188 -16.22 14.79 -35.68
C GLU A 188 -15.51 16.06 -36.15
N LEU A 189 -14.23 16.21 -35.85
CA LEU A 189 -13.51 17.42 -36.24
C LEU A 189 -13.54 17.57 -37.77
N PRO A 190 -13.82 18.77 -38.28
CA PRO A 190 -14.15 18.93 -39.71
C PRO A 190 -12.99 18.77 -40.67
N ASN A 191 -11.75 19.00 -40.22
CA ASN A 191 -10.59 18.82 -41.09
C ASN A 191 -9.80 17.57 -40.73
N LEU A 192 -10.45 16.62 -40.07
CA LEU A 192 -9.86 15.32 -39.74
C LEU A 192 -10.64 14.25 -40.52
N ASP A 193 -10.16 13.92 -41.73
CA ASP A 193 -10.74 12.82 -42.49
C ASP A 193 -10.52 11.50 -41.76
N ILE A 194 -11.55 10.66 -41.72
CA ILE A 194 -11.44 9.40 -41.00
C ILE A 194 -10.35 8.51 -41.60
N ARG A 195 -10.01 8.71 -42.89
CA ARG A 195 -8.93 7.95 -43.48
C ARG A 195 -7.56 8.34 -42.93
N ASN A 196 -7.47 9.49 -42.24
CA ASN A 196 -6.24 9.91 -41.58
C ASN A 196 -6.28 9.68 -40.08
N VAL A 197 -7.14 8.79 -39.60
CA VAL A 197 -7.27 8.49 -38.18
C VAL A 197 -6.83 7.06 -37.91
N ALA A 198 -5.99 6.88 -36.90
CA ALA A 198 -5.57 5.56 -36.47
C ALA A 198 -5.82 5.40 -34.97
N HIS A 199 -6.27 4.21 -34.60
CA HIS A 199 -6.45 3.82 -33.20
C HIS A 199 -5.92 2.41 -33.06
N LEU A 200 -4.94 2.21 -32.19
CA LEU A 200 -4.20 0.96 -32.11
C LEU A 200 -4.24 0.41 -30.68
N GLY A 201 -4.59 -0.87 -30.54
CA GLY A 201 -4.42 -1.57 -29.30
C GLY A 201 -5.71 -2.01 -28.63
N ALA A 202 -6.87 -1.76 -29.23
CA ALA A 202 -8.14 -2.07 -28.57
C ALA A 202 -8.22 -3.56 -28.24
N ARG A 203 -8.65 -3.87 -27.02
CA ARG A 203 -8.75 -5.25 -26.59
C ARG A 203 -9.60 -5.30 -25.32
N ASN A 204 -10.04 -6.53 -24.98
CA ASN A 204 -10.78 -6.83 -23.76
C ASN A 204 -12.13 -6.09 -23.70
N ALA A 205 -12.87 -6.21 -22.59
CA ALA A 205 -14.31 -5.96 -22.59
C ALA A 205 -14.72 -4.54 -22.17
N MET A 206 -13.80 -3.59 -22.06
CA MET A 206 -14.21 -2.21 -21.79
C MET A 206 -14.46 -1.45 -23.10
N ASN A 207 -15.23 -2.11 -23.95
CA ASN A 207 -15.52 -1.66 -25.31
C ASN A 207 -16.93 -2.11 -25.66
N PRO A 208 -17.94 -1.36 -25.26
CA PRO A 208 -19.32 -1.82 -25.47
C PRO A 208 -19.70 -1.81 -26.94
N LYS A 209 -20.81 -2.50 -27.25
CA LYS A 209 -21.14 -2.75 -28.66
C LYS A 209 -21.37 -1.46 -29.45
N ASP A 210 -21.95 -0.43 -28.82
CA ASP A 210 -22.21 0.81 -29.57
C ASP A 210 -20.91 1.50 -30.01
N HIS A 211 -19.80 1.28 -29.30
CA HIS A 211 -18.53 1.85 -29.76
C HIS A 211 -18.09 1.16 -31.04
N ILE A 212 -18.38 -0.13 -31.17
CA ILE A 212 -18.05 -0.88 -32.35
C ILE A 212 -18.96 -0.47 -33.50
N ASP A 213 -20.26 -0.36 -33.23
CA ASP A 213 -21.23 0.07 -34.23
C ASP A 213 -20.90 1.44 -34.78
N LEU A 214 -20.60 2.40 -33.89
CA LEU A 214 -20.31 3.75 -34.35
C LEU A 214 -19.04 3.77 -35.17
N SER A 215 -18.02 3.01 -34.74
CA SER A 215 -16.78 2.97 -35.52
C SER A 215 -17.04 2.47 -36.93
N LYS A 216 -17.86 1.42 -37.07
CA LYS A 216 -18.19 0.87 -38.38
C LYS A 216 -19.03 1.85 -39.18
N GLU A 217 -19.99 2.50 -38.53
CA GLU A 217 -20.81 3.48 -39.21
C GLU A 217 -19.96 4.59 -39.82
N ARG A 218 -18.88 4.98 -39.15
CA ARG A 218 -18.05 6.09 -39.61
C ARG A 218 -16.84 5.65 -40.42
N GLY A 219 -16.55 4.36 -40.46
CA GLY A 219 -15.38 3.88 -41.18
C GLY A 219 -14.08 4.03 -40.43
N LEU A 220 -14.13 4.04 -39.10
CA LEU A 220 -12.92 4.07 -38.29
C LEU A 220 -12.21 2.71 -38.37
N GLN A 221 -11.06 2.65 -39.06
CA GLN A 221 -10.29 1.41 -39.17
C GLN A 221 -9.33 1.26 -38.00
N TYR A 222 -9.88 0.92 -36.84
CA TYR A 222 -9.02 0.71 -35.68
C TYR A 222 -8.26 -0.60 -35.85
N ASP A 223 -7.05 -0.64 -35.31
CA ASP A 223 -6.22 -1.83 -35.34
C ASP A 223 -6.31 -2.45 -33.94
N SER A 224 -7.17 -3.45 -33.78
CA SER A 224 -7.31 -4.11 -32.49
C SER A 224 -6.01 -4.80 -32.12
N MET A 225 -5.84 -5.04 -30.80
CA MET A 225 -4.65 -5.75 -30.36
C MET A 225 -4.57 -7.13 -31.02
N PHE A 226 -5.71 -7.83 -31.15
CA PHE A 226 -5.71 -9.11 -31.87
C PHE A 226 -5.28 -8.93 -33.33
N ASP A 227 -5.77 -7.87 -34.01
CA ASP A 227 -5.29 -7.56 -35.36
C ASP A 227 -3.77 -7.39 -35.39
N LEU A 228 -3.22 -6.66 -34.42
CA LEU A 228 -1.79 -6.38 -34.41
C LEU A 228 -1.00 -7.67 -34.25
N PHE A 229 -1.39 -8.50 -33.29
CA PHE A 229 -0.71 -9.79 -33.08
C PHE A 229 -0.71 -10.61 -34.37
N ASP A 230 -1.87 -10.70 -35.05
CA ASP A 230 -1.94 -11.48 -36.28
C ASP A 230 -0.98 -10.94 -37.33
N ALA A 231 -0.72 -9.64 -37.35
CA ALA A 231 0.15 -9.08 -38.37
C ALA A 231 1.61 -9.06 -37.98
N GLY A 232 1.97 -9.63 -36.83
CA GLY A 232 3.32 -9.43 -36.35
C GLY A 232 3.57 -8.02 -35.88
N ILE A 233 2.49 -7.26 -35.64
CA ILE A 233 2.47 -5.92 -35.07
C ILE A 233 3.00 -4.88 -36.05
N TYR A 234 4.31 -4.87 -36.30
CA TYR A 234 4.91 -3.73 -36.99
C TYR A 234 4.41 -3.53 -38.41
N PRO A 235 4.16 -4.56 -39.23
CA PRO A 235 3.61 -4.29 -40.57
C PRO A 235 2.29 -3.52 -40.55
N LEU A 236 1.41 -3.80 -39.59
CA LEU A 236 0.14 -3.07 -39.53
C LEU A 236 0.32 -1.66 -38.96
N VAL A 237 1.17 -1.52 -37.95
CA VAL A 237 1.46 -0.18 -37.41
C VAL A 237 2.02 0.71 -38.51
N GLU A 238 2.92 0.19 -39.35
CA GLU A 238 3.50 1.02 -40.41
C GLU A 238 2.43 1.54 -41.37
N ARG A 239 1.41 0.74 -41.67
CA ARG A 239 0.37 1.20 -42.58
C ARG A 239 -0.48 2.30 -41.97
N SER A 240 -0.72 2.22 -40.66
CA SER A 240 -1.52 3.25 -40.01
C SER A 240 -0.71 4.52 -39.81
N ILE A 241 0.57 4.38 -39.48
CA ILE A 241 1.45 5.54 -39.51
C ILE A 241 1.35 6.24 -40.86
N ASP A 242 1.38 5.46 -41.94
CA ASP A 242 1.34 6.05 -43.28
C ASP A 242 0.01 6.75 -43.55
N ARG A 243 -1.11 6.20 -43.06
CA ARG A 243 -2.38 6.88 -43.25
C ARG A 243 -2.44 8.20 -42.48
N VAL A 244 -1.83 8.25 -41.29
CA VAL A 244 -1.91 9.44 -40.46
C VAL A 244 -0.97 10.54 -40.97
N TRP A 245 0.20 10.18 -41.50
CA TRP A 245 1.18 11.20 -41.88
C TRP A 245 1.17 11.56 -43.36
N SER A 246 0.71 10.69 -44.25
CA SER A 246 0.79 11.00 -45.69
C SER A 246 -0.31 11.96 -46.09
N GLY A 247 0.08 13.11 -46.65
CA GLY A 247 -0.87 14.10 -47.14
C GLY A 247 -1.50 14.96 -46.07
N THR A 248 -1.02 14.91 -44.83
CA THR A 248 -1.55 15.73 -43.75
C THR A 248 -0.57 16.84 -43.38
N ASP A 249 -1.14 17.95 -42.91
CA ASP A 249 -0.36 19.12 -42.52
C ASP A 249 0.04 19.12 -41.06
N ALA A 250 -0.68 18.37 -40.22
CA ALA A 250 -0.39 18.29 -38.80
C ALA A 250 -0.82 16.90 -38.34
N GLN A 251 -0.13 16.38 -37.32
CA GLN A 251 -0.44 15.06 -36.81
C GLN A 251 -0.51 15.13 -35.30
N TYR A 252 -1.58 14.57 -34.75
CA TYR A 252 -1.79 14.51 -33.31
C TYR A 252 -1.53 13.08 -32.87
N LEU A 253 -0.63 12.90 -31.90
CA LEU A 253 -0.23 11.60 -31.39
C LEU A 253 -0.60 11.51 -29.91
N GLY A 254 -1.44 10.53 -29.57
CA GLY A 254 -1.95 10.41 -28.21
C GLY A 254 -1.75 9.03 -27.62
N PHE A 255 -1.52 9.00 -26.31
CA PHE A 255 -1.22 7.77 -25.59
C PHE A 255 -2.15 7.62 -24.38
N ASN A 256 -2.85 6.49 -24.31
CA ASN A 256 -3.33 5.95 -23.04
C ASN A 256 -2.46 4.72 -22.81
N PHE A 257 -1.65 4.77 -21.77
CA PHE A 257 -0.69 3.69 -21.65
C PHE A 257 -1.30 2.40 -21.18
N ASN A 258 -2.64 2.32 -21.04
CA ASN A 258 -3.22 0.98 -20.94
C ASN A 258 -3.15 0.23 -22.28
N VAL A 259 -2.60 0.86 -23.34
CA VAL A 259 -2.20 0.09 -24.53
C VAL A 259 -1.14 -0.93 -24.16
N MET A 260 -0.31 -0.62 -23.16
CA MET A 260 0.75 -1.50 -22.74
C MET A 260 0.19 -2.65 -21.91
N ASP A 261 0.86 -3.80 -21.99
CA ASP A 261 0.56 -4.90 -21.10
C ASP A 261 0.58 -4.42 -19.65
N SER A 262 -0.38 -4.92 -18.87
CA SER A 262 -0.50 -4.52 -17.47
C SER A 262 0.82 -4.64 -16.74
N SER A 263 1.64 -5.66 -17.07
CA SER A 263 2.90 -5.86 -16.38
C SER A 263 3.82 -4.64 -16.50
N THR A 264 3.72 -3.90 -17.60
CA THR A 264 4.59 -2.75 -17.76
C THR A 264 3.86 -1.42 -17.63
N ALA A 265 2.55 -1.44 -17.42
CA ALA A 265 1.78 -0.23 -17.10
C ALA A 265 0.73 -0.58 -16.07
N PRO A 266 1.15 -0.91 -14.83
CA PRO A 266 0.17 -1.13 -13.78
C PRO A 266 -0.53 0.14 -13.34
N GLY A 267 0.22 1.23 -13.20
CA GLY A 267 -0.31 2.49 -12.69
C GLY A 267 -1.03 3.35 -13.70
N VAL A 268 -2.15 2.85 -14.23
CA VAL A 268 -2.99 3.60 -15.15
C VAL A 268 -4.42 3.48 -14.64
N THR A 269 -5.30 4.34 -15.14
CA THR A 269 -6.67 4.38 -14.62
C THR A 269 -7.37 3.05 -14.82
N SER A 270 -7.14 2.40 -15.95
CA SER A 270 -7.84 1.16 -16.31
C SER A 270 -6.83 0.24 -16.99
N THR A 271 -6.07 -0.52 -16.18
CA THR A 271 -4.99 -1.36 -16.70
C THR A 271 -5.56 -2.56 -17.44
N GLU A 272 -4.80 -3.05 -18.45
CA GLU A 272 -5.33 -4.07 -19.35
C GLU A 272 -4.29 -5.13 -19.68
N PRO A 273 -4.58 -6.39 -19.39
CA PRO A 273 -3.67 -7.47 -19.77
C PRO A 273 -3.65 -7.71 -21.26
N GLY A 274 -2.56 -8.33 -21.70
CA GLY A 274 -2.45 -8.77 -23.09
C GLY A 274 -2.15 -7.66 -24.06
N GLY A 275 -1.33 -6.68 -23.68
CA GLY A 275 -1.00 -5.55 -24.52
C GLY A 275 0.44 -5.52 -25.00
N LEU A 276 0.85 -4.34 -25.48
CA LEU A 276 2.21 -4.15 -25.96
C LEU A 276 3.23 -4.25 -24.83
N GLU A 277 4.37 -4.86 -25.11
CA GLU A 277 5.49 -4.86 -24.18
CA GLU A 277 5.48 -4.85 -24.17
C GLU A 277 6.43 -3.70 -24.48
N SER A 278 7.32 -3.41 -23.52
CA SER A 278 8.09 -2.16 -23.58
C SER A 278 8.97 -2.10 -24.81
N ARG A 279 9.69 -3.18 -25.12
CA ARG A 279 10.56 -3.15 -26.29
C ARG A 279 9.75 -2.94 -27.56
N GLU A 280 8.49 -3.39 -27.59
CA GLU A 280 7.67 -3.22 -28.79
C GLU A 280 7.26 -1.75 -28.96
N MET A 281 6.87 -1.08 -27.88
CA MET A 281 6.54 0.32 -28.01
C MET A 281 7.75 1.13 -28.45
N MET A 282 8.96 0.74 -28.03
CA MET A 282 10.15 1.49 -28.43
C MET A 282 10.39 1.40 -29.94
N ARG A 283 10.14 0.24 -30.53
CA ARG A 283 10.31 0.15 -31.97
C ARG A 283 9.24 0.97 -32.67
N ILE A 284 8.01 0.94 -32.14
CA ILE A 284 6.94 1.76 -32.72
C ILE A 284 7.31 3.24 -32.63
N VAL A 285 7.90 3.65 -31.50
CA VAL A 285 8.37 5.03 -31.35
C VAL A 285 9.37 5.39 -32.45
N ASP A 286 10.32 4.49 -32.74
CA ASP A 286 11.28 4.76 -33.81
C ASP A 286 10.61 4.81 -35.16
N MET A 287 9.59 3.96 -35.37
CA MET A 287 8.86 3.98 -36.64
C MET A 287 8.14 5.31 -36.82
N ILE A 288 7.54 5.83 -35.74
CA ILE A 288 6.87 7.13 -35.82
C ILE A 288 7.87 8.23 -36.16
N ALA A 289 8.99 8.26 -35.44
CA ALA A 289 9.97 9.35 -35.62
C ALA A 289 10.55 9.39 -37.03
N LYS A 290 10.53 8.28 -37.76
CA LYS A 290 11.03 8.31 -39.13
C LYS A 290 10.21 9.25 -40.01
N ARG A 291 8.98 9.58 -39.61
CA ARG A 291 8.19 10.55 -40.34
C ARG A 291 8.63 11.98 -40.08
N GLY A 292 9.55 12.19 -39.15
CA GLY A 292 10.21 13.48 -39.05
C GLY A 292 9.34 14.60 -38.54
N GLY A 293 8.34 14.31 -37.71
CA GLY A 293 7.56 15.39 -37.14
C GLY A 293 6.25 14.99 -36.48
N VAL A 294 5.80 15.82 -35.55
CA VAL A 294 4.52 15.62 -34.88
C VAL A 294 4.08 17.00 -34.38
N SER A 295 2.76 17.22 -34.31
CA SER A 295 2.24 18.54 -33.96
C SER A 295 1.82 18.66 -32.50
N VAL A 296 1.22 17.61 -31.94
CA VAL A 296 0.85 17.55 -30.53
C VAL A 296 1.12 16.15 -30.03
N ILE A 297 1.63 16.03 -28.81
CA ILE A 297 1.80 14.76 -28.13
C ILE A 297 1.00 14.83 -26.84
N ASP A 298 0.13 13.84 -26.59
CA ASP A 298 -0.54 13.78 -25.31
C ASP A 298 -0.35 12.41 -24.67
N LEU A 299 -0.48 12.39 -23.35
CA LEU A 299 -0.57 11.16 -22.58
C LEU A 299 -1.54 11.41 -21.45
N THR A 300 -2.51 10.52 -21.30
CA THR A 300 -3.52 10.64 -20.26
C THR A 300 -3.65 9.32 -19.53
N GLU A 301 -4.35 9.39 -18.39
CA GLU A 301 -4.82 8.25 -17.60
C GLU A 301 -3.71 7.48 -16.92
N LEU A 302 -2.52 8.06 -16.77
CA LEU A 302 -1.58 7.54 -15.79
C LEU A 302 -2.24 7.72 -14.42
N CYS A 303 -2.03 6.75 -13.52
CA CYS A 303 -2.74 6.71 -12.25
C CYS A 303 -1.79 6.27 -11.14
N PRO A 304 -1.06 7.21 -10.55
CA PRO A 304 0.03 6.83 -9.62
C PRO A 304 -0.39 5.99 -8.42
N ILE A 305 -1.64 6.14 -7.92
CA ILE A 305 -2.03 5.36 -6.74
C ILE A 305 -2.04 3.85 -7.06
N PHE A 306 -2.21 3.48 -8.32
CA PHE A 306 -2.13 2.07 -8.73
C PHE A 306 -0.74 1.63 -9.22
N ASP A 307 0.28 2.48 -9.16
CA ASP A 307 1.53 2.09 -9.80
C ASP A 307 2.33 1.16 -8.89
N ILE A 308 3.24 0.40 -9.50
CA ILE A 308 4.10 -0.50 -8.76
C ILE A 308 5.51 0.01 -8.95
N SER A 309 6.08 0.59 -7.89
CA SER A 309 7.43 1.14 -7.92
C SER A 309 7.62 2.11 -9.09
N GLY A 310 6.57 2.86 -9.43
CA GLY A 310 6.58 3.79 -10.53
C GLY A 310 6.75 3.17 -11.92
N THR A 311 6.37 1.90 -12.09
CA THR A 311 6.68 1.19 -13.33
C THR A 311 6.03 1.85 -14.53
N ALA A 312 4.73 2.15 -14.43
CA ALA A 312 4.00 2.76 -15.54
C ALA A 312 4.48 4.18 -15.81
N ALA A 313 4.69 4.96 -14.75
CA ALA A 313 5.18 6.32 -14.95
C ALA A 313 6.55 6.31 -15.61
N ARG A 314 7.40 5.34 -15.25
CA ARG A 314 8.72 5.25 -15.87
C ARG A 314 8.62 4.83 -17.33
N LEU A 315 7.72 3.90 -17.64
CA LEU A 315 7.55 3.48 -19.03
C LEU A 315 7.12 4.67 -19.87
N ALA A 316 6.11 5.41 -19.40
CA ALA A 316 5.66 6.59 -20.14
C ALA A 316 6.80 7.60 -20.32
N ALA A 317 7.60 7.83 -19.27
CA ALA A 317 8.70 8.77 -19.37
C ALA A 317 9.71 8.34 -20.44
N CYS A 318 10.07 7.06 -20.45
CA CYS A 318 11.03 6.60 -21.46
C CYS A 318 10.44 6.67 -22.86
N VAL A 319 9.14 6.38 -23.02
CA VAL A 319 8.52 6.48 -24.33
C VAL A 319 8.60 7.91 -24.85
N ILE A 320 8.23 8.87 -24.01
CA ILE A 320 8.21 10.28 -24.40
C ILE A 320 9.63 10.78 -24.67
N MET A 321 10.59 10.45 -23.80
CA MET A 321 11.95 10.95 -24.01
C MET A 321 12.61 10.29 -25.22
N ARG A 322 12.40 8.98 -25.40
CA ARG A 322 12.94 8.32 -26.59
C ARG A 322 12.29 8.85 -27.86
N LEU A 323 11.03 9.26 -27.80
CA LEU A 323 10.39 9.85 -28.97
C LEU A 323 11.07 11.16 -29.36
N MET A 324 11.32 12.03 -28.38
CA MET A 324 12.07 13.26 -28.63
C MET A 324 13.48 12.94 -29.15
N ALA A 325 14.15 11.99 -28.49
CA ALA A 325 15.50 11.63 -28.93
C ALA A 325 15.46 11.03 -30.33
N SER A 326 14.48 10.18 -30.62
CA SER A 326 14.41 9.54 -31.93
C SER A 326 14.10 10.57 -33.03
N LEU A 327 13.21 11.53 -32.73
CA LEU A 327 12.93 12.61 -33.67
C LEU A 327 14.19 13.46 -33.93
N ALA A 328 14.96 13.74 -32.89
CA ALA A 328 16.17 14.54 -33.07
C ALA A 328 17.20 13.79 -33.91
N ALA A 329 17.37 12.49 -33.70
CA ALA A 329 18.29 11.70 -34.51
C ALA A 329 17.83 11.68 -35.96
N GLN A 330 16.53 11.54 -36.19
CA GLN A 330 16.00 11.58 -37.55
C GLN A 330 16.23 12.94 -38.19
N ASP A 331 16.18 14.01 -37.40
CA ASP A 331 16.42 15.36 -37.90
C ASP A 331 17.91 15.66 -38.09
N GLY A 332 18.81 14.75 -37.71
CA GLY A 332 20.23 15.01 -37.72
C GLY A 332 20.74 15.86 -36.58
N ASP A 333 19.90 16.18 -35.60
CA ASP A 333 20.28 17.03 -34.47
C ASP A 333 21.01 16.18 -33.42
N VAL A 334 22.21 15.77 -33.78
CA VAL A 334 23.03 14.90 -32.96
C VAL A 334 24.16 15.72 -32.34
N ILE A 335 24.92 15.07 -31.45
CA ILE A 335 26.01 15.70 -30.74
C ILE A 335 27.32 15.44 -31.47
N ASP A 336 28.27 16.36 -31.32
CA ASP A 336 29.61 16.19 -31.88
C ASP A 336 30.29 15.03 -31.19
N ASP A 337 30.65 13.99 -31.94
CA ASP A 337 31.32 12.83 -31.34
C ASP A 337 32.66 13.22 -30.72
N LYS A 338 33.32 14.25 -31.24
CA LYS A 338 34.65 14.61 -30.79
C LYS A 338 34.66 15.34 -29.46
N LEU A 339 33.50 15.78 -28.97
CA LEU A 339 33.42 16.41 -27.66
C LEU A 339 33.95 15.47 -26.57
N ARG A 340 34.78 16.00 -25.69
CA ARG A 340 35.38 15.25 -24.59
C ARG A 340 35.25 16.05 -23.31
N ARG A 341 35.41 15.37 -22.17
CA ARG A 341 35.40 16.04 -20.88
C ARG A 341 36.48 17.12 -20.80
N THR B 27 -45.12 -7.80 -4.21
CA THR B 27 -45.10 -7.11 -2.93
C THR B 27 -43.79 -7.46 -2.19
N ALA B 28 -43.11 -6.44 -1.65
CA ALA B 28 -41.76 -6.63 -1.12
C ALA B 28 -41.79 -7.24 0.28
N LYS B 29 -40.84 -8.15 0.52
CA LYS B 29 -40.67 -8.79 1.82
C LYS B 29 -39.26 -8.53 2.34
N TRP B 30 -39.17 -8.22 3.63
CA TRP B 30 -37.92 -7.95 4.32
C TRP B 30 -37.36 -9.30 4.80
N GLN B 31 -36.39 -9.83 4.05
CA GLN B 31 -35.85 -11.17 4.28
C GLN B 31 -34.34 -11.14 4.14
N PHE B 32 -33.62 -11.75 5.08
CA PHE B 32 -32.17 -11.89 4.98
C PHE B 32 -31.77 -13.25 5.54
N THR B 33 -30.63 -13.76 5.06
CA THR B 33 -30.09 -15.03 5.56
C THR B 33 -29.10 -14.72 6.66
N PRO B 34 -29.26 -15.27 7.86
CA PRO B 34 -28.24 -15.05 8.90
C PRO B 34 -26.90 -15.60 8.44
N HIS B 35 -25.86 -14.77 8.60
CA HIS B 35 -24.48 -15.10 8.21
C HIS B 35 -24.37 -15.41 6.71
N GLN B 36 -25.23 -14.75 5.94
CA GLN B 36 -25.17 -14.54 4.49
C GLN B 36 -25.45 -15.76 3.63
N HIS B 37 -24.71 -16.86 3.84
CA HIS B 37 -24.63 -17.91 2.83
C HIS B 37 -25.89 -18.75 2.76
N ARG B 38 -26.37 -18.98 1.54
CA ARG B 38 -27.45 -19.92 1.25
C ARG B 38 -26.84 -21.23 0.74
N GLY B 39 -27.62 -22.03 0.03
CA GLY B 39 -27.15 -23.33 -0.39
C GLY B 39 -27.25 -24.36 0.72
N PRO B 40 -26.55 -25.49 0.54
CA PRO B 40 -26.70 -26.63 1.47
C PRO B 40 -26.41 -26.33 2.93
N ALA B 41 -25.50 -25.42 3.25
CA ALA B 41 -25.16 -25.11 4.64
C ALA B 41 -25.83 -23.81 5.14
N GLU B 42 -26.99 -23.45 4.59
CA GLU B 42 -27.64 -22.21 5.02
C GLU B 42 -28.15 -22.34 6.45
N GLN B 43 -27.98 -21.27 7.23
CA GLN B 43 -28.59 -21.19 8.56
C GLN B 43 -29.95 -20.50 8.46
N PHE B 44 -30.86 -20.88 9.35
CA PHE B 44 -32.25 -20.43 9.30
C PHE B 44 -32.80 -19.86 10.62
N GLY B 45 -32.06 -19.94 11.73
CA GLY B 45 -32.58 -19.46 13.00
C GLY B 45 -32.95 -17.98 12.94
N GLU B 46 -34.11 -17.65 13.53
CA GLU B 46 -34.62 -16.28 13.47
CA GLU B 46 -34.62 -16.28 13.47
C GLU B 46 -33.66 -15.27 14.08
N ASN B 47 -32.89 -15.68 15.10
CA ASN B 47 -31.93 -14.80 15.74
C ASN B 47 -30.48 -15.18 15.47
N ASP B 48 -30.21 -16.09 14.52
CA ASP B 48 -28.85 -16.58 14.32
C ASP B 48 -27.85 -15.44 14.05
N HIS B 49 -28.34 -14.32 13.49
CA HIS B 49 -27.45 -13.22 13.11
C HIS B 49 -26.84 -12.49 14.32
N ILE B 50 -27.39 -12.65 15.53
CA ILE B 50 -26.80 -12.02 16.71
C ILE B 50 -25.92 -12.95 17.49
N TYR B 51 -25.78 -14.22 17.05
CA TYR B 51 -24.99 -15.21 17.75
C TYR B 51 -23.81 -15.62 16.88
N SER B 52 -22.75 -16.15 17.53
CA SER B 52 -21.66 -16.81 16.84
C SER B 52 -22.22 -17.69 15.72
N PRO B 53 -21.65 -17.67 14.53
CA PRO B 53 -22.18 -18.53 13.47
C PRO B 53 -22.03 -20.01 13.83
N LYS B 54 -22.94 -20.82 13.31
CA LYS B 54 -23.09 -22.21 13.74
C LYS B 54 -22.59 -23.23 12.73
N LEU B 55 -22.94 -23.06 11.45
CA LEU B 55 -22.58 -24.04 10.44
C LEU B 55 -21.35 -23.68 9.66
N HIS B 56 -20.85 -22.45 9.80
CA HIS B 56 -19.77 -21.95 8.96
C HIS B 56 -19.33 -20.59 9.52
N ASN B 57 -18.42 -19.95 8.80
CA ASN B 57 -17.78 -18.71 9.27
C ASN B 57 -18.53 -17.45 8.86
N GLY B 58 -19.66 -17.55 8.16
CA GLY B 58 -20.29 -16.34 7.67
C GLY B 58 -19.37 -15.56 6.75
N SER B 59 -19.37 -14.23 6.91
CA SER B 59 -18.53 -13.39 6.05
C SER B 59 -17.41 -12.69 6.80
N PHE B 60 -17.01 -13.22 7.96
CA PHE B 60 -15.99 -12.58 8.78
C PHE B 60 -14.61 -12.60 8.16
N LYS B 61 -14.36 -13.56 7.26
CA LYS B 61 -13.08 -13.63 6.58
C LYS B 61 -13.20 -13.23 5.11
N SER B 62 -14.20 -13.78 4.42
CA SER B 62 -14.42 -13.50 3.00
C SER B 62 -15.80 -12.85 2.88
N ARG B 63 -15.83 -11.63 2.32
N ARG B 63 -15.83 -11.64 2.30
CA ARG B 63 -17.06 -10.84 2.40
CA ARG B 63 -17.04 -10.84 2.40
C ARG B 63 -18.20 -11.40 1.55
C ARG B 63 -18.18 -11.36 1.53
N GLY B 64 -17.90 -12.18 0.51
CA GLY B 64 -18.97 -12.69 -0.32
C GLY B 64 -19.75 -11.56 -0.95
N LEU B 65 -21.08 -11.68 -0.94
CA LEU B 65 -21.96 -10.66 -1.51
C LEU B 65 -22.57 -9.82 -0.37
N ALA B 66 -21.77 -9.00 0.27
CA ALA B 66 -22.22 -8.35 1.50
C ALA B 66 -22.99 -7.06 1.21
N THR B 67 -24.12 -6.89 1.87
CA THR B 67 -24.77 -5.59 1.95
C THR B 67 -24.37 -4.93 3.26
N PHE B 68 -24.72 -3.65 3.39
CA PHE B 68 -24.55 -2.96 4.67
C PHE B 68 -25.22 -3.76 5.78
N MET B 69 -24.45 -4.17 6.79
CA MET B 69 -24.96 -4.90 7.95
C MET B 69 -25.52 -6.28 7.60
N GLY B 70 -25.34 -6.76 6.37
CA GLY B 70 -26.05 -7.97 5.97
C GLY B 70 -27.55 -7.77 5.81
N ALA B 71 -28.00 -6.52 5.80
CA ALA B 71 -29.43 -6.18 5.72
C ALA B 71 -30.02 -6.56 4.35
N PRO B 72 -31.32 -6.79 4.27
CA PRO B 72 -31.95 -6.96 2.96
C PRO B 72 -31.70 -5.75 2.05
N TYR B 73 -31.46 -6.04 0.76
CA TYR B 73 -31.50 -4.99 -0.25
C TYR B 73 -32.94 -4.56 -0.49
N CYS B 74 -33.16 -3.26 -0.63
CA CYS B 74 -34.49 -2.75 -0.97
C CYS B 74 -34.27 -1.60 -1.96
N PRO B 75 -34.94 -1.60 -3.11
CA PRO B 75 -34.78 -0.48 -4.05
C PRO B 75 -35.27 0.80 -3.40
N PRO B 76 -34.60 1.94 -3.70
CA PRO B 76 -35.07 3.21 -3.17
C PRO B 76 -36.37 3.59 -3.87
N ASP B 77 -37.45 3.05 -3.30
CA ASP B 77 -38.80 3.06 -3.84
C ASP B 77 -39.73 3.17 -2.64
N ARG B 78 -40.48 4.26 -2.53
CA ARG B 78 -41.31 4.47 -1.35
C ARG B 78 -42.26 3.30 -1.09
N HIS B 79 -42.81 2.70 -2.15
CA HIS B 79 -43.79 1.63 -1.94
C HIS B 79 -43.13 0.35 -1.44
N LYS B 80 -41.97 0.00 -2.00
CA LYS B 80 -41.25 -1.19 -1.52
C LYS B 80 -40.73 -1.00 -0.10
N ILE B 81 -40.16 0.17 0.19
CA ILE B 81 -39.65 0.45 1.53
C ILE B 81 -40.76 0.33 2.57
N ARG B 82 -41.96 0.83 2.22
N ARG B 82 -41.96 0.85 2.24
CA ARG B 82 -43.06 0.78 3.17
CA ARG B 82 -43.05 0.76 3.21
C ARG B 82 -43.61 -0.63 3.30
C ARG B 82 -43.57 -0.66 3.32
N GLU B 83 -43.68 -1.39 2.20
CA GLU B 83 -44.07 -2.79 2.26
C GLU B 83 -43.12 -3.60 3.14
N MET B 84 -41.82 -3.31 3.08
CA MET B 84 -40.90 -4.02 3.96
C MET B 84 -41.00 -3.58 5.42
N GLY B 85 -41.63 -2.44 5.68
CA GLY B 85 -41.67 -1.91 7.03
C GLY B 85 -40.32 -1.41 7.53
N ALA B 86 -39.41 -1.06 6.62
CA ALA B 86 -38.09 -0.59 7.01
C ALA B 86 -38.16 0.79 7.66
N LYS B 87 -37.46 0.95 8.78
CA LYS B 87 -37.41 2.21 9.50
C LYS B 87 -36.06 2.91 9.40
N ILE B 88 -35.04 2.26 8.87
CA ILE B 88 -33.75 2.86 8.56
C ILE B 88 -33.36 2.39 7.15
N CYS B 89 -33.13 3.35 6.25
CA CYS B 89 -32.53 3.06 4.95
C CYS B 89 -31.08 3.50 4.96
N PHE B 90 -30.17 2.57 4.63
CA PHE B 90 -28.80 2.91 4.28
C PHE B 90 -28.74 3.21 2.79
N LEU B 91 -28.30 4.40 2.43
CA LEU B 91 -28.21 4.80 1.03
C LEU B 91 -26.85 5.42 0.79
N ALA B 92 -26.08 4.83 -0.10
CA ALA B 92 -24.78 5.36 -0.46
C ALA B 92 -24.96 6.44 -1.52
N VAL B 93 -24.26 7.55 -1.35
CA VAL B 93 -24.21 8.63 -2.33
C VAL B 93 -22.73 8.81 -2.69
N PRO B 94 -22.17 7.96 -3.55
CA PRO B 94 -20.71 7.99 -3.76
C PRO B 94 -20.21 9.17 -4.59
N TRP B 95 -21.08 10.03 -5.12
CA TRP B 95 -20.68 11.20 -5.89
C TRP B 95 -19.50 11.94 -5.25
N ASP B 96 -18.41 12.06 -6.00
CA ASP B 96 -17.24 12.75 -5.48
C ASP B 96 -16.69 13.74 -6.51
N GLN B 97 -17.53 14.21 -7.41
CA GLN B 97 -17.11 15.21 -8.38
C GLN B 97 -17.85 16.55 -8.17
N GLY B 98 -18.27 16.81 -6.93
CA GLY B 98 -18.64 18.16 -6.50
C GLY B 98 -17.60 18.66 -5.52
N GLN B 99 -16.36 18.23 -5.77
CA GLN B 99 -15.30 18.20 -4.76
C GLN B 99 -14.25 19.25 -5.10
N ILE B 100 -13.92 20.13 -4.15
CA ILE B 100 -12.91 21.14 -4.44
C ILE B 100 -11.51 20.72 -4.03
N VAL B 101 -11.35 19.60 -3.32
CA VAL B 101 -10.00 19.18 -2.91
C VAL B 101 -9.49 18.11 -3.85
N ARG B 102 -9.80 16.84 -3.59
CA ARG B 102 -9.36 15.74 -4.44
C ARG B 102 -10.38 14.59 -4.37
N ALA B 103 -10.51 13.89 -5.50
CA ALA B 103 -11.42 12.75 -5.56
C ALA B 103 -10.90 11.59 -4.72
N GLY B 104 -11.77 10.62 -4.49
CA GLY B 104 -11.45 9.44 -3.71
C GLY B 104 -12.63 8.96 -2.90
N ALA B 105 -13.52 9.89 -2.52
CA ALA B 105 -14.66 9.54 -1.68
C ALA B 105 -15.69 8.66 -2.42
N SER B 106 -15.61 8.56 -3.75
CA SER B 106 -16.45 7.60 -4.47
C SER B 106 -16.19 6.15 -4.05
N GLN B 107 -15.05 5.87 -3.43
CA GLN B 107 -14.73 4.53 -2.97
C GLN B 107 -15.16 4.27 -1.53
N GLY B 108 -15.71 5.27 -0.83
CA GLY B 108 -16.01 5.10 0.60
C GLY B 108 -17.05 4.02 0.88
N ALA B 109 -18.18 4.08 0.18
CA ALA B 109 -19.29 3.17 0.51
C ALA B 109 -18.87 1.70 0.38
N ALA B 110 -18.03 1.36 -0.61
CA ALA B 110 -17.58 -0.03 -0.72
C ALA B 110 -16.72 -0.44 0.48
N GLY B 111 -15.84 0.46 0.94
CA GLY B 111 -15.05 0.15 2.13
C GLY B 111 -15.92 -0.02 3.36
N LEU B 112 -16.95 0.82 3.47
CA LEU B 112 -17.89 0.75 4.60
C LEU B 112 -18.64 -0.59 4.59
N ARG B 113 -19.32 -0.91 3.49
CA ARG B 113 -20.07 -2.16 3.43
C ARG B 113 -19.19 -3.36 3.76
N ASP B 114 -18.01 -3.42 3.13
CA ASP B 114 -17.06 -4.48 3.43
CA ASP B 114 -17.03 -4.46 3.43
C ASP B 114 -16.65 -4.47 4.91
N ALA B 115 -16.51 -3.28 5.52
CA ALA B 115 -16.11 -3.26 6.93
C ALA B 115 -17.20 -3.78 7.88
N THR B 116 -18.49 -3.65 7.52
CA THR B 116 -19.53 -4.20 8.38
C THR B 116 -19.49 -5.74 8.49
N THR B 117 -18.83 -6.46 7.56
CA THR B 117 -18.68 -7.91 7.72
C THR B 117 -17.77 -8.26 8.89
N GLN B 118 -17.05 -7.28 9.44
CA GLN B 118 -16.20 -7.51 10.59
C GLN B 118 -16.95 -7.39 11.92
N TYR B 119 -18.27 -7.22 11.88
CA TYR B 119 -19.06 -7.00 13.07
C TYR B 119 -20.33 -7.84 13.02
N PHE B 120 -20.93 -8.01 14.20
CA PHE B 120 -22.29 -8.50 14.26
C PHE B 120 -23.25 -7.32 14.25
N PRO B 121 -24.50 -7.51 13.86
CA PRO B 121 -25.50 -6.44 14.01
C PRO B 121 -26.03 -6.30 15.43
N TYR B 122 -25.45 -7.00 16.39
CA TYR B 122 -25.86 -6.92 17.79
C TYR B 122 -24.79 -6.15 18.54
N MET B 123 -25.22 -5.18 19.33
CA MET B 123 -24.33 -4.36 20.14
C MET B 123 -24.56 -4.67 21.63
N PHE B 124 -23.59 -5.32 22.26
CA PHE B 124 -23.70 -5.65 23.67
C PHE B 124 -23.65 -4.41 24.55
N GLU B 125 -23.08 -3.31 24.08
CA GLU B 125 -23.02 -2.09 24.89
C GLU B 125 -24.40 -1.48 25.06
N TYR B 126 -25.36 -1.84 24.20
CA TYR B 126 -26.73 -1.36 24.31
C TYR B 126 -27.75 -2.48 24.42
N ASP B 127 -27.34 -3.74 24.28
CA ASP B 127 -28.26 -4.88 24.16
C ASP B 127 -29.31 -4.58 23.09
N VAL B 128 -28.84 -4.36 21.88
CA VAL B 128 -29.75 -4.06 20.78
C VAL B 128 -29.32 -4.87 19.56
N ASP B 129 -30.27 -5.56 18.94
CA ASP B 129 -30.11 -6.11 17.60
C ASP B 129 -30.46 -5.00 16.62
N LEU B 130 -29.45 -4.29 16.11
CA LEU B 130 -29.67 -3.15 15.21
C LEU B 130 -30.53 -3.52 14.01
N LEU B 131 -30.29 -4.70 13.43
CA LEU B 131 -30.91 -5.08 12.17
C LEU B 131 -32.43 -5.23 12.34
N SER B 132 -32.87 -6.06 13.28
CA SER B 132 -34.30 -6.26 13.44
C SER B 132 -34.98 -5.13 14.20
N PHE B 133 -34.24 -4.36 15.02
CA PHE B 133 -34.88 -3.26 15.75
C PHE B 133 -35.40 -2.21 14.78
N PHE B 134 -34.58 -1.87 13.78
CA PHE B 134 -34.92 -0.82 12.83
C PHE B 134 -35.45 -1.36 11.51
N ARG B 135 -35.39 -2.68 11.29
CA ARG B 135 -35.62 -3.27 9.98
C ARG B 135 -34.79 -2.52 8.93
N VAL B 136 -33.49 -2.46 9.19
CA VAL B 136 -32.57 -1.82 8.27
C VAL B 136 -32.70 -2.46 6.90
N VAL B 137 -32.59 -1.64 5.85
CA VAL B 137 -32.40 -2.10 4.48
C VAL B 137 -31.22 -1.35 3.87
N ASP B 138 -30.56 -2.01 2.92
CA ASP B 138 -29.54 -1.37 2.07
C ASP B 138 -30.22 -0.99 0.76
N CYS B 139 -30.28 0.31 0.48
CA CYS B 139 -30.94 0.76 -0.74
C CYS B 139 -29.97 0.92 -1.92
N GLY B 140 -28.75 0.39 -1.83
CA GLY B 140 -27.84 0.51 -2.96
C GLY B 140 -27.12 1.85 -2.99
N ASP B 141 -26.75 2.28 -4.20
CA ASP B 141 -26.06 3.54 -4.44
C ASP B 141 -26.96 4.48 -5.24
N VAL B 142 -26.82 5.78 -4.99
CA VAL B 142 -27.41 6.75 -5.89
C VAL B 142 -26.58 6.81 -7.17
N PRO B 143 -27.19 6.72 -8.35
CA PRO B 143 -26.43 6.84 -9.60
C PRO B 143 -25.84 8.24 -9.76
N THR B 144 -24.75 8.32 -10.55
CA THR B 144 -24.08 9.59 -10.81
C THR B 144 -24.02 9.84 -12.31
N VAL B 145 -23.89 11.12 -12.64
CA VAL B 145 -23.61 11.57 -14.00
C VAL B 145 -22.26 12.26 -13.97
N PRO B 146 -21.19 11.55 -14.34
CA PRO B 146 -19.84 12.11 -14.21
C PRO B 146 -19.72 13.45 -14.93
N GLY B 147 -19.01 14.38 -14.29
CA GLY B 147 -18.89 15.72 -14.81
C GLY B 147 -20.11 16.62 -14.63
N ASN B 148 -21.23 16.11 -14.10
CA ASN B 148 -22.46 16.89 -14.05
C ASN B 148 -22.94 16.93 -12.60
N ASN B 149 -22.37 17.88 -11.85
CA ASN B 149 -22.72 18.06 -10.44
C ASN B 149 -24.21 18.39 -10.27
N ILE B 150 -24.77 19.21 -11.17
CA ILE B 150 -26.18 19.59 -11.08
C ILE B 150 -27.09 18.36 -11.15
N LYS B 151 -26.87 17.53 -12.17
CA LYS B 151 -27.77 16.40 -12.37
C LYS B 151 -27.56 15.32 -11.33
N SER B 152 -26.30 15.08 -10.93
CA SER B 152 -26.01 14.07 -9.91
C SER B 152 -26.66 14.44 -8.56
N GLN B 153 -26.60 15.72 -8.20
CA GLN B 153 -27.27 16.15 -6.97
C GLN B 153 -28.79 16.03 -7.12
N GLU B 154 -29.33 16.29 -8.32
CA GLU B 154 -30.76 16.09 -8.52
C GLU B 154 -31.15 14.63 -8.29
N TYR B 155 -30.34 13.68 -8.80
CA TYR B 155 -30.59 12.27 -8.51
C TYR B 155 -30.60 11.99 -7.02
N THR B 156 -29.63 12.53 -6.29
CA THR B 156 -29.56 12.30 -4.85
C THR B 156 -30.85 12.77 -4.17
N ALA B 157 -31.34 13.95 -4.52
CA ALA B 157 -32.60 14.44 -3.95
C ALA B 157 -33.77 13.50 -4.27
N ASP B 158 -33.86 13.03 -5.52
CA ASP B 158 -34.93 12.12 -5.92
C ASP B 158 -34.87 10.80 -5.16
N TYR B 159 -33.65 10.28 -4.95
CA TYR B 159 -33.50 8.99 -4.25
C TYR B 159 -33.75 9.15 -2.75
N VAL B 160 -33.18 10.19 -2.14
CA VAL B 160 -33.41 10.39 -0.70
C VAL B 160 -34.90 10.55 -0.44
N THR B 161 -35.60 11.21 -1.35
CA THR B 161 -37.03 11.44 -1.18
C THR B 161 -37.80 10.12 -1.11
N GLU B 162 -37.40 9.11 -1.91
CA GLU B 162 -38.08 7.82 -1.88
C GLU B 162 -37.97 7.15 -0.51
N CYS B 163 -36.79 7.23 0.13
CA CYS B 163 -36.61 6.68 1.48
C CYS B 163 -37.51 7.38 2.49
N LEU B 164 -37.55 8.71 2.46
CA LEU B 164 -38.36 9.47 3.41
C LEU B 164 -39.84 9.16 3.22
N GLU B 165 -40.31 9.20 1.97
CA GLU B 165 -41.69 8.90 1.68
C GLU B 165 -42.06 7.45 1.98
N GLY B 166 -41.07 6.55 2.03
CA GLY B 166 -41.32 5.18 2.44
C GLY B 166 -41.53 4.99 3.92
N GLY B 167 -41.42 6.07 4.70
CA GLY B 167 -41.59 6.02 6.14
C GLY B 167 -40.33 5.76 6.92
N ALA B 168 -39.16 5.85 6.28
CA ALA B 168 -37.91 5.55 6.96
C ALA B 168 -37.12 6.82 7.28
N LYS B 169 -36.31 6.72 8.34
CA LYS B 169 -35.21 7.63 8.57
C LYS B 169 -33.97 7.07 7.85
N VAL B 170 -33.00 7.95 7.57
CA VAL B 170 -32.01 7.66 6.53
C VAL B 170 -30.59 7.83 7.05
N ILE B 171 -29.71 6.93 6.62
CA ILE B 171 -28.26 7.05 6.79
C ILE B 171 -27.64 7.17 5.39
N LEU B 172 -27.07 8.34 5.10
CA LEU B 172 -26.51 8.66 3.80
C LEU B 172 -25.00 8.62 3.88
N PHE B 173 -24.36 7.87 2.98
CA PHE B 173 -22.90 7.69 3.05
C PHE B 173 -22.24 8.19 1.78
N GLY B 174 -21.36 9.19 1.93
CA GLY B 174 -20.76 9.86 0.79
C GLY B 174 -19.53 9.09 0.32
N GLY B 175 -18.92 9.57 -0.77
CA GLY B 175 -19.18 10.79 -1.51
C GLY B 175 -18.64 12.04 -0.81
N ASP B 176 -18.52 13.14 -1.55
CA ASP B 176 -17.97 14.38 -1.00
C ASP B 176 -19.07 15.12 -0.23
N HIS B 177 -18.66 16.23 0.42
CA HIS B 177 -19.57 16.96 1.28
C HIS B 177 -20.55 17.86 0.53
N SER B 178 -20.73 17.68 -0.79
CA SER B 178 -21.87 18.29 -1.44
C SER B 178 -23.17 17.58 -1.05
N LEU B 179 -23.06 16.37 -0.48
CA LEU B 179 -24.21 15.54 -0.11
C LEU B 179 -25.30 16.27 0.67
N PRO B 180 -25.02 17.08 1.70
CA PRO B 180 -26.12 17.76 2.42
C PRO B 180 -26.86 18.78 1.57
N ILE B 181 -26.37 19.16 0.40
CA ILE B 181 -27.12 20.11 -0.40
C ILE B 181 -28.39 19.41 -0.89
N PRO B 182 -28.31 18.35 -1.71
CA PRO B 182 -29.55 17.63 -2.06
C PRO B 182 -30.17 16.90 -0.87
N GLY B 183 -29.35 16.41 0.06
CA GLY B 183 -29.91 15.74 1.23
C GLY B 183 -30.85 16.63 2.03
N ALA B 184 -30.37 17.82 2.43
CA ALA B 184 -31.22 18.70 3.22
C ALA B 184 -32.39 19.28 2.41
N LYS B 185 -32.20 19.48 1.09
CA LYS B 185 -33.33 19.89 0.26
C LYS B 185 -34.44 18.86 0.29
N ALA B 186 -34.08 17.57 0.23
CA ALA B 186 -35.10 16.53 0.26
C ALA B 186 -35.79 16.49 1.62
N LEU B 187 -35.01 16.60 2.69
CA LEU B 187 -35.63 16.65 4.01
C LEU B 187 -36.48 17.90 4.16
N SER B 188 -36.00 19.04 3.61
CA SER B 188 -36.77 20.28 3.72
C SER B 188 -38.12 20.18 3.05
N ARG B 189 -38.15 19.68 1.80
CA ARG B 189 -39.41 19.50 1.10
C ARG B 189 -40.34 18.57 1.87
N PHE B 190 -39.80 17.46 2.37
CA PHE B 190 -40.58 16.47 3.11
C PHE B 190 -41.16 17.06 4.39
N THR B 191 -40.43 17.98 5.04
CA THR B 191 -40.91 18.59 6.28
C THR B 191 -42.04 19.58 6.04
N GLY B 192 -42.20 20.05 4.80
CA GLY B 192 -43.34 20.88 4.43
C GLY B 192 -43.42 22.17 5.24
N SER B 193 -44.56 22.41 5.89
CA SER B 193 -44.69 23.64 6.66
C SER B 193 -44.01 23.57 8.02
N GLY B 194 -43.44 22.43 8.40
CA GLY B 194 -42.71 22.34 9.65
C GLY B 194 -41.34 22.96 9.52
N LYS B 195 -40.56 22.86 10.59
CA LYS B 195 -39.25 23.48 10.65
C LYS B 195 -38.19 22.40 10.71
N MET B 196 -37.05 22.69 10.07
CA MET B 196 -35.95 21.75 10.00
C MET B 196 -34.73 22.38 10.67
N GLY B 197 -34.00 21.58 11.44
CA GLY B 197 -32.72 21.99 11.98
C GLY B 197 -31.60 21.43 11.13
N TYR B 198 -30.38 21.94 11.36
CA TYR B 198 -29.23 21.55 10.54
C TYR B 198 -27.97 21.58 11.40
N LEU B 199 -27.36 20.42 11.57
CA LEU B 199 -26.12 20.27 12.32
C LEU B 199 -25.01 19.80 11.39
N HIS B 200 -23.91 20.53 11.41
CA HIS B 200 -22.79 20.33 10.49
C HIS B 200 -21.55 20.11 11.35
N VAL B 201 -20.96 18.91 11.32
CA VAL B 201 -19.80 18.57 12.16
C VAL B 201 -18.60 18.32 11.24
N ASP B 202 -17.52 19.09 11.45
CA ASP B 202 -16.56 19.22 10.37
C ASP B 202 -15.32 19.94 10.89
N CYS B 203 -14.16 19.59 10.33
CA CYS B 203 -12.99 20.41 10.61
C CYS B 203 -13.11 21.76 9.93
N HIS B 204 -13.89 21.80 8.86
CA HIS B 204 -13.99 22.96 7.97
C HIS B 204 -15.37 23.57 8.06
N LEU B 205 -15.42 24.91 7.97
CA LEU B 205 -16.67 25.63 8.17
C LEU B 205 -17.64 25.46 7.00
N ASP B 206 -17.14 25.08 5.80
CA ASP B 206 -18.00 24.77 4.64
C ASP B 206 -19.12 25.79 4.43
N ALA B 207 -18.74 27.07 4.33
CA ALA B 207 -19.77 28.09 4.16
C ALA B 207 -19.37 29.12 3.11
N GLY B 208 -18.79 28.67 2.00
CA GLY B 208 -18.56 29.56 0.90
C GLY B 208 -19.88 29.96 0.28
N PRO B 209 -20.12 31.26 0.07
CA PRO B 209 -21.34 31.64 -0.66
C PRO B 209 -21.31 31.03 -2.06
N ASP B 210 -20.12 30.97 -2.64
CA ASP B 210 -19.85 30.22 -3.86
C ASP B 210 -18.36 29.95 -3.88
N TRP B 211 -17.97 28.97 -4.67
CA TRP B 211 -16.58 28.63 -4.90
C TRP B 211 -16.33 28.74 -6.40
N ALA B 212 -15.57 29.76 -6.79
CA ALA B 212 -15.36 30.11 -8.21
C ALA B 212 -16.69 30.23 -8.96
N GLY B 213 -17.66 30.89 -8.34
CA GLY B 213 -18.96 31.09 -8.94
C GLY B 213 -19.96 29.97 -8.75
N ASN B 214 -19.54 28.82 -8.22
CA ASN B 214 -20.40 27.65 -8.08
C ASN B 214 -21.02 27.62 -6.69
N LEU B 215 -22.34 27.57 -6.65
CA LEU B 215 -23.07 27.60 -5.40
C LEU B 215 -23.15 26.23 -4.73
N ILE B 216 -22.85 25.14 -5.45
CA ILE B 216 -23.20 23.84 -4.89
C ILE B 216 -22.01 22.87 -4.87
N THR B 217 -20.83 23.35 -4.49
CA THR B 217 -19.71 22.47 -4.25
C THR B 217 -19.77 21.98 -2.79
N ASN B 218 -18.82 21.12 -2.44
CA ASN B 218 -18.76 20.51 -1.13
C ASN B 218 -18.26 21.46 -0.05
N CYS B 219 -18.18 22.77 -0.32
CA CYS B 219 -17.88 23.71 0.75
C CYS B 219 -19.05 24.66 1.01
N SER B 220 -20.28 24.27 0.64
CA SER B 220 -21.43 25.17 0.76
C SER B 220 -22.65 24.50 1.40
N GLY B 221 -22.48 23.39 2.11
CA GLY B 221 -23.63 22.74 2.73
C GLY B 221 -24.41 23.70 3.62
N ALA B 222 -23.71 24.50 4.41
CA ALA B 222 -24.38 25.35 5.39
C ALA B 222 -25.11 26.54 4.75
N PRO B 223 -24.50 27.35 3.86
CA PRO B 223 -25.30 28.42 3.23
C PRO B 223 -26.49 27.90 2.44
N ARG B 224 -26.34 26.77 1.75
CA ARG B 224 -27.47 26.20 1.02
C ARG B 224 -28.55 25.71 1.98
N ALA B 225 -28.18 25.17 3.14
CA ALA B 225 -29.20 24.83 4.14
C ALA B 225 -29.92 26.08 4.65
N LEU B 226 -29.18 27.15 4.95
CA LEU B 226 -29.82 28.38 5.41
C LEU B 226 -30.80 28.94 4.37
N ASP B 227 -30.53 28.71 3.07
CA ASP B 227 -31.43 29.14 2.01
C ASP B 227 -32.77 28.41 2.05
N LEU B 228 -32.83 27.22 2.64
CA LEU B 228 -34.07 26.47 2.66
C LEU B 228 -35.16 27.27 3.36
N PRO B 229 -36.38 27.29 2.81
CA PRO B 229 -37.43 28.15 3.38
C PRO B 229 -37.80 27.80 4.81
N ASN B 230 -37.63 26.54 5.23
CA ASN B 230 -38.02 26.14 6.58
C ASN B 230 -36.85 25.73 7.46
N CYS B 231 -35.64 26.16 7.12
CA CYS B 231 -34.45 25.96 7.95
C CYS B 231 -33.98 27.33 8.40
N ASN B 232 -34.04 27.57 9.71
CA ASN B 232 -33.75 28.87 10.28
C ASN B 232 -32.40 28.87 10.97
N ALA B 233 -31.78 30.04 10.99
CA ALA B 233 -30.44 30.17 11.54
C ALA B 233 -30.37 29.72 13.00
N ARG B 234 -31.42 30.00 13.78
CA ARG B 234 -31.38 29.64 15.20
C ARG B 234 -31.42 28.13 15.42
N ASN B 235 -31.76 27.34 14.40
CA ASN B 235 -31.73 25.88 14.46
C ASN B 235 -30.56 25.31 13.69
N MET B 236 -29.54 26.13 13.37
CA MET B 236 -28.34 25.66 12.69
C MET B 236 -27.14 25.76 13.61
N ALA B 237 -26.15 24.90 13.40
CA ALA B 237 -24.95 24.93 14.22
C ALA B 237 -23.81 24.18 13.54
N HIS B 238 -22.58 24.56 13.89
CA HIS B 238 -21.39 23.93 13.34
C HIS B 238 -20.49 23.52 14.49
N MET B 239 -19.96 22.30 14.46
CA MET B 239 -19.04 21.83 15.50
C MET B 239 -17.80 21.20 14.90
N GLY B 240 -16.65 21.43 15.55
CA GLY B 240 -15.43 20.71 15.25
C GLY B 240 -14.35 21.46 14.51
N SER B 241 -14.58 22.70 14.10
CA SER B 241 -13.65 23.42 13.23
C SER B 241 -12.35 23.76 13.93
N ARG B 242 -11.28 23.88 13.14
CA ARG B 242 -9.96 24.30 13.61
C ARG B 242 -9.09 24.44 12.38
N ASN B 243 -7.92 25.05 12.58
CA ASN B 243 -6.87 25.17 11.57
C ASN B 243 -7.29 26.04 10.38
N SER B 244 -6.41 26.18 9.39
CA SER B 244 -6.53 27.30 8.46
C SER B 244 -6.97 26.90 7.05
N LEU B 245 -7.54 25.71 6.86
CA LEU B 245 -8.28 25.45 5.62
C LEU B 245 -9.71 25.93 5.85
N ASN B 246 -9.82 27.24 6.03
CA ASN B 246 -11.07 27.88 6.41
C ASN B 246 -11.02 29.35 6.01
N PRO B 247 -11.28 29.68 4.75
CA PRO B 247 -11.24 31.08 4.32
C PRO B 247 -12.24 31.94 5.08
N LYS B 248 -11.92 33.24 5.16
CA LYS B 248 -12.65 34.18 6.02
C LYS B 248 -14.14 34.24 5.71
N ASP B 249 -14.52 34.13 4.43
CA ASP B 249 -15.95 34.19 4.12
C ASP B 249 -16.72 33.02 4.76
N TRP B 250 -16.05 31.86 4.95
CA TRP B 250 -16.72 30.75 5.63
C TRP B 250 -17.01 31.10 7.09
N TRP B 251 -16.10 31.81 7.76
CA TRP B 251 -16.34 32.24 9.14
C TRP B 251 -17.32 33.39 9.18
N ASP B 252 -17.21 34.35 8.24
CA ASP B 252 -18.11 35.48 8.18
C ASP B 252 -19.57 35.04 8.07
N PHE B 253 -19.82 33.93 7.36
CA PHE B 253 -21.18 33.42 7.23
C PHE B 253 -21.84 33.18 8.59
N TYR B 254 -21.12 32.55 9.51
CA TYR B 254 -21.72 32.25 10.81
C TYR B 254 -21.88 33.50 11.66
N VAL B 255 -20.90 34.42 11.61
CA VAL B 255 -21.02 35.68 12.34
C VAL B 255 -22.19 36.50 11.80
N ASP B 256 -22.30 36.63 10.48
CA ASP B 256 -23.29 37.53 9.89
C ASP B 256 -24.71 37.01 10.08
N ASN B 257 -24.89 35.69 10.16
CA ASN B 257 -26.21 35.09 10.33
C ASN B 257 -26.46 34.58 11.75
N GLU B 258 -25.54 34.83 12.68
CA GLU B 258 -25.72 34.45 14.10
C GLU B 258 -25.95 32.96 14.28
N ILE B 259 -25.16 32.15 13.59
CA ILE B 259 -25.24 30.70 13.70
C ILE B 259 -24.12 30.25 14.64
N ARG B 260 -24.47 29.50 15.68
CA ARG B 260 -23.47 29.15 16.67
C ARG B 260 -22.43 28.20 16.07
N VAL B 261 -21.15 28.53 16.29
CA VAL B 261 -20.03 27.67 15.95
C VAL B 261 -19.38 27.23 17.25
N VAL B 262 -19.13 25.94 17.38
CA VAL B 262 -18.37 25.40 18.50
C VAL B 262 -17.11 24.80 17.90
N THR B 263 -15.99 25.53 18.03
CA THR B 263 -14.72 25.07 17.47
C THR B 263 -14.20 23.88 18.29
N MET B 264 -13.32 23.10 17.68
CA MET B 264 -12.69 22.01 18.43
C MET B 264 -12.02 22.49 19.72
N PRO B 265 -11.28 23.61 19.75
CA PRO B 265 -10.75 24.10 21.03
C PRO B 265 -11.81 24.31 22.09
N GLU B 266 -13.00 24.79 21.72
CA GLU B 266 -14.06 24.98 22.70
C GLU B 266 -14.58 23.64 23.20
N MET B 267 -14.76 22.70 22.28
CA MET B 267 -15.15 21.34 22.65
C MET B 267 -14.18 20.75 23.64
N ILE B 268 -12.88 20.95 23.41
CA ILE B 268 -11.87 20.41 24.32
C ILE B 268 -11.95 21.14 25.67
N GLU B 269 -12.04 22.47 25.65
CA GLU B 269 -12.02 23.22 26.91
C GLU B 269 -13.24 22.91 27.77
N ARG B 270 -14.44 22.88 27.17
CA ARG B 270 -15.68 22.77 27.91
C ARG B 270 -16.17 21.34 28.04
N GLY B 271 -15.70 20.44 27.20
CA GLY B 271 -16.10 19.05 27.30
C GLY B 271 -17.08 18.74 26.19
N LEU B 272 -16.90 17.57 25.57
CA LEU B 272 -17.71 17.20 24.43
C LEU B 272 -19.17 17.10 24.79
N GLU B 273 -19.47 16.42 25.90
CA GLU B 273 -20.86 16.18 26.28
C GLU B 273 -21.62 17.47 26.50
N VAL B 274 -21.05 18.37 27.30
CA VAL B 274 -21.69 19.67 27.52
C VAL B 274 -21.95 20.36 26.18
N CYS B 275 -20.91 20.44 25.33
CA CYS B 275 -21.07 21.12 24.05
C CYS B 275 -22.11 20.41 23.18
N ALA B 276 -21.99 19.09 23.04
CA ALA B 276 -22.88 18.39 22.13
C ALA B 276 -24.33 18.49 22.56
N ASN B 277 -24.59 18.31 23.87
CA ASN B 277 -25.96 18.41 24.38
C ASN B 277 -26.54 19.80 24.15
N GLU B 278 -25.76 20.85 24.42
CA GLU B 278 -26.23 22.20 24.11
C GLU B 278 -26.57 22.35 22.64
N ILE B 279 -25.73 21.79 21.76
CA ILE B 279 -25.94 21.99 20.34
C ILE B 279 -27.15 21.20 19.84
N PHE B 280 -27.32 19.95 20.30
CA PHE B 280 -28.49 19.19 19.86
C PHE B 280 -29.78 19.83 20.37
N GLU B 281 -29.77 20.41 21.58
CA GLU B 281 -30.95 21.14 22.05
C GLU B 281 -31.27 22.33 21.14
N ARG B 282 -30.24 23.06 20.71
CA ARG B 282 -30.45 24.23 19.84
C ARG B 282 -31.05 23.84 18.48
N VAL B 283 -30.44 22.88 17.79
CA VAL B 283 -30.89 22.57 16.44
C VAL B 283 -32.23 21.84 16.45
N LYS B 284 -32.65 21.27 17.58
CA LYS B 284 -33.92 20.56 17.65
C LYS B 284 -35.03 21.39 18.27
N LYS B 285 -34.72 22.54 18.85
CA LYS B 285 -35.72 23.34 19.54
C LYS B 285 -36.80 23.82 18.57
N ASP B 286 -38.03 23.35 18.80
CA ASP B 286 -39.20 23.72 18.01
C ASP B 286 -39.08 23.29 16.55
N THR B 287 -38.30 22.26 16.25
CA THR B 287 -38.22 21.77 14.89
C THR B 287 -38.97 20.45 14.79
N ASP B 288 -39.38 20.13 13.57
CA ASP B 288 -40.02 18.87 13.28
C ASP B 288 -39.06 17.83 12.72
N SER B 289 -37.90 18.26 12.25
CA SER B 289 -36.92 17.31 11.74
C SER B 289 -35.55 17.95 11.84
N LEU B 290 -34.53 17.10 11.71
CA LEU B 290 -33.14 17.49 11.88
C LEU B 290 -32.28 16.80 10.84
N TYR B 291 -31.44 17.58 10.16
CA TYR B 291 -30.42 17.06 9.25
C TYR B 291 -29.06 17.15 9.95
N PHE B 292 -28.36 16.03 10.03
CA PHE B 292 -27.08 15.96 10.72
C PHE B 292 -26.04 15.50 9.70
N THR B 293 -25.16 16.39 9.28
CA THR B 293 -24.08 16.04 8.36
C THR B 293 -22.76 16.00 9.12
N TRP B 294 -21.99 14.92 8.90
CA TRP B 294 -20.79 14.63 9.67
C TRP B 294 -19.63 14.34 8.73
N ASP B 295 -18.69 15.27 8.64
CA ASP B 295 -17.51 15.06 7.80
C ASP B 295 -16.47 14.26 8.57
N THR B 296 -15.94 13.20 7.94
CA THR B 296 -14.96 12.39 8.66
C THR B 296 -13.71 13.18 9.04
N ASP B 297 -13.41 14.30 8.39
CA ASP B 297 -12.20 14.99 8.84
C ASP B 297 -12.39 15.81 10.13
N SER B 298 -13.60 15.82 10.69
CA SER B 298 -13.71 16.30 12.06
C SER B 298 -12.92 15.41 13.00
N ILE B 299 -12.69 14.16 12.59
CA ILE B 299 -11.95 13.19 13.38
C ILE B 299 -10.46 13.42 13.21
N ASP B 300 -9.72 13.30 14.30
CA ASP B 300 -8.27 13.54 14.21
C ASP B 300 -7.62 12.61 13.20
N ILE B 301 -6.66 13.17 12.45
CA ILE B 301 -5.96 12.42 11.40
C ILE B 301 -5.33 11.13 11.94
N SER B 302 -4.94 11.10 13.22
CA SER B 302 -4.39 9.86 13.78
C SER B 302 -5.39 8.72 13.73
N CYS B 303 -6.69 9.01 13.83
CA CYS B 303 -7.75 8.00 13.75
C CYS B 303 -8.40 7.89 12.38
N MET B 304 -8.14 8.83 11.47
CA MET B 304 -8.90 8.97 10.23
C MET B 304 -7.96 9.49 9.14
N PRO B 305 -6.96 8.69 8.74
CA PRO B 305 -6.11 9.13 7.62
C PRO B 305 -6.82 9.10 6.27
N ALA B 306 -7.92 8.36 6.12
CA ALA B 306 -8.55 8.16 4.80
C ALA B 306 -9.52 9.31 4.50
N ASN B 307 -8.94 10.45 4.20
N ASN B 307 -8.98 10.47 4.21
CA ASN B 307 -9.69 11.67 3.94
CA ASN B 307 -9.84 11.60 3.91
C ASN B 307 -9.12 12.38 2.74
C ASN B 307 -9.16 12.47 2.87
N SER B 308 -9.98 13.11 2.04
CA SER B 308 -9.48 14.08 1.06
C SER B 308 -8.66 15.16 1.74
N ALA B 309 -9.03 15.52 2.97
CA ALA B 309 -8.42 16.65 3.68
C ALA B 309 -8.29 16.29 5.15
N PRO B 310 -7.44 15.32 5.50
CA PRO B 310 -7.34 14.90 6.90
C PRO B 310 -6.65 15.97 7.73
N GLU B 311 -7.05 16.09 8.99
CA GLU B 311 -6.60 17.21 9.81
C GLU B 311 -6.23 16.75 11.22
N CYS B 312 -5.16 17.33 11.76
CA CYS B 312 -4.82 17.11 13.15
C CYS B 312 -5.77 17.94 14.03
N TYR B 313 -5.60 17.82 15.36
CA TYR B 313 -6.35 18.63 16.33
C TYR B 313 -7.85 18.35 16.25
N GLY B 314 -8.20 17.08 16.11
CA GLY B 314 -9.57 16.67 15.93
C GLY B 314 -10.09 15.74 17.01
N LEU B 315 -11.26 15.13 16.79
CA LEU B 315 -11.82 14.22 17.76
C LEU B 315 -10.94 12.97 17.90
N LYS B 316 -10.77 12.49 19.12
CA LYS B 316 -10.11 11.21 19.35
C LYS B 316 -11.11 10.06 19.18
N GLY B 317 -10.58 8.85 19.03
CA GLY B 317 -11.44 7.69 18.74
C GLY B 317 -12.60 7.53 19.71
N ARG B 318 -12.31 7.56 21.02
CA ARG B 318 -13.35 7.39 22.02
C ARG B 318 -14.34 8.56 22.00
N GLU B 319 -13.91 9.75 21.56
CA GLU B 319 -14.80 10.89 21.48
C GLU B 319 -15.76 10.77 20.30
N VAL B 320 -15.29 10.17 19.20
CA VAL B 320 -16.17 9.95 18.04
C VAL B 320 -17.34 9.06 18.46
N ILE B 321 -17.03 7.97 19.15
CA ILE B 321 -18.09 7.08 19.62
C ILE B 321 -18.98 7.82 20.63
N GLN B 322 -18.40 8.62 21.53
CA GLN B 322 -19.21 9.43 22.45
C GLN B 322 -20.16 10.35 21.68
N LEU B 323 -19.66 11.04 20.65
CA LEU B 323 -20.52 11.95 19.90
C LEU B 323 -21.63 11.18 19.18
N ALA B 324 -21.31 9.99 18.64
CA ALA B 324 -22.33 9.17 17.99
C ALA B 324 -23.40 8.72 18.99
N ARG B 325 -23.01 8.34 20.21
CA ARG B 325 -24.00 7.99 21.23
C ARG B 325 -24.89 9.18 21.59
N ILE B 326 -24.28 10.35 21.76
CA ILE B 326 -25.05 11.55 22.12
C ILE B 326 -26.04 11.88 21.01
N ALA B 327 -25.60 11.84 19.75
CA ALA B 327 -26.50 12.03 18.63
C ALA B 327 -27.65 11.02 18.66
N GLY B 328 -27.33 9.76 18.97
CA GLY B 328 -28.36 8.75 19.08
C GLY B 328 -29.37 9.03 20.18
N ARG B 329 -28.90 9.60 21.30
CA ARG B 329 -29.84 9.98 22.35
C ARG B 329 -30.85 11.02 21.84
N HIS B 330 -30.39 12.01 21.09
CA HIS B 330 -31.30 13.06 20.64
C HIS B 330 -32.07 12.65 19.39
N GLY B 331 -31.39 12.03 18.43
CA GLY B 331 -32.03 11.52 17.23
C GLY B 331 -32.05 12.51 16.08
N CYS B 332 -31.91 12.03 14.85
CA CYS B 332 -32.00 12.88 13.67
C CYS B 332 -32.82 12.14 12.63
N ASP B 333 -33.28 12.86 11.61
CA ASP B 333 -34.04 12.23 10.53
C ASP B 333 -33.12 11.72 9.43
N ILE B 334 -32.06 12.44 9.13
CA ILE B 334 -31.04 11.99 8.21
C ILE B 334 -29.69 12.21 8.87
N LEU B 335 -28.86 11.19 8.86
CA LEU B 335 -27.46 11.27 9.21
C LEU B 335 -26.65 11.05 7.94
N ASP B 336 -25.75 11.97 7.63
CA ASP B 336 -24.86 11.67 6.53
C ASP B 336 -23.41 11.73 7.01
N ILE B 337 -22.58 10.88 6.42
CA ILE B 337 -21.16 10.75 6.76
C ILE B 337 -20.40 10.79 5.44
N VAL B 338 -19.47 11.74 5.29
CA VAL B 338 -18.88 12.02 3.99
C VAL B 338 -17.35 12.01 4.05
N GLU B 339 -16.77 12.00 2.86
CA GLU B 339 -15.36 12.22 2.53
C GLU B 339 -14.43 11.07 2.89
N LEU B 340 -14.94 9.89 3.24
CA LEU B 340 -14.05 8.74 3.47
C LEU B 340 -13.41 8.29 2.16
N CYS B 341 -12.07 8.19 2.15
CA CYS B 341 -11.30 7.76 0.97
C CYS B 341 -10.46 6.55 1.33
N PRO B 342 -11.03 5.34 1.31
CA PRO B 342 -10.31 4.16 1.81
C PRO B 342 -9.02 3.84 1.07
N ASP B 343 -8.84 4.27 -0.20
CA ASP B 343 -7.61 3.96 -0.91
C ASP B 343 -6.39 4.64 -0.29
N PHE B 344 -6.59 5.64 0.56
CA PHE B 344 -5.46 6.34 1.17
C PHE B 344 -4.97 5.66 2.44
N ASP B 345 -5.62 4.59 2.87
CA ASP B 345 -5.36 3.97 4.17
C ASP B 345 -4.97 2.52 3.94
N PRO B 346 -3.76 2.11 4.32
CA PRO B 346 -3.38 0.69 4.22
C PRO B 346 -3.98 -0.19 5.31
N SER B 347 -4.60 0.40 6.32
CA SER B 347 -5.21 -0.35 7.41
C SER B 347 -6.73 -0.38 7.20
N GLN B 348 -7.43 -0.95 8.17
CA GLN B 348 -8.88 -0.89 8.21
C GLN B 348 -9.39 0.16 9.19
N ILE B 349 -8.51 1.02 9.73
CA ILE B 349 -8.96 1.86 10.86
C ILE B 349 -10.01 2.88 10.39
N SER B 350 -9.87 3.43 9.18
CA SER B 350 -10.79 4.48 8.76
C SER B 350 -12.18 3.91 8.45
N VAL B 351 -12.24 2.82 7.67
CA VAL B 351 -13.54 2.24 7.35
C VAL B 351 -14.22 1.73 8.63
N LYS B 352 -13.46 1.12 9.54
CA LYS B 352 -14.10 0.63 10.75
C LYS B 352 -14.50 1.77 11.68
N MET B 353 -13.79 2.90 11.66
CA MET B 353 -14.28 4.06 12.39
C MET B 353 -15.66 4.47 11.89
N THR B 354 -15.85 4.52 10.56
CA THR B 354 -17.14 4.95 10.03
C THR B 354 -18.24 3.95 10.37
N VAL B 355 -17.92 2.65 10.38
CA VAL B 355 -18.91 1.67 10.84
C VAL B 355 -19.37 2.00 12.26
N ASN B 356 -18.42 2.33 13.16
CA ASN B 356 -18.82 2.57 14.55
C ASN B 356 -19.58 3.87 14.71
N MET B 357 -19.28 4.88 13.89
CA MET B 357 -20.10 6.08 13.91
C MET B 357 -21.58 5.73 13.70
N ILE B 358 -21.85 4.89 12.70
CA ILE B 358 -23.22 4.53 12.38
C ILE B 358 -23.80 3.59 13.43
N TYR B 359 -23.02 2.57 13.83
CA TYR B 359 -23.54 1.57 14.74
C TYR B 359 -23.84 2.16 16.11
N HIS B 360 -22.94 3.00 16.63
CA HIS B 360 -23.22 3.57 17.95
C HIS B 360 -24.35 4.58 17.90
N TYR B 361 -24.51 5.30 16.79
CA TYR B 361 -25.69 6.14 16.64
C TYR B 361 -26.95 5.30 16.80
N LEU B 362 -27.04 4.23 16.01
CA LEU B 362 -28.23 3.38 15.99
C LEU B 362 -28.42 2.65 17.31
N GLY B 363 -27.33 2.15 17.91
CA GLY B 363 -27.46 1.46 19.18
C GLY B 363 -27.99 2.40 20.26
N SER B 364 -27.45 3.60 20.32
CA SER B 364 -27.92 4.59 21.29
C SER B 364 -29.35 5.04 20.99
N ARG B 365 -29.66 5.23 19.70
CA ARG B 365 -31.03 5.59 19.30
C ARG B 365 -32.03 4.52 19.74
N ALA B 366 -31.69 3.25 19.49
CA ALA B 366 -32.59 2.17 19.88
C ALA B 366 -32.74 2.10 21.39
N GLN B 367 -31.62 2.21 22.13
CA GLN B 367 -31.72 2.17 23.58
C GLN B 367 -32.58 3.30 24.10
N THR B 368 -32.51 4.49 23.47
CA THR B 368 -33.33 5.60 23.92
C THR B 368 -34.80 5.36 23.61
N LEU B 369 -35.10 4.92 22.38
CA LEU B 369 -36.48 4.67 21.98
C LEU B 369 -37.13 3.65 22.91
N ARG B 370 -36.43 2.55 23.13
CA ARG B 370 -36.92 1.50 24.02
C ARG B 370 -37.13 2.01 25.44
N GLN B 371 -36.29 2.95 25.90
CA GLN B 371 -36.48 3.56 27.21
C GLN B 371 -37.73 4.41 27.24
N GLN B 372 -38.01 5.10 26.14
CA GLN B 372 -39.15 6.00 26.04
C GLN B 372 -40.44 5.27 25.76
N GLY B 373 -40.39 3.96 25.51
CA GLY B 373 -41.57 3.25 25.05
C GLY B 373 -41.99 3.68 23.67
N LYS B 374 -41.04 4.05 22.81
CA LYS B 374 -41.32 4.58 21.48
C LYS B 374 -40.79 3.64 20.41
N GLN B 375 -41.39 3.73 19.25
CA GLN B 375 -40.93 2.90 18.16
C GLN B 375 -40.17 3.72 17.12
N PRO B 376 -39.24 3.09 16.37
CA PRO B 376 -38.45 3.81 15.37
C PRO B 376 -39.24 4.17 14.11
N SER C 6 31.67 -5.08 27.94
CA SER C 6 30.98 -5.71 29.06
C SER C 6 29.72 -4.90 29.39
N TYR C 7 29.92 -3.64 29.74
CA TYR C 7 28.82 -2.69 29.94
C TYR C 7 28.79 -1.57 28.91
N ALA C 8 29.59 -1.68 27.83
CA ALA C 8 29.65 -0.63 26.82
C ALA C 8 28.30 -0.37 26.17
N HIS C 9 27.43 -1.36 26.10
CA HIS C 9 26.12 -1.19 25.48
C HIS C 9 25.22 -0.27 26.27
N LEU C 10 25.62 0.15 27.48
CA LEU C 10 24.84 1.12 28.24
C LEU C 10 25.04 2.54 27.74
N PHE C 11 26.11 2.78 26.99
CA PHE C 11 26.60 4.12 26.71
C PHE C 11 26.69 4.35 25.21
N SER C 12 26.96 5.61 24.85
CA SER C 12 27.18 5.99 23.47
C SER C 12 28.30 5.14 22.86
N PRO C 13 28.14 4.66 21.63
CA PRO C 13 29.16 3.81 21.02
C PRO C 13 30.49 4.52 20.85
N LEU C 14 31.58 3.77 21.09
CA LEU C 14 32.92 4.30 20.88
C LEU C 14 33.40 4.25 19.43
N GLY C 15 32.73 3.50 18.56
CA GLY C 15 33.10 3.43 17.15
C GLY C 15 34.24 2.46 16.83
N LEU C 27 21.05 -14.99 13.12
CA LEU C 27 19.60 -15.03 13.10
C LEU C 27 18.96 -13.69 13.44
N ILE C 28 17.68 -13.54 13.08
CA ILE C 28 16.87 -12.43 13.53
C ILE C 28 16.27 -12.82 14.88
N THR C 29 16.66 -12.12 15.92
CA THR C 29 16.24 -12.50 17.26
C THR C 29 15.64 -11.32 18.01
N PHE C 30 14.76 -11.65 18.94
CA PHE C 30 14.16 -10.68 19.84
C PHE C 30 15.24 -9.91 20.58
N LEU C 31 15.24 -8.59 20.41
CA LEU C 31 16.15 -7.68 21.10
C LEU C 31 17.62 -7.93 20.75
N ARG C 32 17.91 -8.53 19.60
CA ARG C 32 19.27 -8.94 19.22
C ARG C 32 19.90 -9.85 20.27
N SER C 33 19.05 -10.62 20.98
CA SER C 33 19.51 -11.55 21.98
C SER C 33 20.02 -12.85 21.36
N ALA C 34 20.74 -13.62 22.15
CA ALA C 34 21.30 -14.88 21.68
C ALA C 34 20.19 -15.91 21.46
N HIS C 35 20.43 -16.81 20.52
CA HIS C 35 19.53 -17.93 20.31
C HIS C 35 19.91 -19.07 21.26
N VAL C 36 18.92 -19.58 21.98
CA VAL C 36 19.08 -20.80 22.78
C VAL C 36 18.02 -21.78 22.32
N PRO C 37 18.37 -23.06 22.10
CA PRO C 37 17.35 -24.03 21.66
C PRO C 37 16.25 -24.19 22.70
N LEU C 38 15.11 -24.70 22.24
CA LEU C 38 14.02 -25.01 23.17
C LEU C 38 14.37 -26.24 23.99
N ASN C 39 15.27 -26.07 24.94
CA ASN C 39 15.77 -27.14 25.77
C ASN C 39 15.95 -26.59 27.17
N ALA C 40 15.34 -27.24 28.16
CA ALA C 40 15.28 -26.66 29.49
C ALA C 40 16.67 -26.49 30.11
N GLU C 41 17.57 -27.47 29.91
CA GLU C 41 18.89 -27.36 30.52
C GLU C 41 19.67 -26.18 29.95
N ALA C 42 19.63 -26.03 28.62
CA ALA C 42 20.31 -24.90 28.00
C ALA C 42 19.69 -23.57 28.41
N LEU C 43 18.36 -23.54 28.60
CA LEU C 43 17.70 -22.30 28.99
C LEU C 43 18.03 -21.92 30.43
N LYS C 44 18.03 -22.88 31.36
CA LYS C 44 18.36 -22.55 32.73
C LYS C 44 19.80 -22.06 32.85
N ALA C 45 20.70 -22.64 32.06
CA ALA C 45 22.11 -22.33 32.15
C ALA C 45 22.52 -21.06 31.42
N CYS C 46 21.66 -20.50 30.56
CA CYS C 46 22.08 -19.37 29.75
C CYS C 46 22.05 -18.04 30.49
N GLY C 47 21.34 -17.95 31.62
CA GLY C 47 21.33 -16.77 32.46
C GLY C 47 20.19 -15.80 32.20
N ALA C 48 19.40 -16.00 31.16
CA ALA C 48 18.29 -15.11 30.87
C ALA C 48 17.12 -15.36 31.84
N LYS C 49 16.17 -14.43 31.85
CA LYS C 49 14.94 -14.57 32.61
C LYS C 49 13.73 -14.81 31.73
N TYR C 50 13.78 -14.40 30.47
CA TYR C 50 12.69 -14.57 29.52
C TYR C 50 13.18 -15.37 28.31
N ALA C 51 12.26 -16.11 27.70
CA ALA C 51 12.54 -16.86 26.49
C ALA C 51 11.47 -16.51 25.46
N PHE C 52 11.87 -15.79 24.41
CA PHE C 52 10.97 -15.42 23.35
C PHE C 52 10.72 -16.65 22.48
N VAL C 53 9.45 -16.93 22.21
CA VAL C 53 9.04 -18.08 21.41
C VAL C 53 8.09 -17.56 20.33
N GLY C 54 8.50 -17.65 19.07
CA GLY C 54 7.64 -17.25 17.97
C GLY C 54 6.70 -18.39 17.58
N VAL C 55 5.44 -18.02 17.33
CA VAL C 55 4.44 -19.02 16.95
C VAL C 55 3.72 -18.53 15.69
N PRO C 56 4.32 -18.68 14.50
CA PRO C 56 3.68 -18.20 13.26
C PRO C 56 2.57 -19.12 12.78
N PHE C 57 1.48 -19.19 13.57
CA PHE C 57 0.37 -20.11 13.34
C PHE C 57 -0.92 -19.29 13.25
N ASP C 58 -1.67 -19.45 12.17
CA ASP C 58 -2.86 -18.64 11.95
C ASP C 58 -4.08 -19.47 11.54
N GLU C 59 -4.08 -20.78 11.79
CA GLU C 59 -5.18 -21.63 11.34
C GLU C 59 -6.34 -21.71 12.34
N GLY C 60 -6.28 -20.93 13.42
CA GLY C 60 -7.43 -20.63 14.25
C GLY C 60 -8.06 -19.29 13.95
N ASN C 61 -7.52 -18.55 12.98
CA ASN C 61 -7.97 -17.19 12.68
C ASN C 61 -9.24 -17.25 11.84
N ILE C 62 -10.30 -16.58 12.31
CA ILE C 62 -11.55 -16.49 11.57
C ILE C 62 -11.67 -15.19 10.79
N GLY C 63 -10.70 -14.29 10.93
CA GLY C 63 -10.78 -12.99 10.30
C GLY C 63 -9.80 -12.82 9.15
N LYS C 64 -9.34 -11.59 8.94
CA LYS C 64 -8.46 -11.28 7.82
C LYS C 64 -7.09 -11.91 8.05
N PRO C 65 -6.43 -12.39 7.01
CA PRO C 65 -5.13 -13.05 7.19
C PRO C 65 -3.99 -12.07 7.40
N GLY C 66 -2.90 -12.56 7.98
CA GLY C 66 -1.72 -11.73 8.15
C GLY C 66 -0.86 -11.94 9.38
N SER C 67 -1.45 -12.49 10.46
CA SER C 67 -0.71 -12.61 11.72
C SER C 67 0.45 -13.61 11.67
N GLU C 68 0.51 -14.49 10.65
CA GLU C 68 1.63 -15.43 10.55
C GLU C 68 2.96 -14.68 10.48
N ASP C 69 2.97 -13.48 9.90
CA ASP C 69 4.20 -12.72 9.75
C ASP C 69 4.52 -11.87 10.97
N ALA C 70 3.66 -11.86 11.98
CA ALA C 70 3.90 -11.03 13.16
C ALA C 70 5.21 -11.36 13.88
N PRO C 71 5.54 -12.63 14.18
CA PRO C 71 6.78 -12.88 14.94
C PRO C 71 8.02 -12.31 14.28
N ARG C 72 8.13 -12.40 12.95
CA ARG C 72 9.29 -11.81 12.28
CA ARG C 72 9.30 -11.81 12.30
C ARG C 72 9.28 -10.29 12.39
N GLU C 73 8.14 -9.65 12.07
CA GLU C 73 8.10 -8.20 12.11
C GLU C 73 8.30 -7.68 13.53
N PHE C 74 7.77 -8.38 14.53
CA PHE C 74 7.99 -7.99 15.91
C PHE C 74 9.48 -8.04 16.26
N ARG C 75 10.14 -9.13 15.89
CA ARG C 75 11.57 -9.25 16.12
C ARG C 75 12.35 -8.11 15.46
N LEU C 76 12.03 -7.81 14.19
CA LEU C 76 12.80 -6.79 13.49
C LEU C 76 12.65 -5.43 14.15
N ILE C 77 11.46 -5.15 14.68
CA ILE C 77 11.25 -3.88 15.35
C ILE C 77 12.09 -3.78 16.61
N THR C 78 12.16 -4.86 17.39
CA THR C 78 12.90 -4.83 18.64
C THR C 78 14.42 -4.72 18.45
N GLN C 79 14.94 -5.02 17.27
CA GLN C 79 16.38 -4.91 17.07
C GLN C 79 16.83 -3.48 16.89
N GLU C 80 15.91 -2.54 16.81
CA GLU C 80 16.22 -1.13 16.68
C GLU C 80 16.53 -0.43 18.01
N TYR C 81 16.29 -1.07 19.14
CA TYR C 81 16.31 -0.37 20.42
C TYR C 81 17.58 -0.63 21.18
N PHE C 82 17.97 0.37 21.97
CA PHE C 82 19.00 0.16 22.98
C PHE C 82 18.42 -0.67 24.12
N SER C 83 19.31 -1.32 24.88
CA SER C 83 18.85 -2.14 25.97
C SER C 83 18.65 -1.38 27.28
N TYR C 84 19.20 -0.17 27.41
CA TYR C 84 19.14 0.55 28.67
C TYR C 84 17.93 1.50 28.67
N TRP C 85 17.15 1.45 29.74
CA TRP C 85 15.93 2.26 29.89
C TRP C 85 16.14 3.27 31.01
N PHE C 86 16.38 4.54 30.66
CA PHE C 86 16.67 5.52 31.70
C PHE C 86 15.47 5.73 32.61
N GLU C 87 14.25 5.48 32.12
CA GLU C 87 13.08 5.65 32.98
C GLU C 87 13.08 4.68 34.15
N TYR C 88 13.75 3.53 34.00
CA TYR C 88 13.80 2.53 35.05
C TYR C 88 15.19 2.28 35.62
N ASN C 89 16.24 2.86 35.02
CA ASN C 89 17.63 2.54 35.37
C ASN C 89 17.89 1.04 35.25
N VAL C 90 17.37 0.45 34.17
CA VAL C 90 17.40 -1.00 33.96
C VAL C 90 18.05 -1.31 32.62
N ASP C 91 18.86 -2.37 32.59
CA ASP C 91 19.52 -2.86 31.38
C ASP C 91 18.87 -4.17 30.98
N LEU C 92 18.26 -4.21 29.79
CA LEU C 92 17.65 -5.46 29.34
C LEU C 92 18.63 -6.42 28.71
N HIS C 93 19.87 -5.99 28.45
CA HIS C 93 20.82 -6.87 27.78
C HIS C 93 21.03 -8.12 28.60
N GLY C 94 20.87 -9.28 27.94
CA GLY C 94 21.04 -10.56 28.60
C GLY C 94 19.85 -11.04 29.40
N LYS C 95 18.77 -10.26 29.49
CA LYS C 95 17.60 -10.68 30.25
C LYS C 95 16.67 -11.61 29.46
N ALA C 96 16.76 -11.62 28.14
CA ALA C 96 15.94 -12.52 27.33
C ALA C 96 16.83 -13.32 26.38
N VAL C 97 16.31 -14.46 25.95
CA VAL C 97 16.88 -15.21 24.84
C VAL C 97 15.74 -15.52 23.86
N ASP C 98 16.11 -15.92 22.65
CA ASP C 98 15.17 -16.21 21.58
C ASP C 98 15.30 -17.69 21.24
N CYS C 99 14.19 -18.42 21.29
CA CYS C 99 14.22 -19.84 21.00
C CYS C 99 13.78 -20.16 19.59
N GLY C 100 13.65 -19.14 18.75
CA GLY C 100 13.13 -19.34 17.41
C GLY C 100 11.63 -19.50 17.40
N ASP C 101 11.15 -20.05 16.29
CA ASP C 101 9.75 -20.34 16.10
C ASP C 101 9.48 -21.81 16.40
N VAL C 102 8.30 -22.09 16.96
CA VAL C 102 7.85 -23.47 17.09
C VAL C 102 7.69 -24.06 15.70
N SER C 103 8.23 -25.27 15.51
CA SER C 103 8.14 -25.96 14.22
C SER C 103 6.76 -26.63 14.09
N MET C 104 5.97 -26.19 13.11
CA MET C 104 4.61 -26.69 13.01
C MET C 104 4.24 -27.00 11.56
N PRO C 105 3.57 -28.11 11.31
CA PRO C 105 3.10 -28.39 9.94
C PRO C 105 1.88 -27.56 9.61
N LYS C 106 1.75 -27.24 8.32
CA LYS C 106 0.56 -26.59 7.82
C LYS C 106 -0.57 -27.61 7.65
N VAL C 107 -1.81 -27.14 7.78
CA VAL C 107 -3.00 -27.94 7.53
C VAL C 107 -3.05 -29.15 8.44
N SER C 108 -2.49 -29.00 9.65
CA SER C 108 -2.61 -30.02 10.70
C SER C 108 -2.65 -29.34 12.05
N PRO C 109 -3.78 -28.69 12.39
CA PRO C 109 -3.80 -27.85 13.60
C PRO C 109 -3.59 -28.63 14.88
N GLU C 110 -4.06 -29.88 14.96
CA GLU C 110 -3.90 -30.66 16.18
C GLU C 110 -2.44 -30.86 16.50
N VAL C 111 -1.65 -31.26 15.50
CA VAL C 111 -0.21 -31.43 15.69
C VAL C 111 0.45 -30.10 16.01
N ALA C 112 0.06 -29.03 15.30
CA ALA C 112 0.64 -27.71 15.57
C ALA C 112 0.43 -27.30 17.03
N HIS C 113 -0.79 -27.50 17.55
CA HIS C 113 -1.05 -27.15 18.94
C HIS C 113 -0.23 -28.01 19.89
N GLU C 114 -0.06 -29.30 19.59
N GLU C 114 -0.06 -29.29 19.57
CA GLU C 114 0.78 -30.13 20.44
CA GLU C 114 0.77 -30.17 20.39
C GLU C 114 2.22 -29.65 20.42
C GLU C 114 2.22 -29.71 20.39
N ARG C 115 2.69 -29.16 19.27
CA ARG C 115 4.03 -28.61 19.21
C ARG C 115 4.14 -27.33 20.06
N ILE C 116 3.11 -26.48 20.02
CA ILE C 116 3.11 -25.29 20.86
C ILE C 116 3.13 -25.68 22.34
N TYR C 117 2.27 -26.64 22.71
CA TYR C 117 2.18 -27.09 24.10
C TYR C 117 3.52 -27.61 24.61
N ARG C 118 4.19 -28.43 23.82
CA ARG C 118 5.46 -28.96 24.26
C ARG C 118 6.53 -27.88 24.32
N ALA C 119 6.46 -26.88 23.43
CA ALA C 119 7.44 -25.79 23.48
C ALA C 119 7.25 -24.95 24.73
N VAL C 120 6.00 -24.63 25.09
CA VAL C 120 5.76 -23.82 26.27
C VAL C 120 6.11 -24.60 27.54
N ARG C 121 5.74 -25.90 27.58
CA ARG C 121 6.12 -26.72 28.73
C ARG C 121 7.63 -26.76 28.90
N GLU C 122 8.38 -26.80 27.80
CA GLU C 122 9.83 -26.87 27.91
C GLU C 122 10.39 -25.56 28.46
N VAL C 123 9.84 -24.41 28.05
CA VAL C 123 10.28 -23.15 28.62
C VAL C 123 9.93 -23.07 30.10
N LEU C 124 8.68 -23.43 30.45
CA LEU C 124 8.27 -23.37 31.85
C LEU C 124 9.15 -24.26 32.71
N LYS C 125 9.50 -25.44 32.19
CA LYS C 125 10.39 -26.34 32.90
C LYS C 125 11.74 -25.69 33.21
N SER C 126 12.22 -24.80 32.35
CA SER C 126 13.52 -24.20 32.60
C SER C 126 13.49 -23.13 33.68
N GLY C 127 12.32 -22.61 34.03
CA GLY C 127 12.21 -21.52 34.97
C GLY C 127 12.19 -20.13 34.36
N LEU C 128 12.43 -20.01 33.05
CA LEU C 128 12.32 -18.71 32.40
C LEU C 128 10.85 -18.41 32.07
N ILE C 129 10.57 -17.14 31.81
CA ILE C 129 9.22 -16.69 31.47
C ILE C 129 9.11 -16.70 29.96
N PRO C 130 8.25 -17.54 29.38
CA PRO C 130 8.04 -17.49 27.92
C PRO C 130 7.34 -16.21 27.52
N ILE C 131 7.85 -15.59 26.46
CA ILE C 131 7.18 -14.49 25.79
C ILE C 131 6.73 -15.05 24.45
N ILE C 132 5.44 -15.31 24.31
CA ILE C 132 4.89 -16.01 23.16
C ILE C 132 4.30 -14.99 22.20
N CYS C 133 4.90 -14.86 21.03
CA CYS C 133 4.43 -13.91 20.04
C CYS C 133 3.74 -14.70 18.95
N GLY C 134 2.46 -14.45 18.77
CA GLY C 134 1.65 -15.33 17.98
C GLY C 134 1.36 -14.84 16.58
N GLY C 135 0.66 -15.73 15.91
CA GLY C 135 -0.26 -15.52 14.85
C GLY C 135 -1.53 -15.34 15.66
N ASP C 136 -2.50 -16.26 15.55
CA ASP C 136 -3.84 -15.96 16.02
C ASP C 136 -4.04 -16.27 17.51
N ARG C 137 -5.16 -15.75 18.02
CA ARG C 137 -5.50 -15.73 19.44
C ARG C 137 -5.69 -17.12 20.02
N SER C 138 -6.01 -18.12 19.17
CA SER C 138 -6.21 -19.48 19.68
C SER C 138 -4.93 -20.11 20.23
N ILE C 139 -3.76 -19.57 19.89
CA ILE C 139 -2.56 -20.16 20.50
C ILE C 139 -2.55 -19.93 22.01
N SER C 140 -3.26 -18.92 22.50
CA SER C 140 -3.34 -18.68 23.94
C SER C 140 -4.04 -19.82 24.66
N ILE C 141 -4.99 -20.49 24.00
CA ILE C 141 -5.62 -21.67 24.60
C ILE C 141 -4.55 -22.68 25.01
N THR C 142 -3.67 -23.01 24.08
CA THR C 142 -2.69 -24.06 24.34
C THR C 142 -1.62 -23.58 25.31
N ALA C 143 -1.20 -22.33 25.19
CA ALA C 143 -0.22 -21.80 26.11
C ALA C 143 -0.75 -21.76 27.53
N ALA C 144 -2.02 -21.35 27.71
CA ALA C 144 -2.59 -21.31 29.05
C ALA C 144 -2.76 -22.70 29.64
N ARG C 145 -3.12 -23.67 28.80
CA ARG C 145 -3.21 -25.05 29.27
C ARG C 145 -1.85 -25.57 29.70
N ALA C 146 -0.80 -25.21 28.96
CA ALA C 146 0.56 -25.65 29.31
C ALA C 146 0.97 -25.12 30.68
N LEU C 147 0.64 -23.87 31.00
CA LEU C 147 0.91 -23.34 32.32
C LEU C 147 0.06 -24.05 33.37
N SER C 148 -1.22 -24.27 33.06
CA SER C 148 -2.09 -24.94 34.01
C SER C 148 -1.58 -26.33 34.36
N ASP C 149 -1.11 -27.08 33.36
CA ASP C 149 -0.51 -28.38 33.64
C ASP C 149 0.84 -28.23 34.34
N HIS C 150 1.62 -27.19 33.99
CA HIS C 150 2.94 -27.06 34.58
C HIS C 150 2.87 -26.90 36.08
N ILE C 151 1.96 -26.06 36.58
CA ILE C 151 1.88 -25.85 38.02
C ILE C 151 1.12 -26.98 38.70
N GLY C 152 0.30 -27.71 37.98
CA GLY C 152 -0.34 -28.89 38.53
C GLY C 152 -1.60 -28.58 39.31
N PRO C 153 -2.32 -29.63 39.73
CA PRO C 153 -3.63 -29.44 40.37
C PRO C 153 -3.56 -28.93 41.80
N GLN C 154 -2.38 -28.81 42.40
CA GLN C 154 -2.26 -28.26 43.74
C GLN C 154 -1.97 -26.77 43.74
N LYS C 155 -1.92 -26.13 42.57
CA LYS C 155 -1.64 -24.70 42.51
C LYS C 155 -2.84 -23.95 41.95
N LYS C 156 -2.82 -22.64 42.16
CA LYS C 156 -3.85 -21.74 41.66
C LYS C 156 -3.25 -20.86 40.58
N MET C 157 -3.97 -20.70 39.49
CA MET C 157 -3.51 -19.90 38.37
C MET C 157 -4.35 -18.64 38.24
N GLY C 158 -3.73 -17.56 37.80
CA GLY C 158 -4.44 -16.35 37.43
C GLY C 158 -4.23 -16.06 35.96
N TYR C 159 -5.19 -15.35 35.36
CA TYR C 159 -5.18 -15.04 33.94
C TYR C 159 -5.78 -13.67 33.68
N MET C 160 -5.02 -12.83 32.98
CA MET C 160 -5.48 -11.50 32.61
C MET C 160 -5.20 -11.30 31.14
N HIS C 161 -6.21 -10.85 30.40
CA HIS C 161 -6.09 -10.64 28.97
C HIS C 161 -6.62 -9.25 28.62
N PHE C 162 -5.92 -8.58 27.72
CA PHE C 162 -6.35 -7.30 27.17
C PHE C 162 -6.85 -7.50 25.75
N GLY C 163 -8.06 -7.03 25.46
CA GLY C 163 -8.60 -7.15 24.10
C GLY C 163 -9.98 -6.55 23.98
N ALA C 164 -10.32 -6.18 22.73
CA ALA C 164 -11.64 -5.63 22.43
C ALA C 164 -12.70 -6.71 22.31
N GLN C 165 -12.31 -7.98 22.19
CA GLN C 165 -13.22 -9.09 21.97
C GLN C 165 -13.16 -10.02 23.18
N LEU C 166 -14.34 -10.42 23.68
CA LEU C 166 -14.38 -11.37 24.78
C LEU C 166 -13.87 -12.74 24.38
N ASP C 167 -14.10 -13.15 23.12
CA ASP C 167 -13.74 -14.50 22.66
C ASP C 167 -14.39 -15.55 23.56
N MET C 168 -15.71 -15.41 23.79
CA MET C 168 -16.43 -16.34 24.65
C MET C 168 -17.44 -17.18 23.86
N ALA C 169 -17.04 -17.62 22.66
CA ALA C 169 -17.86 -18.53 21.89
C ALA C 169 -17.62 -19.93 22.42
N ASP C 170 -18.68 -20.55 22.97
CA ASP C 170 -18.56 -21.96 23.33
C ASP C 170 -18.18 -22.79 22.13
N SER C 171 -18.73 -22.47 20.96
CA SER C 171 -18.28 -23.02 19.69
C SER C 171 -18.51 -21.98 18.60
N TRP C 172 -17.78 -22.14 17.51
CA TRP C 172 -17.80 -21.22 16.37
C TRP C 172 -17.72 -22.04 15.11
N ALA C 173 -18.73 -21.94 14.25
CA ALA C 173 -18.84 -22.81 13.09
C ALA C 173 -18.77 -24.29 13.49
N GLY C 174 -19.25 -24.61 14.69
CA GLY C 174 -19.21 -25.97 15.17
C GLY C 174 -17.87 -26.42 15.72
N GLU C 175 -16.85 -25.55 15.69
CA GLU C 175 -15.50 -25.86 16.17
C GLU C 175 -15.32 -25.28 17.57
N ARG C 176 -14.36 -25.83 18.31
CA ARG C 176 -14.22 -25.51 19.73
C ARG C 176 -12.91 -24.82 20.09
N ASN C 177 -11.93 -24.76 19.20
CA ASN C 177 -10.64 -24.19 19.56
C ASN C 177 -10.16 -23.14 18.57
N LEU C 178 -11.09 -22.41 17.97
CA LEU C 178 -10.75 -21.26 17.16
C LEU C 178 -10.53 -20.03 18.04
N ALA C 179 -9.98 -18.98 17.42
CA ALA C 179 -9.70 -17.74 18.13
C ALA C 179 -10.89 -17.20 18.91
N PRO C 180 -12.10 -17.08 18.36
CA PRO C 180 -13.23 -16.58 19.17
C PRO C 180 -13.65 -17.51 20.31
N CYS C 181 -13.07 -18.71 20.43
CA CYS C 181 -13.36 -19.63 21.51
C CYS C 181 -12.35 -19.54 22.64
N ALA C 182 -11.32 -18.70 22.52
CA ALA C 182 -10.16 -18.86 23.39
C ALA C 182 -10.54 -18.74 24.85
N MET C 183 -11.24 -17.66 25.21
CA MET C 183 -11.61 -17.45 26.60
C MET C 183 -12.57 -18.52 27.11
N ALA C 184 -13.45 -19.04 26.25
CA ALA C 184 -14.34 -20.12 26.66
C ALA C 184 -13.55 -21.37 27.02
N ARG C 185 -12.46 -21.64 26.30
CA ARG C 185 -11.61 -22.75 26.65
C ARG C 185 -10.75 -22.43 27.87
N ILE C 186 -10.16 -21.23 27.91
CA ILE C 186 -9.24 -20.92 28.99
C ILE C 186 -9.95 -20.92 30.33
N THR C 187 -11.19 -20.44 30.38
CA THR C 187 -11.92 -20.41 31.64
C THR C 187 -12.43 -21.78 32.06
N GLU C 188 -12.21 -22.83 31.27
CA GLU C 188 -12.50 -24.20 31.68
C GLU C 188 -11.29 -24.90 32.31
N LEU C 189 -10.13 -24.27 32.33
CA LEU C 189 -8.97 -24.88 32.96
C LEU C 189 -9.26 -25.13 34.43
N PRO C 190 -8.88 -26.30 34.98
CA PRO C 190 -9.39 -26.70 36.31
C PRO C 190 -8.83 -25.92 37.48
N ASN C 191 -7.61 -25.38 37.37
CA ASN C 191 -7.01 -24.65 38.47
C ASN C 191 -7.00 -23.15 38.22
N LEU C 192 -7.90 -22.70 37.36
CA LEU C 192 -8.13 -21.29 37.07
C LEU C 192 -9.53 -20.96 37.59
N ASP C 193 -9.59 -20.48 38.83
CA ASP C 193 -10.83 -19.97 39.40
C ASP C 193 -11.25 -18.72 38.64
N ILE C 194 -12.54 -18.63 38.29
CA ILE C 194 -13.02 -17.53 37.47
C ILE C 194 -12.78 -16.18 38.15
N ARG C 195 -12.76 -16.17 39.48
CA ARG C 195 -12.51 -14.93 40.23
C ARG C 195 -11.07 -14.47 40.12
N ASN C 196 -10.17 -15.31 39.61
CA ASN C 196 -8.81 -14.93 39.29
C ASN C 196 -8.62 -14.68 37.79
N VAL C 197 -9.70 -14.41 37.07
CA VAL C 197 -9.65 -14.17 35.63
C VAL C 197 -10.06 -12.73 35.37
N ALA C 198 -9.26 -12.02 34.58
CA ALA C 198 -9.57 -10.66 34.19
C ALA C 198 -9.54 -10.54 32.67
N HIS C 199 -10.49 -9.78 32.13
CA HIS C 199 -10.54 -9.44 30.72
C HIS C 199 -10.89 -7.96 30.61
N LEU C 200 -10.02 -7.19 29.97
CA LEU C 200 -10.10 -5.73 29.97
C LEU C 200 -10.14 -5.21 28.54
N GLY C 201 -11.13 -4.37 28.25
CA GLY C 201 -11.16 -3.61 27.01
C GLY C 201 -12.30 -3.94 26.06
N ALA C 202 -13.21 -4.85 26.37
CA ALA C 202 -14.23 -5.26 25.42
C ALA C 202 -15.09 -4.07 25.00
N ARG C 203 -15.34 -3.97 23.70
CA ARG C 203 -16.11 -2.86 23.14
C ARG C 203 -16.55 -3.22 21.73
N ASN C 204 -17.51 -2.45 21.21
CA ASN C 204 -18.00 -2.53 19.84
C ASN C 204 -18.61 -3.88 19.51
N ALA C 205 -18.98 -4.09 18.25
CA ALA C 205 -19.97 -5.10 17.89
C ALA C 205 -19.37 -6.45 17.48
N MET C 206 -18.08 -6.68 17.69
CA MET C 206 -17.52 -8.02 17.44
C MET C 206 -17.61 -8.87 18.71
N ASN C 207 -18.80 -8.82 19.31
CA ASN C 207 -19.07 -9.50 20.58
C ASN C 207 -20.52 -9.95 20.54
N PRO C 208 -20.78 -11.12 19.95
CA PRO C 208 -22.17 -11.57 19.78
C PRO C 208 -22.79 -11.92 21.13
N LYS C 209 -24.11 -12.02 21.13
CA LYS C 209 -24.84 -12.09 22.38
C LYS C 209 -24.48 -13.33 23.20
N ASP C 210 -24.20 -14.47 22.54
CA ASP C 210 -23.85 -15.67 23.31
C ASP C 210 -22.53 -15.52 24.05
N HIS C 211 -21.63 -14.63 23.60
CA HIS C 211 -20.43 -14.40 24.38
C HIS C 211 -20.77 -13.70 25.69
N ILE C 212 -21.74 -12.79 25.66
CA ILE C 212 -22.14 -12.12 26.89
C ILE C 212 -22.91 -13.08 27.78
N ASP C 213 -23.83 -13.87 27.18
CA ASP C 213 -24.57 -14.86 27.96
C ASP C 213 -23.62 -15.83 28.64
N LEU C 214 -22.64 -16.37 27.91
CA LEU C 214 -21.73 -17.33 28.49
C LEU C 214 -20.88 -16.68 29.59
N SER C 215 -20.50 -15.40 29.38
CA SER C 215 -19.78 -14.67 30.41
C SER C 215 -20.62 -14.53 31.68
N LYS C 216 -21.91 -14.22 31.54
CA LYS C 216 -22.78 -14.15 32.70
C LYS C 216 -22.96 -15.51 33.34
N GLU C 217 -23.16 -16.55 32.54
CA GLU C 217 -23.39 -17.87 33.11
C GLU C 217 -22.21 -18.30 33.98
N ARG C 218 -20.99 -17.95 33.58
CA ARG C 218 -19.79 -18.39 34.29
C ARG C 218 -19.28 -17.41 35.33
N GLY C 219 -19.82 -16.19 35.38
CA GLY C 219 -19.31 -15.21 36.30
C GLY C 219 -18.04 -14.53 35.82
N LEU C 220 -17.82 -14.47 34.51
CA LEU C 220 -16.66 -13.75 33.98
C LEU C 220 -16.86 -12.26 34.21
N GLN C 221 -16.05 -11.69 35.10
CA GLN C 221 -16.13 -10.27 35.45
C GLN C 221 -15.23 -9.44 34.53
N TYR C 222 -15.67 -9.32 33.27
CA TYR C 222 -14.91 -8.53 32.30
C TYR C 222 -15.10 -7.05 32.55
N ASP C 223 -14.05 -6.28 32.28
CA ASP C 223 -14.05 -4.83 32.43
C ASP C 223 -14.16 -4.26 31.01
N SER C 224 -15.38 -3.91 30.61
CA SER C 224 -15.58 -3.33 29.28
C SER C 224 -14.85 -2.00 29.18
N MET C 225 -14.59 -1.60 27.93
CA MET C 225 -13.97 -0.29 27.72
C MET C 225 -14.84 0.81 28.30
N PHE C 226 -16.17 0.73 28.09
CA PHE C 226 -17.07 1.69 28.73
C PHE C 226 -16.91 1.68 30.25
N ASP C 227 -16.92 0.48 30.86
CA ASP C 227 -16.68 0.38 32.31
C ASP C 227 -15.40 1.08 32.69
N LEU C 228 -14.33 0.85 31.90
CA LEU C 228 -13.05 1.45 32.21
C LEU C 228 -13.12 2.96 32.11
N PHE C 229 -13.71 3.48 31.03
CA PHE C 229 -13.84 4.93 30.87
C PHE C 229 -14.59 5.55 32.04
N ASP C 230 -15.71 4.94 32.44
CA ASP C 230 -16.52 5.50 33.54
C ASP C 230 -15.74 5.59 34.85
N ALA C 231 -14.83 4.65 35.10
CA ALA C 231 -14.09 4.62 36.35
C ALA C 231 -12.79 5.41 36.28
N GLY C 232 -12.49 6.08 35.16
CA GLY C 232 -11.18 6.66 35.01
C GLY C 232 -10.08 5.65 34.73
N ILE C 233 -10.43 4.43 34.31
CA ILE C 233 -9.52 3.37 33.87
C ILE C 233 -8.75 2.75 35.03
N TYR C 234 -7.80 3.49 35.60
CA TYR C 234 -6.83 2.86 36.50
C TYR C 234 -7.42 2.27 37.77
N PRO C 235 -8.41 2.87 38.44
CA PRO C 235 -8.95 2.22 39.64
C PRO C 235 -9.55 0.86 39.38
N LEU C 236 -10.19 0.67 38.21
CA LEU C 236 -10.78 -0.62 37.89
C LEU C 236 -9.70 -1.62 37.48
N VAL C 237 -8.71 -1.18 36.71
CA VAL C 237 -7.58 -2.05 36.37
C VAL C 237 -6.90 -2.56 37.63
N GLU C 238 -6.69 -1.67 38.61
CA GLU C 238 -6.02 -2.07 39.84
C GLU C 238 -6.80 -3.16 40.55
N ARG C 239 -8.13 -3.09 40.51
CA ARG C 239 -8.94 -4.12 41.17
C ARG C 239 -8.84 -5.46 40.45
N SER C 240 -8.76 -5.45 39.12
CA SER C 240 -8.64 -6.72 38.44
C SER C 240 -7.23 -7.28 38.54
N ILE C 241 -6.21 -6.43 38.58
CA ILE C 241 -4.86 -6.87 38.90
C ILE C 241 -4.87 -7.62 40.22
N ASP C 242 -5.53 -7.05 41.23
CA ASP C 242 -5.57 -7.67 42.54
C ASP C 242 -6.26 -9.03 42.51
N ARG C 243 -7.30 -9.18 41.69
CA ARG C 243 -7.94 -10.49 41.57
C ARG C 243 -7.03 -11.50 40.91
N VAL C 244 -6.23 -11.08 39.93
CA VAL C 244 -5.42 -12.06 39.23
C VAL C 244 -4.20 -12.45 40.06
N TRP C 245 -3.61 -11.51 40.79
CA TRP C 245 -2.35 -11.79 41.46
C TRP C 245 -2.48 -12.18 42.92
N SER C 246 -3.55 -11.81 43.62
CA SER C 246 -3.64 -12.14 45.03
C SER C 246 -4.09 -13.60 45.20
N GLY C 247 -3.26 -14.38 45.90
CA GLY C 247 -3.60 -15.75 46.20
C GLY C 247 -3.36 -16.75 45.08
N THR C 248 -2.70 -16.36 44.00
CA THR C 248 -2.39 -17.28 42.92
C THR C 248 -0.90 -17.59 42.88
N ASP C 249 -0.56 -18.80 42.41
CA ASP C 249 0.82 -19.24 42.31
C ASP C 249 1.47 -18.90 40.99
N ALA C 250 0.67 -18.66 39.94
CA ALA C 250 1.16 -18.32 38.62
C ALA C 250 0.14 -17.42 37.95
N GLN C 251 0.63 -16.52 37.10
CA GLN C 251 -0.23 -15.57 36.40
C GLN C 251 0.10 -15.57 34.93
N TYR C 252 -0.93 -15.64 34.10
CA TYR C 252 -0.82 -15.58 32.65
C TYR C 252 -1.31 -14.22 32.18
N LEU C 253 -0.48 -13.50 31.43
CA LEU C 253 -0.79 -12.17 30.93
C LEU C 253 -0.76 -12.19 29.41
N GLY C 254 -1.88 -11.84 28.78
CA GLY C 254 -2.00 -11.88 27.34
C GLY C 254 -2.52 -10.58 26.77
N PHE C 255 -2.04 -10.26 25.57
CA PHE C 255 -2.37 -9.03 24.85
C PHE C 255 -2.88 -9.34 23.46
N ASN C 256 -4.09 -8.85 23.14
CA ASN C 256 -4.50 -8.57 21.77
C ASN C 256 -4.47 -7.05 21.64
N PHE C 257 -3.57 -6.53 20.81
CA PHE C 257 -3.39 -5.08 20.83
C PHE C 257 -4.52 -4.33 20.12
N ASN C 258 -5.59 -5.02 19.69
CA ASN C 258 -6.80 -4.28 19.39
C ASN C 258 -7.51 -3.78 20.66
N VAL C 259 -6.98 -4.09 21.85
CA VAL C 259 -7.41 -3.38 23.05
C VAL C 259 -7.06 -1.90 22.93
N MET C 260 -6.01 -1.59 22.18
CA MET C 260 -5.61 -0.20 21.97
C MET C 260 -6.53 0.46 20.95
N ASP C 261 -6.69 1.77 21.10
CA ASP C 261 -7.35 2.58 20.09
C ASP C 261 -6.72 2.34 18.72
N SER C 262 -7.56 2.26 17.69
CA SER C 262 -7.10 1.99 16.33
C SER C 262 -5.92 2.88 15.93
N SER C 263 -5.94 4.14 16.37
CA SER C 263 -4.89 5.09 15.98
C SER C 263 -3.50 4.60 16.39
N THR C 264 -3.38 3.91 17.51
CA THR C 264 -2.07 3.46 17.93
C THR C 264 -1.87 1.97 17.69
N ALA C 265 -2.88 1.25 17.19
CA ALA C 265 -2.75 -0.16 16.80
C ALA C 265 -3.55 -0.42 15.52
N PRO C 266 -3.10 0.14 14.40
CA PRO C 266 -3.74 -0.21 13.12
C PRO C 266 -3.39 -1.61 12.64
N GLY C 267 -2.12 -2.02 12.77
CA GLY C 267 -1.68 -3.30 12.25
C GLY C 267 -2.01 -4.48 13.13
N VAL C 268 -3.29 -4.72 13.35
CA VAL C 268 -3.79 -5.88 14.07
C VAL C 268 -4.87 -6.53 13.21
N THR C 269 -5.19 -7.79 13.56
CA THR C 269 -6.14 -8.55 12.76
C THR C 269 -7.51 -7.88 12.71
N SER C 270 -7.97 -7.32 13.83
CA SER C 270 -9.30 -6.72 13.87
C SER C 270 -9.21 -5.44 14.69
N THR C 271 -8.84 -4.35 14.02
CA THR C 271 -8.60 -3.09 14.71
C THR C 271 -9.92 -2.49 15.21
N GLU C 272 -9.84 -1.74 16.34
CA GLU C 272 -11.06 -1.26 16.99
C GLU C 272 -10.90 0.17 17.48
N PRO C 273 -11.77 1.08 17.04
CA PRO C 273 -11.73 2.45 17.56
C PRO C 273 -12.22 2.49 18.99
N GLY C 274 -11.84 3.56 19.68
CA GLY C 274 -12.36 3.86 21.01
C GLY C 274 -11.73 3.06 22.13
N GLY C 275 -10.43 2.77 22.04
CA GLY C 275 -9.72 1.97 23.00
C GLY C 275 -8.67 2.75 23.78
N LEU C 276 -7.76 2.01 24.42
CA LEU C 276 -6.68 2.60 25.20
C LEU C 276 -5.68 3.34 24.31
N GLU C 277 -5.20 4.47 24.82
CA GLU C 277 -4.13 5.19 24.16
C GLU C 277 -2.78 4.80 24.81
N SER C 278 -1.70 5.08 24.08
CA SER C 278 -0.42 4.46 24.44
C SER C 278 0.01 4.81 25.86
N ARG C 279 -0.13 6.07 26.27
CA ARG C 279 0.29 6.46 27.61
C ARG C 279 -0.50 5.73 28.69
N GLU C 280 -1.75 5.38 28.40
CA GLU C 280 -2.59 4.68 29.37
C GLU C 280 -2.12 3.25 29.55
N MET C 281 -1.80 2.56 28.45
CA MET C 281 -1.29 1.20 28.59
C MET C 281 0.06 1.20 29.29
N MET C 282 0.90 2.22 29.03
CA MET C 282 2.19 2.30 29.72
CA MET C 282 2.18 2.28 29.71
C MET C 282 2.00 2.40 31.22
N ARG C 283 0.97 3.15 31.66
CA ARG C 283 0.67 3.21 33.09
C ARG C 283 0.22 1.85 33.63
N ILE C 284 -0.64 1.17 32.87
CA ILE C 284 -1.13 -0.14 33.27
C ILE C 284 0.02 -1.14 33.40
N VAL C 285 1.00 -1.06 32.50
CA VAL C 285 2.17 -1.92 32.57
C VAL C 285 2.89 -1.74 33.91
N ASP C 286 3.08 -0.49 34.35
CA ASP C 286 3.73 -0.24 35.63
C ASP C 286 2.90 -0.76 36.80
N MET C 287 1.56 -0.65 36.69
CA MET C 287 0.70 -1.17 37.74
C MET C 287 0.83 -2.69 37.84
N ILE C 288 0.88 -3.37 36.69
CA ILE C 288 1.05 -4.82 36.69
C ILE C 288 2.39 -5.19 37.32
N ALA C 289 3.46 -4.52 36.89
CA ALA C 289 4.82 -4.85 37.36
C ALA C 289 5.00 -4.67 38.86
N LYS C 290 4.12 -3.92 39.53
CA LYS C 290 4.25 -3.79 40.97
C LYS C 290 4.02 -5.11 41.70
N ARG C 291 3.38 -6.08 41.04
CA ARG C 291 3.16 -7.38 41.66
C ARG C 291 4.41 -8.26 41.66
N GLY C 292 5.48 -7.81 41.01
CA GLY C 292 6.78 -8.45 41.12
C GLY C 292 6.88 -9.79 40.46
N GLY C 293 6.06 -10.07 39.44
CA GLY C 293 6.21 -11.34 38.76
C GLY C 293 5.06 -11.70 37.87
N VAL C 294 5.37 -12.52 36.85
CA VAL C 294 4.41 -13.01 35.89
C VAL C 294 4.97 -14.32 35.37
N SER C 295 4.08 -15.24 34.99
CA SER C 295 4.52 -16.58 34.61
C SER C 295 4.64 -16.78 33.10
N VAL C 296 3.70 -16.23 32.34
CA VAL C 296 3.71 -16.28 30.88
C VAL C 296 3.23 -14.92 30.36
N ILE C 297 3.84 -14.47 29.27
CA ILE C 297 3.42 -13.28 28.54
C ILE C 297 3.12 -13.70 27.11
N ASP C 298 1.93 -13.37 26.60
CA ASP C 298 1.67 -13.62 25.19
C ASP C 298 1.20 -12.35 24.51
N LEU C 299 1.42 -12.31 23.20
CA LEU C 299 0.82 -11.29 22.36
C LEU C 299 0.44 -11.97 21.05
N THR C 300 -0.81 -11.76 20.64
CA THR C 300 -1.33 -12.37 19.44
C THR C 300 -2.04 -11.31 18.62
N GLU C 301 -2.30 -11.67 17.36
CA GLU C 301 -3.12 -10.96 16.41
C GLU C 301 -2.50 -9.65 15.89
N LEU C 302 -1.19 -9.46 16.06
CA LEU C 302 -0.53 -8.42 15.26
C LEU C 302 -0.62 -8.82 13.80
N CYS C 303 -0.82 -7.84 12.93
CA CYS C 303 -1.11 -8.09 11.52
C CYS C 303 -0.35 -7.10 10.68
N PRO C 304 0.90 -7.39 10.33
CA PRO C 304 1.76 -6.37 9.71
C PRO C 304 1.22 -5.84 8.39
N ILE C 305 0.45 -6.63 7.63
CA ILE C 305 -0.02 -6.15 6.34
C ILE C 305 -0.99 -4.97 6.51
N PHE C 306 -1.66 -4.86 7.67
CA PHE C 306 -2.51 -3.71 7.98
C PHE C 306 -1.79 -2.60 8.76
N ASP C 307 -0.48 -2.71 9.00
CA ASP C 307 0.12 -1.73 9.87
C ASP C 307 0.40 -0.44 9.11
N ILE C 308 0.60 0.63 9.88
CA ILE C 308 0.89 1.95 9.32
C ILE C 308 2.27 2.32 9.85
N SER C 309 3.28 2.28 8.98
CA SER C 309 4.67 2.55 9.36
C SER C 309 5.11 1.79 10.59
N GLY C 310 4.63 0.55 10.72
CA GLY C 310 4.93 -0.31 11.86
C GLY C 310 4.43 0.17 13.20
N THR C 311 3.37 0.99 13.22
CA THR C 311 2.93 1.63 14.46
C THR C 311 2.49 0.61 15.51
N ALA C 312 1.64 -0.35 15.11
CA ALA C 312 1.15 -1.36 16.04
C ALA C 312 2.27 -2.27 16.52
N ALA C 313 3.16 -2.70 15.62
CA ALA C 313 4.27 -3.53 16.05
C ALA C 313 5.18 -2.79 17.03
N ARG C 314 5.44 -1.50 16.75
CA ARG C 314 6.29 -0.71 17.63
C ARG C 314 5.62 -0.46 18.98
N LEU C 315 4.31 -0.20 19.00
CA LEU C 315 3.62 -0.08 20.28
C LEU C 315 3.73 -1.37 21.05
N ALA C 316 3.47 -2.50 20.38
CA ALA C 316 3.58 -3.80 21.03
C ALA C 316 4.99 -4.01 21.59
N ALA C 317 6.01 -3.72 20.78
CA ALA C 317 7.38 -3.91 21.25
C ALA C 317 7.69 -3.02 22.44
N CYS C 318 7.17 -1.79 22.43
CA CYS C 318 7.43 -0.87 23.52
C CYS C 318 6.76 -1.33 24.81
N VAL C 319 5.55 -1.89 24.72
CA VAL C 319 4.85 -2.38 25.90
C VAL C 319 5.58 -3.57 26.52
N ILE C 320 6.02 -4.52 25.68
CA ILE C 320 6.69 -5.72 26.19
C ILE C 320 8.02 -5.35 26.86
N MET C 321 8.81 -4.50 26.20
CA MET C 321 10.12 -4.12 26.75
C MET C 321 9.97 -3.28 28.02
N ARG C 322 9.01 -2.35 28.04
CA ARG C 322 8.76 -1.60 29.28
C ARG C 322 8.27 -2.50 30.40
N LEU C 323 7.49 -3.54 30.07
CA LEU C 323 7.07 -4.50 31.08
C LEU C 323 8.28 -5.24 31.66
N MET C 324 9.19 -5.71 30.81
CA MET C 324 10.41 -6.33 31.31
C MET C 324 11.22 -5.36 32.17
N ALA C 325 11.40 -4.12 31.70
CA ALA C 325 12.17 -3.14 32.46
C ALA C 325 11.49 -2.79 33.77
N SER C 326 10.16 -2.69 33.77
CA SER C 326 9.44 -2.30 34.98
C SER C 326 9.51 -3.41 36.03
N LEU C 327 9.42 -4.67 35.60
CA LEU C 327 9.57 -5.78 36.53
C LEU C 327 10.97 -5.80 37.14
N ALA C 328 11.99 -5.56 36.32
CA ALA C 328 13.35 -5.53 36.85
C ALA C 328 13.52 -4.38 37.82
N ALA C 329 12.92 -3.23 37.53
CA ALA C 329 12.98 -2.11 38.46
C ALA C 329 12.28 -2.47 39.77
N GLN C 330 11.14 -3.16 39.69
CA GLN C 330 10.44 -3.57 40.90
C GLN C 330 11.25 -4.58 41.71
N ASP C 331 11.98 -5.45 41.02
CA ASP C 331 12.82 -6.45 41.66
C ASP C 331 14.11 -5.86 42.18
N GLY C 332 14.35 -4.56 41.98
CA GLY C 332 15.60 -3.95 42.36
C GLY C 332 16.76 -4.26 41.43
N ASP C 333 16.50 -4.93 40.31
CA ASP C 333 17.57 -5.32 39.38
C ASP C 333 17.88 -4.14 38.45
N VAL C 334 18.44 -3.10 39.06
CA VAL C 334 18.81 -1.88 38.36
C VAL C 334 20.32 -1.86 38.27
N ILE C 335 20.85 -0.93 37.48
CA ILE C 335 22.29 -0.88 37.30
C ILE C 335 22.87 0.14 38.26
N ASP C 336 24.16 -0.01 38.56
CA ASP C 336 24.87 0.89 39.46
C ASP C 336 24.90 2.31 38.89
N ASP C 337 24.31 3.24 39.65
CA ASP C 337 24.25 4.63 39.21
CA ASP C 337 24.25 4.64 39.22
C ASP C 337 25.64 5.23 39.00
N LYS C 338 26.67 4.60 39.58
CA LYS C 338 28.02 5.10 39.53
C LYS C 338 28.77 4.68 38.27
N LEU C 339 28.25 3.75 37.49
CA LEU C 339 28.89 3.40 36.22
C LEU C 339 29.04 4.63 35.34
N ARG C 340 30.22 4.76 34.75
CA ARG C 340 30.53 5.83 33.82
C ARG C 340 31.09 5.21 32.54
N ARG C 341 30.96 5.96 31.46
CA ARG C 341 31.45 5.53 30.15
C ARG C 341 32.95 5.29 30.20
N THR C 342 33.35 4.02 30.16
CA THR C 342 34.74 3.59 30.41
C THR C 342 35.12 2.43 29.49
N PHE D 16 -37.22 -33.33 8.36
CA PHE D 16 -38.37 -32.62 7.78
C PHE D 16 -38.16 -31.12 7.80
N GLN D 17 -37.19 -30.67 8.62
CA GLN D 17 -36.89 -29.26 8.71
C GLN D 17 -36.62 -28.70 7.33
N GLY D 18 -35.86 -29.44 6.52
CA GLY D 18 -35.65 -29.06 5.13
C GLY D 18 -36.93 -28.74 4.41
N ALA D 19 -37.90 -29.66 4.45
CA ALA D 19 -39.15 -29.44 3.74
C ALA D 19 -39.90 -28.23 4.29
N MET D 20 -39.97 -28.10 5.60
CA MET D 20 -40.67 -26.97 6.21
C MET D 20 -39.98 -25.65 5.91
N LEU D 21 -38.65 -25.65 5.72
CA LEU D 21 -37.96 -24.40 5.43
C LEU D 21 -37.88 -24.08 3.96
N ASP D 22 -37.91 -25.08 3.07
CA ASP D 22 -37.74 -24.75 1.66
C ASP D 22 -39.05 -24.25 1.05
N ARG D 23 -38.95 -23.69 -0.14
CA ARG D 23 -40.10 -23.16 -0.87
C ARG D 23 -40.08 -23.79 -2.25
N LYS D 24 -40.57 -25.03 -2.33
CA LYS D 24 -40.50 -25.74 -3.61
C LYS D 24 -41.31 -25.02 -4.69
N THR D 25 -42.44 -24.39 -4.32
CA THR D 25 -43.33 -23.80 -5.32
C THR D 25 -42.99 -22.35 -5.65
N GLU D 26 -41.97 -21.76 -5.05
CA GLU D 26 -41.56 -20.40 -5.36
CA GLU D 26 -41.58 -20.41 -5.38
C GLU D 26 -40.39 -20.49 -6.33
N THR D 27 -40.65 -20.19 -7.61
CA THR D 27 -39.69 -20.39 -8.68
C THR D 27 -38.74 -19.21 -8.83
N ALA D 28 -37.47 -19.53 -9.09
CA ALA D 28 -36.46 -18.50 -9.27
C ALA D 28 -36.61 -17.89 -10.66
N LYS D 29 -36.38 -16.60 -10.76
CA LYS D 29 -36.41 -15.88 -12.02
C LYS D 29 -35.02 -15.29 -12.27
N TRP D 30 -34.54 -15.43 -13.51
CA TRP D 30 -33.25 -14.87 -13.92
C TRP D 30 -33.52 -13.43 -14.33
N GLN D 31 -33.17 -12.49 -13.47
CA GLN D 31 -33.51 -11.09 -13.63
CA GLN D 31 -33.50 -11.09 -13.67
C GLN D 31 -32.35 -10.26 -13.12
N PHE D 32 -31.93 -9.26 -13.89
CA PHE D 32 -30.90 -8.30 -13.46
C PHE D 32 -31.23 -6.94 -14.04
N THR D 33 -30.73 -5.91 -13.39
CA THR D 33 -30.86 -4.54 -13.85
C THR D 33 -29.62 -4.14 -14.65
N PRO D 34 -29.76 -3.71 -15.90
CA PRO D 34 -28.57 -3.26 -16.64
C PRO D 34 -27.95 -2.06 -15.95
N HIS D 35 -26.63 -2.13 -15.76
CA HIS D 35 -25.87 -1.10 -15.04
C HIS D 35 -26.34 -0.89 -13.59
N GLN D 36 -26.86 -1.97 -12.98
CA GLN D 36 -27.07 -2.16 -11.55
C GLN D 36 -28.19 -1.34 -10.91
N HIS D 37 -28.15 -0.01 -11.02
CA HIS D 37 -28.94 0.80 -10.08
C HIS D 37 -30.42 0.74 -10.37
N ARG D 38 -31.20 0.52 -9.33
CA ARG D 38 -32.64 0.60 -9.44
CA ARG D 38 -32.64 0.60 -9.44
C ARG D 38 -33.08 1.98 -8.94
N GLY D 39 -34.32 2.10 -8.47
CA GLY D 39 -34.83 3.39 -8.07
C GLY D 39 -35.26 4.23 -9.27
N PRO D 40 -35.44 5.53 -9.06
CA PRO D 40 -36.00 6.36 -10.14
C PRO D 40 -35.25 6.33 -11.46
N ALA D 41 -33.91 6.21 -11.46
CA ALA D 41 -33.14 6.25 -12.70
C ALA D 41 -32.74 4.86 -13.20
N GLU D 42 -33.54 3.84 -12.90
CA GLU D 42 -33.25 2.50 -13.37
C GLU D 42 -33.39 2.41 -14.87
N GLN D 43 -32.45 1.71 -15.52
CA GLN D 43 -32.57 1.43 -16.94
C GLN D 43 -33.28 0.10 -17.14
N PHE D 44 -34.03 -0.01 -18.25
CA PHE D 44 -34.86 -1.19 -18.49
C PHE D 44 -34.65 -1.83 -19.84
N GLY D 45 -33.82 -1.27 -20.71
CA GLY D 45 -33.63 -1.84 -22.03
C GLY D 45 -33.10 -3.26 -21.96
N GLU D 46 -33.66 -4.12 -22.81
N GLU D 46 -33.65 -4.12 -22.82
CA GLU D 46 -33.29 -5.54 -22.84
CA GLU D 46 -33.28 -5.53 -22.80
C GLU D 46 -31.78 -5.73 -23.04
C GLU D 46 -31.79 -5.76 -23.08
N ASN D 47 -31.17 -4.92 -23.91
CA ASN D 47 -29.75 -5.06 -24.20
C ASN D 47 -28.89 -3.97 -23.61
N ASP D 48 -29.45 -3.14 -22.71
CA ASP D 48 -28.73 -1.97 -22.21
C ASP D 48 -27.39 -2.33 -21.59
N HIS D 49 -27.24 -3.54 -21.07
CA HIS D 49 -26.00 -3.92 -20.40
C HIS D 49 -24.81 -4.08 -21.36
N ILE D 50 -25.04 -4.21 -22.67
CA ILE D 50 -23.92 -4.28 -23.61
C ILE D 50 -23.61 -2.94 -24.27
N TYR D 51 -24.32 -1.86 -23.90
CA TYR D 51 -24.10 -0.55 -24.50
C TYR D 51 -23.61 0.41 -23.41
N SER D 52 -22.93 1.49 -23.83
CA SER D 52 -22.63 2.59 -22.91
C SER D 52 -23.85 2.90 -22.03
N PRO D 53 -23.68 3.14 -20.73
CA PRO D 53 -24.85 3.42 -19.90
C PRO D 53 -25.48 4.75 -20.32
N LYS D 54 -26.81 4.83 -20.13
CA LYS D 54 -27.58 5.94 -20.67
C LYS D 54 -28.01 6.97 -19.63
N LEU D 55 -28.51 6.53 -18.48
CA LEU D 55 -29.04 7.45 -17.49
C LEU D 55 -28.04 7.80 -16.39
N HIS D 56 -26.95 7.08 -16.29
CA HIS D 56 -26.00 7.23 -15.20
C HIS D 56 -24.73 6.46 -15.54
N ASN D 57 -23.81 6.39 -14.59
CA ASN D 57 -22.50 5.78 -14.79
C ASN D 57 -22.47 4.29 -14.47
N GLY D 58 -23.59 3.68 -14.07
CA GLY D 58 -23.51 2.29 -13.64
C GLY D 58 -22.53 2.13 -12.48
N SER D 59 -21.75 1.05 -12.50
CA SER D 59 -20.81 0.78 -11.41
C SER D 59 -19.33 0.91 -11.84
N PHE D 60 -19.07 1.65 -12.91
CA PHE D 60 -17.70 1.76 -13.42
C PHE D 60 -16.79 2.53 -12.49
N LYS D 61 -17.34 3.40 -11.63
CA LYS D 61 -16.51 4.13 -10.69
C LYS D 61 -16.71 3.63 -9.27
N SER D 62 -17.97 3.46 -8.87
CA SER D 62 -18.34 3.01 -7.54
C SER D 62 -19.07 1.69 -7.66
N ARG D 63 -18.57 0.70 -6.94
CA ARG D 63 -18.97 -0.70 -7.15
C ARG D 63 -20.42 -0.97 -6.76
N GLY D 64 -20.98 -0.25 -5.78
CA GLY D 64 -22.34 -0.53 -5.35
C GLY D 64 -22.46 -1.96 -4.84
N LEU D 65 -23.55 -2.62 -5.19
CA LEU D 65 -23.80 -3.99 -4.76
C LEU D 65 -23.56 -4.93 -5.94
N ALA D 66 -22.32 -5.03 -6.39
CA ALA D 66 -22.03 -5.74 -7.63
C ALA D 66 -21.87 -7.24 -7.38
N THR D 67 -22.49 -8.04 -8.25
CA THR D 67 -22.22 -9.46 -8.34
C THR D 67 -21.21 -9.69 -9.45
N PHE D 68 -20.71 -10.92 -9.54
CA PHE D 68 -19.87 -11.27 -10.68
C PHE D 68 -20.60 -10.92 -11.98
N MET D 69 -19.96 -10.06 -12.80
CA MET D 69 -20.50 -9.65 -14.09
C MET D 69 -21.82 -8.88 -13.97
N GLY D 70 -22.23 -8.52 -12.75
CA GLY D 70 -23.56 -7.96 -12.60
C GLY D 70 -24.67 -8.96 -12.81
N ALA D 71 -24.35 -10.26 -12.86
CA ALA D 71 -25.33 -11.32 -13.12
C ALA D 71 -26.30 -11.47 -11.94
N PRO D 72 -27.49 -12.03 -12.17
CA PRO D 72 -28.38 -12.33 -11.03
C PRO D 72 -27.71 -13.26 -10.03
N TYR D 73 -27.96 -13.00 -8.76
CA TYR D 73 -27.63 -13.98 -7.75
C TYR D 73 -28.60 -15.15 -7.82
N CYS D 74 -28.09 -16.36 -7.64
CA CYS D 74 -28.92 -17.54 -7.62
C CYS D 74 -28.34 -18.41 -6.52
N PRO D 75 -29.15 -18.87 -5.56
CA PRO D 75 -28.60 -19.74 -4.54
C PRO D 75 -28.12 -21.03 -5.18
N PRO D 76 -27.05 -21.60 -4.67
CA PRO D 76 -26.57 -22.88 -5.21
C PRO D 76 -27.50 -24.03 -4.84
N ASP D 77 -28.55 -24.15 -5.66
CA ASP D 77 -29.67 -25.05 -5.45
C ASP D 77 -30.06 -25.54 -6.83
N ARG D 78 -29.92 -26.85 -7.07
CA ARG D 78 -30.15 -27.39 -8.41
C ARG D 78 -31.50 -26.97 -8.99
N HIS D 79 -32.53 -26.94 -8.17
CA HIS D 79 -33.86 -26.60 -8.70
C HIS D 79 -33.97 -25.13 -9.05
N LYS D 80 -33.37 -24.25 -8.25
CA LYS D 80 -33.39 -22.82 -8.57
C LYS D 80 -32.54 -22.53 -9.80
N ILE D 81 -31.37 -23.15 -9.90
CA ILE D 81 -30.51 -22.94 -11.06
C ILE D 81 -31.25 -23.35 -12.33
N ARG D 82 -31.89 -24.52 -12.32
CA ARG D 82 -32.61 -25.00 -13.49
C ARG D 82 -33.82 -24.12 -13.80
N GLU D 83 -34.51 -23.63 -12.76
CA GLU D 83 -35.63 -22.70 -13.01
C GLU D 83 -35.14 -21.45 -13.72
N MET D 84 -33.98 -20.93 -13.34
CA MET D 84 -33.47 -19.77 -14.03
C MET D 84 -32.97 -20.10 -15.43
N GLY D 85 -32.72 -21.38 -15.72
CA GLY D 85 -32.13 -21.74 -16.98
C GLY D 85 -30.68 -21.33 -17.09
N ALA D 86 -29.98 -21.18 -15.96
CA ALA D 86 -28.58 -20.79 -15.97
C ALA D 86 -27.71 -21.90 -16.53
N LYS D 87 -26.81 -21.53 -17.45
CA LYS D 87 -25.89 -22.49 -18.06
C LYS D 87 -24.45 -22.29 -17.59
N ILE D 88 -24.19 -21.19 -16.90
CA ILE D 88 -22.91 -20.96 -16.23
C ILE D 88 -23.20 -20.46 -14.80
N CYS D 89 -22.67 -21.17 -13.80
CA CYS D 89 -22.66 -20.67 -12.43
C CYS D 89 -21.25 -20.19 -12.07
N PHE D 90 -21.14 -18.94 -11.62
CA PHE D 90 -19.94 -18.50 -10.92
C PHE D 90 -20.08 -18.84 -9.44
N LEU D 91 -19.14 -19.61 -8.91
CA LEU D 91 -19.18 -19.99 -7.50
C LEU D 91 -17.81 -19.77 -6.89
N ALA D 92 -17.74 -18.87 -5.92
CA ALA D 92 -16.49 -18.59 -5.22
C ALA D 92 -16.27 -19.63 -4.12
N VAL D 93 -15.03 -20.10 -4.02
CA VAL D 93 -14.61 -21.01 -2.95
C VAL D 93 -13.41 -20.38 -2.25
N PRO D 94 -13.63 -19.43 -1.34
CA PRO D 94 -12.51 -18.66 -0.79
C PRO D 94 -11.64 -19.41 0.21
N TRP D 95 -11.98 -20.65 0.59
CA TRP D 95 -11.20 -21.46 1.52
C TRP D 95 -9.70 -21.36 1.25
N ASP D 96 -8.95 -20.87 2.22
CA ASP D 96 -7.52 -20.73 2.03
C ASP D 96 -6.76 -21.33 3.22
N GLN D 97 -7.38 -22.28 3.92
CA GLN D 97 -6.73 -22.96 5.03
C GLN D 97 -6.52 -24.45 4.73
N GLY D 98 -6.42 -24.78 3.44
CA GLY D 98 -5.88 -26.07 3.03
C GLY D 98 -4.52 -25.81 2.43
N GLN D 99 -3.85 -24.77 2.94
CA GLN D 99 -2.77 -24.09 2.25
C GLN D 99 -1.43 -24.39 2.92
N ILE D 100 -0.46 -24.87 2.12
CA ILE D 100 0.85 -25.15 2.71
C ILE D 100 1.82 -23.97 2.60
N VAL D 101 1.49 -22.92 1.86
CA VAL D 101 2.40 -21.79 1.75
C VAL D 101 1.98 -20.68 2.72
N ARG D 102 1.05 -19.82 2.31
N ARG D 102 1.04 -19.82 2.30
CA ARG D 102 0.58 -18.78 3.23
CA ARG D 102 0.59 -18.71 3.14
C ARG D 102 -0.82 -18.34 2.82
C ARG D 102 -0.85 -18.36 2.80
N ALA D 103 -1.58 -17.90 3.82
CA ALA D 103 -2.97 -17.52 3.61
C ALA D 103 -3.05 -16.22 2.82
N GLY D 104 -4.25 -15.91 2.32
CA GLY D 104 -4.46 -14.71 1.53
C GLY D 104 -5.45 -14.89 0.41
N ALA D 105 -5.54 -16.12 -0.12
CA ALA D 105 -6.44 -16.40 -1.24
C ALA D 105 -7.91 -16.30 -0.85
N SER D 106 -8.23 -16.28 0.46
CA SER D 106 -9.62 -16.01 0.86
C SER D 106 -10.12 -14.64 0.40
N GLN D 107 -9.23 -13.71 0.07
CA GLN D 107 -9.63 -12.38 -0.40
C GLN D 107 -9.75 -12.29 -1.93
N GLY D 108 -9.46 -13.38 -2.65
CA GLY D 108 -9.46 -13.31 -4.10
C GLY D 108 -10.81 -12.97 -4.70
N ALA D 109 -11.86 -13.70 -4.29
CA ALA D 109 -13.16 -13.57 -4.94
C ALA D 109 -13.73 -12.15 -4.85
N ALA D 110 -13.52 -11.48 -3.72
CA ALA D 110 -13.98 -10.10 -3.58
C ALA D 110 -13.27 -9.17 -4.56
N GLY D 111 -11.95 -9.32 -4.70
CA GLY D 111 -11.25 -8.52 -5.68
C GLY D 111 -11.70 -8.84 -7.10
N LEU D 112 -11.95 -10.12 -7.37
CA LEU D 112 -12.45 -10.52 -8.69
C LEU D 112 -13.80 -9.87 -9.00
N ARG D 113 -14.78 -10.04 -8.11
CA ARG D 113 -16.11 -9.46 -8.37
C ARG D 113 -16.03 -7.96 -8.58
N ASP D 114 -15.27 -7.25 -7.72
CA ASP D 114 -15.13 -5.81 -7.86
CA ASP D 114 -15.11 -5.81 -7.86
C ASP D 114 -14.51 -5.44 -9.21
N ALA D 115 -13.56 -6.25 -9.70
CA ALA D 115 -12.89 -5.94 -10.96
C ALA D 115 -13.83 -6.13 -12.15
N THR D 116 -14.86 -6.98 -12.04
CA THR D 116 -15.78 -7.11 -13.16
C THR D 116 -16.59 -5.84 -13.39
N THR D 117 -16.67 -4.94 -12.40
CA THR D 117 -17.32 -3.65 -12.67
C THR D 117 -16.52 -2.78 -13.64
N GLN D 118 -15.27 -3.11 -13.91
CA GLN D 118 -14.46 -2.36 -14.87
C GLN D 118 -14.66 -2.80 -16.32
N TYR D 119 -15.62 -3.68 -16.58
CA TYR D 119 -15.82 -4.26 -17.90
C TYR D 119 -17.30 -4.30 -18.26
N PHE D 120 -17.58 -4.40 -19.56
CA PHE D 120 -18.94 -4.75 -19.95
C PHE D 120 -19.03 -6.27 -20.07
N PRO D 121 -20.22 -6.85 -19.98
CA PRO D 121 -20.37 -8.28 -20.26
C PRO D 121 -20.37 -8.60 -21.75
N TYR D 122 -20.06 -7.60 -22.57
CA TYR D 122 -19.99 -7.78 -24.01
C TYR D 122 -18.52 -7.80 -24.42
N MET D 123 -18.14 -8.79 -25.22
CA MET D 123 -16.78 -8.89 -25.71
C MET D 123 -16.77 -8.68 -27.21
N PHE D 124 -16.26 -7.53 -27.65
CA PHE D 124 -16.22 -7.26 -29.08
C PHE D 124 -15.28 -8.18 -29.81
N GLU D 125 -14.29 -8.77 -29.13
CA GLU D 125 -13.35 -9.65 -29.82
C GLU D 125 -14.03 -10.95 -30.29
N TYR D 126 -15.16 -11.32 -29.69
CA TYR D 126 -15.93 -12.48 -30.10
C TYR D 126 -17.33 -12.13 -30.56
N ASP D 127 -17.75 -10.88 -30.39
CA ASP D 127 -19.13 -10.42 -30.58
C ASP D 127 -20.08 -11.30 -29.78
N VAL D 128 -19.91 -11.29 -28.47
CA VAL D 128 -20.71 -12.12 -27.58
C VAL D 128 -21.12 -11.31 -26.35
N ASP D 129 -22.41 -11.35 -26.02
CA ASP D 129 -22.94 -10.91 -24.73
C ASP D 129 -22.87 -12.14 -23.80
N LEU D 130 -21.79 -12.20 -23.00
CA LEU D 130 -21.56 -13.35 -22.11
C LEU D 130 -22.75 -13.60 -21.20
N LEU D 131 -23.33 -12.54 -20.68
CA LEU D 131 -24.34 -12.65 -19.65
C LEU D 131 -25.59 -13.34 -20.19
N SER D 132 -26.16 -12.81 -21.28
CA SER D 132 -27.36 -13.45 -21.79
C SER D 132 -27.07 -14.71 -22.61
N PHE D 133 -25.85 -14.87 -23.16
CA PHE D 133 -25.57 -16.09 -23.93
C PHE D 133 -25.62 -17.32 -23.05
N PHE D 134 -25.04 -17.25 -21.86
CA PHE D 134 -24.96 -18.33 -20.92
C PHE D 134 -26.00 -18.26 -19.79
N ARG D 135 -26.73 -17.15 -19.67
CA ARG D 135 -27.54 -16.88 -18.46
C ARG D 135 -26.69 -17.11 -17.21
N VAL D 136 -25.57 -16.39 -17.16
CA VAL D 136 -24.68 -16.46 -16.01
C VAL D 136 -25.44 -16.13 -14.74
N VAL D 137 -25.12 -16.84 -13.66
CA VAL D 137 -25.53 -16.46 -12.33
C VAL D 137 -24.31 -16.46 -11.42
N ASP D 138 -24.37 -15.62 -10.39
CA ASP D 138 -23.41 -15.60 -9.29
C ASP D 138 -24.06 -16.38 -8.15
N CYS D 139 -23.47 -17.53 -7.79
CA CYS D 139 -23.99 -18.37 -6.73
C CYS D 139 -23.42 -18.04 -5.35
N GLY D 140 -22.72 -16.90 -5.20
CA GLY D 140 -22.19 -16.55 -3.90
C GLY D 140 -20.89 -17.28 -3.57
N ASP D 141 -20.63 -17.44 -2.27
CA ASP D 141 -19.42 -18.08 -1.80
C ASP D 141 -19.77 -19.41 -1.13
N VAL D 142 -18.87 -20.38 -1.26
CA VAL D 142 -19.00 -21.58 -0.43
C VAL D 142 -18.60 -21.24 1.00
N PRO D 143 -19.42 -21.58 1.99
CA PRO D 143 -19.03 -21.33 3.38
C PRO D 143 -17.84 -22.20 3.79
N THR D 144 -17.10 -21.72 4.79
CA THR D 144 -15.96 -22.44 5.31
C THR D 144 -16.14 -22.72 6.79
N VAL D 145 -15.43 -23.75 7.24
CA VAL D 145 -15.28 -24.10 8.64
C VAL D 145 -13.81 -23.92 9.00
N PRO D 146 -13.44 -22.77 9.57
CA PRO D 146 -12.02 -22.46 9.80
C PRO D 146 -11.33 -23.54 10.62
N GLY D 147 -10.07 -23.82 10.26
CA GLY D 147 -9.31 -24.89 10.88
C GLY D 147 -9.69 -26.30 10.46
N ASN D 148 -10.76 -26.47 9.69
CA ASN D 148 -11.28 -27.80 9.39
C ASN D 148 -11.31 -27.99 7.87
N ASN D 149 -10.15 -28.37 7.33
CA ASN D 149 -9.99 -28.61 5.90
C ASN D 149 -10.91 -29.71 5.40
N ILE D 150 -11.07 -30.78 6.19
CA ILE D 150 -11.92 -31.89 5.80
C ILE D 150 -13.35 -31.44 5.59
N LYS D 151 -13.92 -30.74 6.57
CA LYS D 151 -15.32 -30.38 6.50
C LYS D 151 -15.55 -29.29 5.47
N SER D 152 -14.62 -28.33 5.37
CA SER D 152 -14.74 -27.27 4.37
C SER D 152 -14.75 -27.85 2.97
N GLN D 153 -13.92 -28.86 2.71
CA GLN D 153 -13.93 -29.50 1.39
C GLN D 153 -15.22 -30.28 1.15
N GLU D 154 -15.83 -30.87 2.20
CA GLU D 154 -17.13 -31.52 2.03
CA GLU D 154 -17.12 -31.53 2.01
C GLU D 154 -18.19 -30.52 1.60
N TYR D 155 -18.14 -29.31 2.18
CA TYR D 155 -19.07 -28.26 1.76
C TYR D 155 -18.88 -27.90 0.29
N THR D 156 -17.62 -27.70 -0.13
CA THR D 156 -17.36 -27.31 -1.51
C THR D 156 -17.93 -28.33 -2.50
N ALA D 157 -17.68 -29.62 -2.26
CA ALA D 157 -18.19 -30.63 -3.17
C ALA D 157 -19.72 -30.61 -3.23
N ASP D 158 -20.38 -30.48 -2.08
CA ASP D 158 -21.83 -30.44 -2.09
C ASP D 158 -22.38 -29.21 -2.80
N TYR D 159 -21.70 -28.05 -2.64
CA TYR D 159 -22.14 -26.86 -3.38
C TYR D 159 -21.90 -27.03 -4.87
N VAL D 160 -20.73 -27.56 -5.26
CA VAL D 160 -20.47 -27.75 -6.68
C VAL D 160 -21.49 -28.71 -7.28
N THR D 161 -21.86 -29.73 -6.52
CA THR D 161 -22.86 -30.71 -6.99
C THR D 161 -24.18 -30.04 -7.33
N GLU D 162 -24.63 -29.07 -6.53
CA GLU D 162 -25.89 -28.38 -6.83
C GLU D 162 -25.82 -27.66 -8.18
N CYS D 163 -24.69 -27.01 -8.49
CA CYS D 163 -24.56 -26.32 -9.77
C CYS D 163 -24.61 -27.30 -10.94
N LEU D 164 -23.86 -28.41 -10.85
CA LEU D 164 -23.86 -29.41 -11.92
C LEU D 164 -25.24 -30.03 -12.09
N GLU D 165 -25.86 -30.44 -10.98
CA GLU D 165 -27.20 -31.02 -11.07
C GLU D 165 -28.22 -29.98 -11.52
N GLY D 166 -27.93 -28.69 -11.37
CA GLY D 166 -28.84 -27.71 -11.90
C GLY D 166 -28.78 -27.55 -13.41
N GLY D 167 -27.84 -28.25 -14.05
CA GLY D 167 -27.68 -28.19 -15.49
C GLY D 167 -26.69 -27.15 -16.00
N ALA D 168 -25.88 -26.57 -15.13
CA ALA D 168 -24.93 -25.55 -15.53
C ALA D 168 -23.50 -26.09 -15.54
N LYS D 169 -22.66 -25.47 -16.36
CA LYS D 169 -21.23 -25.60 -16.20
C LYS D 169 -20.73 -24.51 -15.25
N VAL D 170 -19.55 -24.73 -14.67
CA VAL D 170 -19.19 -24.02 -13.45
C VAL D 170 -17.86 -23.31 -13.63
N ILE D 171 -17.79 -22.08 -13.13
CA ILE D 171 -16.56 -21.33 -12.94
C ILE D 171 -16.35 -21.28 -11.43
N LEU D 172 -15.28 -21.94 -10.95
CA LEU D 172 -14.97 -22.01 -9.53
C LEU D 172 -13.80 -21.07 -9.24
N PHE D 173 -13.97 -20.16 -8.29
CA PHE D 173 -12.95 -19.17 -8.03
C PHE D 173 -12.43 -19.31 -6.60
N GLY D 174 -11.15 -19.61 -6.50
CA GLY D 174 -10.63 -20.08 -5.25
C GLY D 174 -10.11 -19.03 -4.31
N GLY D 175 -9.95 -19.53 -3.09
CA GLY D 175 -8.77 -19.46 -2.30
C GLY D 175 -7.74 -20.42 -2.87
N ASP D 176 -7.27 -21.37 -2.05
CA ASP D 176 -6.08 -22.15 -2.38
C ASP D 176 -6.38 -23.34 -3.31
N HIS D 177 -5.29 -23.98 -3.73
CA HIS D 177 -5.36 -25.06 -4.70
C HIS D 177 -5.75 -26.40 -4.09
N SER D 178 -6.30 -26.44 -2.88
CA SER D 178 -7.03 -27.63 -2.48
C SER D 178 -8.33 -27.76 -3.25
N LEU D 179 -8.77 -26.67 -3.90
CA LEU D 179 -10.05 -26.60 -4.60
C LEU D 179 -10.32 -27.76 -5.57
N PRO D 180 -9.41 -28.17 -6.45
CA PRO D 180 -9.71 -29.27 -7.37
C PRO D 180 -9.97 -30.61 -6.69
N ILE D 181 -9.66 -30.75 -5.40
CA ILE D 181 -9.93 -32.02 -4.73
C ILE D 181 -11.45 -32.17 -4.61
N PRO D 182 -12.16 -31.32 -3.85
CA PRO D 182 -13.64 -31.44 -3.88
C PRO D 182 -14.23 -31.13 -5.26
N GLY D 183 -13.61 -30.22 -6.02
CA GLY D 183 -14.12 -29.88 -7.34
C GLY D 183 -14.15 -31.08 -8.28
N ALA D 184 -13.03 -31.77 -8.43
CA ALA D 184 -13.03 -32.94 -9.31
C ALA D 184 -13.83 -34.09 -8.71
N LYS D 185 -13.86 -34.21 -7.39
CA LYS D 185 -14.73 -35.18 -6.72
C LYS D 185 -16.19 -34.97 -7.12
N ALA D 186 -16.67 -33.73 -7.09
CA ALA D 186 -18.05 -33.46 -7.49
C ALA D 186 -18.25 -33.77 -8.97
N LEU D 187 -17.33 -33.32 -9.82
CA LEU D 187 -17.51 -33.61 -11.24
C LEU D 187 -17.43 -35.11 -11.51
N SER D 188 -16.54 -35.81 -10.81
CA SER D 188 -16.44 -37.25 -11.03
C SER D 188 -17.75 -37.94 -10.69
N ARG D 189 -18.34 -37.60 -9.52
CA ARG D 189 -19.60 -38.18 -9.11
C ARG D 189 -20.71 -37.89 -10.12
N PHE D 190 -20.77 -36.65 -10.61
CA PHE D 190 -21.78 -36.28 -11.61
C PHE D 190 -21.58 -37.06 -12.91
N THR D 191 -20.33 -37.33 -13.27
CA THR D 191 -20.03 -38.04 -14.51
C THR D 191 -20.38 -39.53 -14.44
N GLY D 192 -20.46 -40.10 -13.24
CA GLY D 192 -20.95 -41.47 -13.07
C GLY D 192 -20.14 -42.52 -13.83
N SER D 193 -20.81 -43.30 -14.67
CA SER D 193 -20.14 -44.36 -15.42
C SER D 193 -19.37 -43.83 -16.64
N GLY D 194 -19.46 -42.53 -16.93
CA GLY D 194 -18.67 -41.93 -17.99
C GLY D 194 -17.24 -41.71 -17.51
N LYS D 195 -16.44 -41.08 -18.37
CA LYS D 195 -15.03 -40.82 -18.08
C LYS D 195 -14.75 -39.33 -17.98
N MET D 196 -13.84 -38.98 -17.08
CA MET D 196 -13.49 -37.60 -16.80
C MET D 196 -12.02 -37.35 -17.11
N GLY D 197 -11.74 -36.21 -17.74
CA GLY D 197 -10.38 -35.76 -17.92
C GLY D 197 -10.01 -34.73 -16.84
N TYR D 198 -8.72 -34.45 -16.73
CA TYR D 198 -8.23 -33.54 -15.68
C TYR D 198 -7.01 -32.81 -16.21
N LEU D 199 -7.11 -31.51 -16.36
CA LEU D 199 -6.04 -30.65 -16.83
C LEU D 199 -5.62 -29.72 -15.69
N HIS D 200 -4.32 -29.68 -15.41
CA HIS D 200 -3.78 -28.91 -14.28
C HIS D 200 -2.70 -27.95 -14.80
N VAL D 201 -2.96 -26.65 -14.75
CA VAL D 201 -2.03 -25.64 -15.24
C VAL D 201 -1.50 -24.84 -14.06
N ASP D 202 -0.17 -24.84 -13.92
CA ASP D 202 0.42 -24.48 -12.64
C ASP D 202 1.93 -24.33 -12.83
N CYS D 203 2.56 -23.43 -12.07
CA CYS D 203 4.01 -23.43 -12.03
C CYS D 203 4.50 -24.67 -11.29
N HIS D 204 3.66 -25.21 -10.41
CA HIS D 204 4.03 -26.26 -9.49
C HIS D 204 3.33 -27.56 -9.85
N LEU D 205 4.04 -28.67 -9.67
CA LEU D 205 3.52 -29.97 -10.10
C LEU D 205 2.38 -30.47 -9.22
N ASP D 206 2.24 -29.96 -7.99
CA ASP D 206 1.10 -30.26 -7.13
C ASP D 206 0.73 -31.75 -7.12
N ALA D 207 1.71 -32.59 -6.81
CA ALA D 207 1.48 -34.02 -6.80
C ALA D 207 2.10 -34.68 -5.58
N GLY D 208 1.99 -34.05 -4.42
CA GLY D 208 2.41 -34.70 -3.20
C GLY D 208 1.48 -35.84 -2.86
N PRO D 209 2.02 -37.04 -2.62
CA PRO D 209 1.14 -38.14 -2.19
C PRO D 209 0.44 -37.79 -0.90
N ASP D 210 1.16 -37.09 -0.03
CA ASP D 210 0.63 -36.44 1.16
C ASP D 210 1.62 -35.35 1.52
N TRP D 211 1.17 -34.41 2.33
CA TRP D 211 2.04 -33.38 2.86
C TRP D 211 1.97 -33.46 4.38
N ALA D 212 3.07 -33.89 5.00
CA ALA D 212 3.12 -34.11 6.45
C ALA D 212 1.96 -35.01 6.89
N GLY D 213 1.71 -36.08 6.14
CA GLY D 213 0.67 -37.03 6.42
C GLY D 213 -0.71 -36.66 5.91
N ASN D 214 -0.88 -35.45 5.41
CA ASN D 214 -2.19 -34.97 4.98
C ASN D 214 -2.33 -35.20 3.48
N LEU D 215 -3.41 -35.90 3.09
CA LEU D 215 -3.61 -36.20 1.69
C LEU D 215 -4.28 -35.10 0.89
N ILE D 216 -4.92 -34.12 1.55
CA ILE D 216 -5.79 -33.22 0.81
C ILE D 216 -5.42 -31.76 1.02
N THR D 217 -4.12 -31.45 0.99
CA THR D 217 -3.69 -30.05 0.95
C THR D 217 -3.65 -29.55 -0.49
N ASN D 218 -3.31 -28.27 -0.66
CA ASN D 218 -3.26 -27.65 -1.97
C ASN D 218 -2.04 -28.07 -2.79
N CYS D 219 -1.29 -29.09 -2.37
CA CYS D 219 -0.24 -29.62 -3.24
C CYS D 219 -0.55 -31.04 -3.71
N SER D 220 -1.83 -31.45 -3.67
CA SER D 220 -2.18 -32.83 -4.00
C SER D 220 -3.34 -32.96 -4.96
N GLY D 221 -3.69 -31.90 -5.71
CA GLY D 221 -4.81 -31.99 -6.63
C GLY D 221 -4.67 -33.13 -7.63
N ALA D 222 -3.47 -33.30 -8.19
CA ALA D 222 -3.33 -34.31 -9.25
C ALA D 222 -3.44 -35.73 -8.71
N PRO D 223 -2.72 -36.14 -7.65
CA PRO D 223 -2.93 -37.51 -7.14
C PRO D 223 -4.37 -37.77 -6.69
N ARG D 224 -5.02 -36.79 -6.07
CA ARG D 224 -6.40 -37.04 -5.65
C ARG D 224 -7.32 -37.22 -6.86
N ALA D 225 -7.06 -36.49 -7.94
CA ALA D 225 -7.85 -36.68 -9.16
C ALA D 225 -7.63 -38.08 -9.72
N LEU D 226 -6.36 -38.52 -9.79
CA LEU D 226 -6.06 -39.86 -10.29
C LEU D 226 -6.71 -40.94 -9.44
N ASP D 227 -6.94 -40.66 -8.15
CA ASP D 227 -7.64 -41.64 -7.32
C ASP D 227 -9.10 -41.82 -7.72
N LEU D 228 -9.70 -40.85 -8.40
CA LEU D 228 -11.12 -40.97 -8.73
C LEU D 228 -11.36 -42.16 -9.65
N PRO D 229 -12.48 -42.88 -9.45
CA PRO D 229 -12.70 -44.13 -10.19
C PRO D 229 -12.81 -43.95 -11.69
N ASN D 230 -13.25 -42.79 -12.17
CA ASN D 230 -13.45 -42.58 -13.61
C ASN D 230 -12.52 -41.52 -14.19
N CYS D 231 -11.41 -41.23 -13.51
CA CYS D 231 -10.40 -40.31 -14.03
C CYS D 231 -9.15 -41.13 -14.29
N ASN D 232 -8.75 -41.21 -15.55
CA ASN D 232 -7.66 -42.08 -15.95
C ASN D 232 -6.42 -41.27 -16.33
N ALA D 233 -5.26 -41.89 -16.10
CA ALA D 233 -3.98 -41.23 -16.32
C ALA D 233 -3.86 -40.75 -17.76
N ARG D 234 -4.41 -41.51 -18.71
CA ARG D 234 -4.33 -41.12 -20.12
C ARG D 234 -5.13 -39.86 -20.43
N ASN D 235 -6.06 -39.45 -19.56
CA ASN D 235 -6.81 -38.22 -19.77
C ASN D 235 -6.40 -37.12 -18.80
N MET D 236 -5.22 -37.25 -18.19
CA MET D 236 -4.68 -36.22 -17.30
C MET D 236 -3.43 -35.57 -17.91
N ALA D 237 -3.21 -34.31 -17.55
CA ALA D 237 -2.05 -33.60 -18.05
C ALA D 237 -1.76 -32.40 -17.16
N HIS D 238 -0.50 -31.99 -17.17
CA HIS D 238 -0.02 -30.83 -16.41
C HIS D 238 0.80 -29.94 -17.34
N MET D 239 0.53 -28.63 -17.30
CA MET D 239 1.26 -27.63 -18.09
C MET D 239 1.74 -26.49 -17.21
N GLY D 240 2.93 -25.96 -17.53
CA GLY D 240 3.39 -24.71 -16.94
C GLY D 240 4.50 -24.82 -15.92
N SER D 241 4.94 -26.02 -15.56
CA SER D 241 5.86 -26.16 -14.44
C SER D 241 7.25 -25.60 -14.75
N ARG D 242 7.91 -25.11 -13.70
CA ARG D 242 9.29 -24.65 -13.78
C ARG D 242 9.79 -24.34 -12.36
N ASN D 243 11.10 -24.16 -12.24
CA ASN D 243 11.73 -23.74 -10.99
C ASN D 243 11.60 -24.81 -9.90
N SER D 244 12.13 -24.52 -8.72
CA SER D 244 12.45 -25.56 -7.74
C SER D 244 11.54 -25.55 -6.51
N LEU D 245 10.38 -24.91 -6.56
CA LEU D 245 9.36 -25.23 -5.57
C LEU D 245 8.60 -26.45 -6.11
N ASN D 246 9.33 -27.56 -6.18
CA ASN D 246 8.85 -28.77 -6.81
C ASN D 246 9.62 -29.95 -6.23
N PRO D 247 9.20 -30.46 -5.08
CA PRO D 247 9.90 -31.61 -4.49
C PRO D 247 9.84 -32.82 -5.41
N LYS D 248 10.83 -33.70 -5.28
CA LYS D 248 11.02 -34.80 -6.22
C LYS D 248 9.79 -35.69 -6.33
N ASP D 249 9.08 -35.92 -5.22
CA ASP D 249 7.93 -36.82 -5.28
C ASP D 249 6.83 -36.27 -6.18
N TRP D 250 6.75 -34.94 -6.34
CA TRP D 250 5.75 -34.36 -7.23
C TRP D 250 6.04 -34.72 -8.69
N TRP D 251 7.32 -34.73 -9.06
CA TRP D 251 7.72 -35.11 -10.41
C TRP D 251 7.64 -36.64 -10.59
N ASP D 252 8.01 -37.40 -9.56
CA ASP D 252 7.93 -38.86 -9.62
C ASP D 252 6.51 -39.34 -9.93
N PHE D 253 5.50 -38.64 -9.40
CA PHE D 253 4.11 -39.01 -9.65
C PHE D 253 3.81 -39.08 -11.14
N TYR D 254 4.26 -38.08 -11.89
CA TYR D 254 3.97 -38.05 -13.31
C TYR D 254 4.78 -39.09 -14.07
N VAL D 255 6.03 -39.32 -13.68
CA VAL D 255 6.82 -40.37 -14.31
C VAL D 255 6.21 -41.73 -14.03
N ASP D 256 5.84 -41.99 -12.78
CA ASP D 256 5.40 -43.33 -12.37
C ASP D 256 4.05 -43.70 -12.99
N ASN D 257 3.19 -42.72 -13.23
CA ASN D 257 1.85 -42.97 -13.74
C ASN D 257 1.70 -42.61 -15.22
N GLU D 258 2.78 -42.21 -15.88
CA GLU D 258 2.77 -41.93 -17.32
C GLU D 258 1.77 -40.82 -17.67
N ILE D 259 1.79 -39.76 -16.88
CA ILE D 259 0.92 -38.61 -17.09
C ILE D 259 1.75 -37.52 -17.74
N ARG D 260 1.30 -37.02 -18.89
CA ARG D 260 2.12 -36.08 -19.64
C ARG D 260 2.27 -34.74 -18.90
N VAL D 261 3.51 -34.26 -18.83
CA VAL D 261 3.82 -32.94 -18.30
C VAL D 261 4.37 -32.10 -19.44
N VAL D 262 3.84 -30.90 -19.60
CA VAL D 262 4.39 -29.94 -20.54
C VAL D 262 4.94 -28.81 -19.69
N THR D 263 6.26 -28.77 -19.54
CA THR D 263 6.87 -27.73 -18.74
C THR D 263 6.81 -26.40 -19.49
N MET D 264 6.94 -25.29 -18.73
CA MET D 264 7.00 -23.98 -19.37
C MET D 264 8.10 -23.89 -20.41
N PRO D 265 9.33 -24.37 -20.18
CA PRO D 265 10.30 -24.34 -21.28
C PRO D 265 9.80 -25.06 -22.53
N GLU D 266 9.06 -26.15 -22.39
CA GLU D 266 8.56 -26.83 -23.57
C GLU D 266 7.50 -25.99 -24.29
N MET D 267 6.56 -25.40 -23.52
CA MET D 267 5.57 -24.51 -24.13
C MET D 267 6.24 -23.38 -24.91
N ILE D 268 7.31 -22.81 -24.35
CA ILE D 268 7.99 -21.69 -25.00
C ILE D 268 8.67 -22.16 -26.28
N GLU D 269 9.28 -23.34 -26.27
CA GLU D 269 10.01 -23.81 -27.44
CA GLU D 269 10.01 -23.80 -27.44
C GLU D 269 9.07 -24.25 -28.56
N ARG D 270 8.02 -24.99 -28.23
CA ARG D 270 7.13 -25.53 -29.24
C ARG D 270 6.01 -24.58 -29.61
N GLY D 271 5.67 -23.66 -28.72
CA GLY D 271 4.61 -22.73 -29.03
C GLY D 271 3.38 -23.10 -28.23
N LEU D 272 2.74 -22.08 -27.66
CA LEU D 272 1.61 -22.32 -26.79
C LEU D 272 0.48 -23.01 -27.54
N GLU D 273 0.15 -22.53 -28.74
CA GLU D 273 -1.00 -23.04 -29.45
C GLU D 273 -0.87 -24.54 -29.73
N VAL D 274 0.28 -24.95 -30.28
CA VAL D 274 0.53 -26.36 -30.54
C VAL D 274 0.41 -27.18 -29.25
N CYS D 275 1.11 -26.76 -28.19
CA CYS D 275 1.09 -27.55 -26.97
C CYS D 275 -0.32 -27.64 -26.40
N ALA D 276 -1.02 -26.50 -26.30
CA ALA D 276 -2.32 -26.48 -25.64
C ALA D 276 -3.35 -27.31 -26.40
N ASN D 277 -3.42 -27.16 -27.74
CA ASN D 277 -4.35 -27.96 -28.53
C ASN D 277 -4.08 -29.45 -28.36
N GLU D 278 -2.80 -29.86 -28.42
CA GLU D 278 -2.48 -31.26 -28.19
C GLU D 278 -2.95 -31.73 -26.82
N ILE D 279 -2.75 -30.90 -25.80
CA ILE D 279 -3.10 -31.32 -24.46
C ILE D 279 -4.61 -31.39 -24.29
N PHE D 280 -5.34 -30.43 -24.85
CA PHE D 280 -6.79 -30.49 -24.74
C PHE D 280 -7.35 -31.70 -25.50
N GLU D 281 -6.74 -32.07 -26.64
CA GLU D 281 -7.18 -33.30 -27.30
C GLU D 281 -6.95 -34.51 -26.41
N ARG D 282 -5.78 -34.56 -25.74
CA ARG D 282 -5.47 -35.69 -24.88
C ARG D 282 -6.46 -35.80 -23.72
N VAL D 283 -6.67 -34.71 -22.98
CA VAL D 283 -7.50 -34.82 -21.78
C VAL D 283 -8.96 -35.01 -22.14
N LYS D 284 -9.37 -34.69 -23.38
CA LYS D 284 -10.77 -34.87 -23.79
C LYS D 284 -11.01 -36.13 -24.60
N LYS D 285 -9.96 -36.84 -25.02
CA LYS D 285 -10.16 -37.99 -25.89
C LYS D 285 -10.94 -39.07 -25.16
N ASP D 286 -12.13 -39.41 -25.69
CA ASP D 286 -12.98 -40.46 -25.14
C ASP D 286 -13.50 -40.13 -23.74
N THR D 287 -13.60 -38.86 -23.38
CA THR D 287 -14.18 -38.48 -22.10
C THR D 287 -15.57 -37.89 -22.31
N ASP D 288 -16.33 -37.91 -21.21
CA ASP D 288 -17.62 -37.24 -21.15
C ASP D 288 -17.55 -35.88 -20.48
N SER D 289 -16.50 -35.60 -19.72
CA SER D 289 -16.38 -34.33 -19.03
C SER D 289 -14.92 -34.04 -18.74
N LEU D 290 -14.63 -32.80 -18.39
CA LEU D 290 -13.27 -32.34 -18.17
C LEU D 290 -13.22 -31.37 -17.02
N TYR D 291 -12.29 -31.59 -16.11
CA TYR D 291 -12.01 -30.63 -15.05
C TYR D 291 -10.74 -29.89 -15.42
N PHE D 292 -10.80 -28.56 -15.43
CA PHE D 292 -9.66 -27.73 -15.80
C PHE D 292 -9.35 -26.82 -14.61
N THR D 293 -8.25 -27.11 -13.92
CA THR D 293 -7.82 -26.30 -12.79
C THR D 293 -6.61 -25.47 -13.18
N TRP D 294 -6.66 -24.18 -12.86
CA TRP D 294 -5.68 -23.21 -13.34
C TRP D 294 -5.18 -22.35 -12.18
N ASP D 295 -3.92 -22.56 -11.78
CA ASP D 295 -3.31 -21.80 -10.70
C ASP D 295 -2.73 -20.52 -11.26
N THR D 296 -3.04 -19.39 -10.63
CA THR D 296 -2.52 -18.10 -11.11
C THR D 296 -1.00 -18.03 -11.12
N ASP D 297 -0.28 -18.84 -10.33
CA ASP D 297 1.17 -18.71 -10.39
C ASP D 297 1.78 -19.36 -11.65
N SER D 298 0.96 -19.98 -12.50
CA SER D 298 1.42 -20.34 -13.84
C SER D 298 1.77 -19.09 -14.64
N ILE D 299 1.17 -17.96 -14.29
CA ILE D 299 1.40 -16.68 -14.94
C ILE D 299 2.67 -16.06 -14.39
N ASP D 300 3.46 -15.44 -15.26
CA ASP D 300 4.71 -14.84 -14.81
C ASP D 300 4.46 -13.81 -13.71
N ILE D 301 5.40 -13.76 -12.76
CA ILE D 301 5.26 -12.87 -11.59
C ILE D 301 5.08 -11.40 -12.01
N SER D 302 5.65 -11.01 -13.15
CA SER D 302 5.50 -9.65 -13.67
C SER D 302 4.04 -9.30 -13.98
N CYS D 303 3.23 -10.29 -14.38
CA CYS D 303 1.82 -10.07 -14.66
C CYS D 303 0.90 -10.45 -13.51
N MET D 304 1.41 -11.15 -12.51
CA MET D 304 0.57 -11.77 -11.48
C MET D 304 1.35 -11.80 -10.17
N PRO D 305 1.62 -10.63 -9.57
CA PRO D 305 2.31 -10.62 -8.27
C PRO D 305 1.41 -11.09 -7.13
N ALA D 306 0.10 -11.02 -7.28
CA ALA D 306 -0.83 -11.24 -6.17
C ALA D 306 -1.16 -12.73 -6.04
N ASN D 307 -0.15 -13.49 -5.63
CA ASN D 307 -0.30 -14.94 -5.45
C ASN D 307 0.46 -15.34 -4.19
N SER D 308 0.04 -16.44 -3.59
CA SER D 308 0.74 -16.93 -2.40
CA SER D 308 0.73 -16.96 -2.41
C SER D 308 2.16 -17.38 -2.73
N ALA D 309 2.40 -17.90 -3.94
CA ALA D 309 3.71 -18.37 -4.35
C ALA D 309 3.99 -17.91 -5.77
N PRO D 310 4.18 -16.60 -5.98
CA PRO D 310 4.39 -16.08 -7.34
C PRO D 310 5.74 -16.49 -7.88
N GLU D 311 5.80 -16.67 -9.21
CA GLU D 311 6.99 -17.26 -9.83
C GLU D 311 7.36 -16.58 -11.15
N CYS D 312 8.65 -16.42 -11.39
CA CYS D 312 9.12 -15.96 -12.69
C CYS D 312 9.10 -17.12 -13.69
N TYR D 313 9.47 -16.81 -14.94
CA TYR D 313 9.56 -17.79 -16.03
C TYR D 313 8.18 -18.37 -16.34
N GLY D 314 7.16 -17.51 -16.37
CA GLY D 314 5.80 -17.97 -16.58
C GLY D 314 5.11 -17.46 -17.83
N LEU D 315 3.82 -17.68 -17.93
CA LEU D 315 3.06 -17.18 -19.08
C LEU D 315 3.07 -15.66 -19.08
N LYS D 316 3.21 -15.08 -20.26
CA LYS D 316 3.05 -13.65 -20.43
C LYS D 316 1.57 -13.29 -20.63
N GLY D 317 1.27 -12.00 -20.46
CA GLY D 317 -0.11 -11.54 -20.47
C GLY D 317 -0.87 -11.98 -21.71
N ARG D 318 -0.30 -11.75 -22.89
CA ARG D 318 -0.98 -12.12 -24.12
C ARG D 318 -1.14 -13.64 -24.22
N GLU D 319 -0.22 -14.41 -23.64
CA GLU D 319 -0.29 -15.86 -23.68
C GLU D 319 -1.39 -16.38 -22.74
N VAL D 320 -1.60 -15.70 -21.62
CA VAL D 320 -2.70 -16.08 -20.72
C VAL D 320 -4.03 -15.99 -21.46
N ILE D 321 -4.27 -14.87 -22.14
CA ILE D 321 -5.48 -14.71 -22.93
C ILE D 321 -5.55 -15.74 -24.06
N GLN D 322 -4.41 -16.01 -24.71
CA GLN D 322 -4.38 -17.05 -25.75
C GLN D 322 -4.80 -18.41 -25.18
N LEU D 323 -4.26 -18.78 -24.01
CA LEU D 323 -4.61 -20.08 -23.42
C LEU D 323 -6.08 -20.11 -23.02
N ALA D 324 -6.61 -19.00 -22.48
CA ALA D 324 -8.02 -18.98 -22.15
C ALA D 324 -8.87 -19.15 -23.41
N ARG D 325 -8.46 -18.52 -24.52
CA ARG D 325 -9.19 -18.66 -25.75
C ARG D 325 -9.21 -20.10 -26.25
N ILE D 326 -8.04 -20.75 -26.21
CA ILE D 326 -7.91 -22.13 -26.66
C ILE D 326 -8.74 -23.06 -25.77
N ALA D 327 -8.69 -22.85 -24.46
CA ALA D 327 -9.59 -23.60 -23.56
C ALA D 327 -11.04 -23.44 -23.98
N GLY D 328 -11.42 -22.23 -24.35
CA GLY D 328 -12.79 -22.00 -24.78
C GLY D 328 -13.17 -22.73 -26.05
N ARG D 329 -12.23 -22.84 -27.00
CA ARG D 329 -12.51 -23.60 -28.22
C ARG D 329 -12.83 -25.05 -27.92
N HIS D 330 -12.17 -25.62 -26.91
CA HIS D 330 -12.37 -27.02 -26.58
C HIS D 330 -13.49 -27.21 -25.57
N GLY D 331 -13.53 -26.38 -24.54
CA GLY D 331 -14.59 -26.41 -23.56
C GLY D 331 -14.28 -27.33 -22.40
N CYS D 332 -14.73 -26.92 -21.21
CA CYS D 332 -14.61 -27.78 -20.03
C CYS D 332 -15.91 -27.70 -19.23
N ASP D 333 -16.09 -28.67 -18.33
CA ASP D 333 -17.29 -28.62 -17.50
C ASP D 333 -17.11 -27.78 -16.25
N ILE D 334 -15.91 -27.81 -15.66
CA ILE D 334 -15.56 -26.93 -14.56
C ILE D 334 -14.21 -26.29 -14.88
N LEU D 335 -14.15 -24.97 -14.77
CA LEU D 335 -12.90 -24.23 -14.78
C LEU D 335 -12.69 -23.66 -13.39
N ASP D 336 -11.55 -23.96 -12.76
CA ASP D 336 -11.27 -23.29 -11.50
C ASP D 336 -9.98 -22.50 -11.61
N ILE D 337 -9.97 -21.37 -10.92
CA ILE D 337 -8.86 -20.42 -10.91
C ILE D 337 -8.55 -20.13 -9.45
N VAL D 338 -7.30 -20.40 -9.03
CA VAL D 338 -6.99 -20.41 -7.60
C VAL D 338 -5.77 -19.54 -7.27
N GLU D 339 -5.63 -19.29 -5.96
CA GLU D 339 -4.49 -18.69 -5.27
C GLU D 339 -4.33 -17.20 -5.50
N LEU D 340 -5.33 -16.53 -6.07
CA LEU D 340 -5.24 -15.06 -6.18
C LEU D 340 -5.29 -14.40 -4.80
N CYS D 341 -4.28 -13.55 -4.48
CA CYS D 341 -4.20 -12.84 -3.20
C CYS D 341 -4.17 -11.33 -3.44
N PRO D 342 -5.33 -10.69 -3.63
CA PRO D 342 -5.32 -9.27 -4.02
C PRO D 342 -4.64 -8.34 -3.03
N ASP D 343 -4.56 -8.69 -1.74
CA ASP D 343 -3.92 -7.79 -0.77
C ASP D 343 -2.42 -7.61 -0.99
N PHE D 344 -1.78 -8.45 -1.79
CA PHE D 344 -0.36 -8.31 -2.05
C PHE D 344 -0.06 -7.38 -3.22
N ASP D 345 -1.09 -6.85 -3.88
CA ASP D 345 -0.93 -6.10 -5.13
C ASP D 345 -1.48 -4.70 -4.92
N PRO D 346 -0.67 -3.64 -5.00
CA PRO D 346 -1.23 -2.27 -4.92
C PRO D 346 -1.92 -1.82 -6.19
N SER D 347 -1.81 -2.56 -7.28
CA SER D 347 -2.45 -2.22 -8.53
C SER D 347 -3.70 -3.09 -8.70
N GLN D 348 -4.36 -2.94 -9.84
CA GLN D 348 -5.42 -3.84 -10.25
C GLN D 348 -4.96 -4.91 -11.25
N ILE D 349 -3.65 -5.04 -11.49
CA ILE D 349 -3.26 -5.89 -12.62
C ILE D 349 -3.66 -7.35 -12.36
N SER D 350 -3.53 -7.80 -11.12
CA SER D 350 -3.77 -9.22 -10.85
C SER D 350 -5.26 -9.55 -10.91
N VAL D 351 -6.11 -8.75 -10.27
CA VAL D 351 -7.54 -9.07 -10.31
C VAL D 351 -8.08 -8.97 -11.72
N LYS D 352 -7.63 -7.98 -12.49
CA LYS D 352 -8.13 -7.83 -13.85
C LYS D 352 -7.57 -8.91 -14.77
N MET D 353 -6.36 -9.41 -14.49
CA MET D 353 -5.92 -10.60 -15.21
C MET D 353 -6.88 -11.76 -14.97
N THR D 354 -7.31 -11.98 -13.73
CA THR D 354 -8.22 -13.11 -13.51
C THR D 354 -9.59 -12.90 -14.15
N VAL D 355 -10.08 -11.65 -14.22
CA VAL D 355 -11.32 -11.41 -14.96
C VAL D 355 -11.16 -11.84 -16.42
N ASN D 356 -10.04 -11.47 -17.03
CA ASN D 356 -9.88 -11.77 -18.45
C ASN D 356 -9.70 -13.28 -18.69
N MET D 357 -9.07 -14.01 -17.75
CA MET D 357 -9.02 -15.46 -17.89
C MET D 357 -10.42 -16.03 -18.07
N ILE D 358 -11.36 -15.58 -17.24
CA ILE D 358 -12.72 -16.08 -17.30
C ILE D 358 -13.45 -15.53 -18.53
N TYR D 359 -13.34 -14.23 -18.78
CA TYR D 359 -14.12 -13.62 -19.85
C TYR D 359 -13.71 -14.16 -21.22
N HIS D 360 -12.40 -14.32 -21.46
CA HIS D 360 -11.97 -14.83 -22.74
C HIS D 360 -12.29 -16.30 -22.89
N TYR D 361 -12.23 -17.07 -21.79
CA TYR D 361 -12.70 -18.44 -21.85
C TYR D 361 -14.15 -18.49 -22.29
N LEU D 362 -15.01 -17.74 -21.59
CA LEU D 362 -16.43 -17.74 -21.90
C LEU D 362 -16.69 -17.17 -23.30
N GLY D 363 -16.00 -16.10 -23.66
CA GLY D 363 -16.21 -15.52 -24.98
C GLY D 363 -15.84 -16.47 -26.09
N SER D 364 -14.69 -17.13 -25.96
CA SER D 364 -14.29 -18.14 -26.96
C SER D 364 -15.23 -19.34 -26.94
N ARG D 365 -15.68 -19.76 -25.76
CA ARG D 365 -16.64 -20.87 -25.66
C ARG D 365 -17.94 -20.54 -26.39
N ALA D 366 -18.48 -19.35 -26.17
CA ALA D 366 -19.73 -18.97 -26.83
C ALA D 366 -19.55 -18.86 -28.34
N GLN D 367 -18.46 -18.25 -28.78
CA GLN D 367 -18.22 -18.14 -30.22
C GLN D 367 -18.13 -19.52 -30.85
N THR D 368 -17.54 -20.48 -30.15
CA THR D 368 -17.42 -21.83 -30.69
C THR D 368 -18.78 -22.51 -30.75
N LEU D 369 -19.56 -22.43 -29.66
CA LEU D 369 -20.89 -23.04 -29.64
C LEU D 369 -21.76 -22.47 -30.75
N ARG D 370 -21.81 -21.13 -30.85
CA ARG D 370 -22.57 -20.48 -31.91
C ARG D 370 -22.09 -20.90 -33.29
N GLN D 371 -20.77 -21.04 -33.46
CA GLN D 371 -20.25 -21.44 -34.77
C GLN D 371 -20.74 -22.84 -35.17
N GLN D 372 -20.84 -23.75 -34.18
CA GLN D 372 -21.36 -25.10 -34.39
C GLN D 372 -22.88 -25.14 -34.51
N GLY D 373 -23.57 -24.02 -34.31
CA GLY D 373 -25.01 -24.03 -34.23
C GLY D 373 -25.53 -24.70 -32.98
N LYS D 374 -24.79 -24.62 -31.88
CA LYS D 374 -25.16 -25.26 -30.63
C LYS D 374 -25.44 -24.21 -29.56
N GLN D 375 -26.29 -24.58 -28.61
CA GLN D 375 -26.64 -23.74 -27.48
C GLN D 375 -25.96 -24.27 -26.23
N PRO D 376 -25.69 -23.41 -25.23
CA PRO D 376 -25.05 -23.85 -23.99
C PRO D 376 -26.03 -24.51 -23.03
N SER E 6 20.44 -37.02 4.05
CA SER E 6 19.29 -37.74 4.55
C SER E 6 18.27 -37.99 3.45
N TYR E 7 18.37 -37.19 2.40
CA TYR E 7 17.55 -37.24 1.20
C TYR E 7 16.09 -36.88 1.51
N ALA E 8 15.74 -36.73 2.80
CA ALA E 8 14.38 -36.35 3.16
C ALA E 8 14.04 -34.95 2.66
N HIS E 9 15.05 -34.09 2.55
CA HIS E 9 14.89 -32.74 2.04
C HIS E 9 14.56 -32.70 0.55
N LEU E 10 14.61 -33.84 -0.14
CA LEU E 10 14.20 -33.86 -1.54
C LEU E 10 12.69 -33.92 -1.71
N PHE E 11 11.96 -34.33 -0.67
CA PHE E 11 10.57 -34.72 -0.82
C PHE E 11 9.67 -33.90 0.10
N SER E 12 8.37 -34.00 -0.16
CA SER E 12 7.37 -33.44 0.74
C SER E 12 7.61 -34.01 2.14
N PRO E 13 7.52 -33.18 3.18
CA PRO E 13 7.76 -33.70 4.53
C PRO E 13 6.79 -34.79 4.89
N LEU E 14 7.29 -35.79 5.61
CA LEU E 14 6.46 -36.88 6.13
C LEU E 14 5.71 -36.40 7.37
N GLY E 15 4.66 -37.14 7.73
CA GLY E 15 3.92 -36.84 8.94
C GLY E 15 4.73 -37.15 10.17
N GLY E 16 4.14 -36.88 11.33
CA GLY E 16 4.78 -37.20 12.59
C GLY E 16 5.82 -36.22 13.07
N ASP E 17 7.10 -36.59 12.93
CA ASP E 17 8.23 -35.79 13.41
C ASP E 17 8.09 -35.49 14.90
N ILE E 28 19.40 -18.97 9.66
CA ILE E 28 19.00 -18.44 8.36
C ILE E 28 20.21 -18.31 7.44
N THR E 29 20.28 -19.18 6.43
CA THR E 29 21.39 -19.24 5.49
C THR E 29 20.88 -19.34 4.06
N PHE E 30 21.72 -18.89 3.13
CA PHE E 30 21.47 -19.10 1.70
C PHE E 30 21.24 -20.59 1.43
N LEU E 31 20.06 -20.90 0.88
CA LEU E 31 19.66 -22.26 0.53
C LEU E 31 19.60 -23.20 1.74
N ARG E 32 19.42 -22.65 2.93
CA ARG E 32 19.43 -23.44 4.17
C ARG E 32 20.72 -24.25 4.29
N SER E 33 21.80 -23.74 3.71
CA SER E 33 23.05 -24.47 3.69
C SER E 33 23.80 -24.30 5.00
N ALA E 34 24.75 -25.19 5.25
CA ALA E 34 25.50 -25.15 6.49
C ALA E 34 26.41 -23.93 6.52
N HIS E 35 26.66 -23.42 7.73
CA HIS E 35 27.67 -22.39 7.92
C HIS E 35 29.04 -23.02 8.12
N VAL E 36 30.01 -22.56 7.34
CA VAL E 36 31.42 -22.90 7.52
C VAL E 36 32.14 -21.57 7.68
N PRO E 37 33.03 -21.42 8.66
CA PRO E 37 33.71 -20.12 8.83
C PRO E 37 34.49 -19.75 7.58
N LEU E 38 34.70 -18.45 7.41
CA LEU E 38 35.49 -17.94 6.29
C LEU E 38 36.97 -18.20 6.55
N ASN E 39 37.35 -19.46 6.35
CA ASN E 39 38.70 -19.94 6.59
C ASN E 39 39.03 -20.97 5.52
N ALA E 40 40.15 -20.78 4.82
CA ALA E 40 40.40 -21.54 3.61
C ALA E 40 40.47 -23.04 3.86
N GLU E 41 41.12 -23.47 4.95
CA GLU E 41 41.21 -24.90 5.21
C GLU E 41 39.85 -25.49 5.55
N ALA E 42 39.07 -24.80 6.40
CA ALA E 42 37.75 -25.31 6.77
C ALA E 42 36.83 -25.38 5.56
N LEU E 43 36.96 -24.44 4.63
CA LEU E 43 36.13 -24.46 3.43
C LEU E 43 36.52 -25.60 2.50
N LYS E 44 37.83 -25.82 2.34
CA LYS E 44 38.28 -26.89 1.44
C LYS E 44 37.83 -28.25 1.94
N ALA E 45 37.82 -28.47 3.26
CA ALA E 45 37.46 -29.75 3.83
C ALA E 45 35.96 -29.97 3.96
N CYS E 46 35.15 -28.93 3.82
CA CYS E 46 33.72 -29.08 4.12
C CYS E 46 32.97 -29.81 3.02
N GLY E 47 33.53 -29.88 1.81
CA GLY E 47 32.92 -30.63 0.72
C GLY E 47 32.03 -29.84 -0.20
N ALA E 48 31.71 -28.59 0.13
CA ALA E 48 30.87 -27.77 -0.73
C ALA E 48 31.67 -27.26 -1.93
N LYS E 49 30.96 -26.75 -2.94
CA LYS E 49 31.58 -26.20 -4.13
C LYS E 49 31.46 -24.69 -4.24
N TYR E 50 30.53 -24.08 -3.50
CA TYR E 50 30.32 -22.65 -3.50
C TYR E 50 30.35 -22.13 -2.08
N ALA E 51 30.81 -20.88 -1.94
CA ALA E 51 30.81 -20.20 -0.64
C ALA E 51 30.09 -18.88 -0.83
N PHE E 52 28.88 -18.79 -0.28
CA PHE E 52 28.11 -17.56 -0.36
C PHE E 52 28.67 -16.56 0.64
N VAL E 53 28.90 -15.34 0.17
CA VAL E 53 29.43 -14.26 0.99
C VAL E 53 28.52 -13.07 0.82
N GLY E 54 27.87 -12.65 1.90
CA GLY E 54 27.08 -11.43 1.87
C GLY E 54 27.99 -10.23 2.08
N VAL E 55 27.82 -9.20 1.27
CA VAL E 55 28.65 -8.00 1.37
C VAL E 55 27.72 -6.80 1.42
N PRO E 56 27.12 -6.50 2.59
CA PRO E 56 26.16 -5.38 2.74
C PRO E 56 26.84 -4.02 2.83
N PHE E 57 27.36 -3.56 1.69
CA PHE E 57 28.15 -2.33 1.61
C PHE E 57 27.47 -1.39 0.63
N ASP E 58 27.15 -0.17 1.09
CA ASP E 58 26.41 0.78 0.27
C ASP E 58 27.10 2.14 0.21
N GLU E 59 28.38 2.22 0.58
CA GLU E 59 29.07 3.49 0.59
C GLU E 59 29.70 3.81 -0.76
N GLY E 60 29.49 2.98 -1.77
CA GLY E 60 29.77 3.30 -3.15
C GLY E 60 28.55 3.64 -3.99
N ASN E 61 27.35 3.60 -3.41
CA ASN E 61 26.12 3.79 -4.17
C ASN E 61 25.80 5.29 -4.31
N ILE E 62 25.57 5.72 -5.56
CA ILE E 62 25.19 7.11 -5.84
C ILE E 62 23.69 7.30 -6.03
N GLY E 63 22.90 6.24 -5.97
CA GLY E 63 21.47 6.35 -6.20
C GLY E 63 20.62 6.19 -4.96
N LYS E 64 19.41 5.65 -5.12
CA LYS E 64 18.54 5.44 -3.97
C LYS E 64 19.11 4.33 -3.08
N PRO E 65 19.01 4.48 -1.76
CA PRO E 65 19.58 3.47 -0.87
C PRO E 65 18.69 2.23 -0.82
N GLY E 66 19.27 1.14 -0.36
CA GLY E 66 18.53 -0.10 -0.22
C GLY E 66 19.39 -1.33 -0.44
N SER E 67 20.50 -1.18 -1.17
CA SER E 67 21.34 -2.33 -1.48
C SER E 67 21.96 -2.91 -0.22
N GLU E 68 21.94 -2.15 0.87
CA GLU E 68 22.45 -2.63 2.16
C GLU E 68 21.73 -3.89 2.62
N ASP E 69 20.42 -3.97 2.37
CA ASP E 69 19.61 -5.08 2.83
C ASP E 69 19.54 -6.24 1.85
N ALA E 70 20.19 -6.12 0.69
CA ALA E 70 20.09 -7.19 -0.31
C ALA E 70 20.56 -8.54 0.22
N PRO E 71 21.72 -8.65 0.90
CA PRO E 71 22.15 -10.00 1.33
C PRO E 71 21.13 -10.71 2.22
N ARG E 72 20.46 -9.98 3.12
CA ARG E 72 19.51 -10.62 4.03
C ARG E 72 18.26 -11.09 3.29
N GLU E 73 17.71 -10.27 2.39
CA GLU E 73 16.48 -10.65 1.69
C GLU E 73 16.74 -11.76 0.69
N PHE E 74 17.90 -11.76 0.04
CA PHE E 74 18.24 -12.83 -0.88
C PHE E 74 18.23 -14.18 -0.18
N ARG E 75 18.87 -14.28 0.99
CA ARG E 75 18.87 -15.52 1.76
C ARG E 75 17.45 -15.97 2.09
N LEU E 76 16.62 -15.04 2.56
CA LEU E 76 15.27 -15.41 2.97
C LEU E 76 14.45 -15.89 1.79
N ILE E 77 14.65 -15.30 0.61
CA ILE E 77 13.91 -15.73 -0.57
C ILE E 77 14.29 -17.16 -0.94
N THR E 78 15.58 -17.50 -0.84
CA THR E 78 16.00 -18.83 -1.24
C THR E 78 15.39 -19.90 -0.36
N GLN E 79 14.94 -19.55 0.83
CA GLN E 79 14.30 -20.52 1.71
C GLN E 79 12.87 -20.82 1.30
N GLU E 80 12.35 -20.14 0.28
CA GLU E 80 11.04 -20.46 -0.28
C GLU E 80 11.10 -21.62 -1.26
N TYR E 81 12.30 -22.06 -1.65
CA TYR E 81 12.51 -23.05 -2.69
C TYR E 81 13.12 -24.32 -2.10
N PHE E 82 12.84 -25.46 -2.71
CA PHE E 82 13.55 -26.71 -2.44
C PHE E 82 14.93 -26.73 -3.08
N SER E 83 15.79 -27.62 -2.58
CA SER E 83 17.13 -27.72 -3.16
C SER E 83 17.14 -28.58 -4.43
N TYR E 84 16.04 -29.28 -4.71
CA TYR E 84 15.95 -30.18 -5.84
C TYR E 84 15.39 -29.47 -7.07
N TRP E 85 16.02 -29.69 -8.22
CA TRP E 85 15.59 -29.10 -9.50
C TRP E 85 15.15 -30.23 -10.43
N PHE E 86 13.83 -30.40 -10.57
CA PHE E 86 13.32 -31.47 -11.41
C PHE E 86 13.68 -31.28 -12.88
N GLU E 87 13.87 -30.02 -13.30
CA GLU E 87 14.23 -29.78 -14.70
C GLU E 87 15.61 -30.34 -15.03
N TYR E 88 16.47 -30.50 -14.02
CA TYR E 88 17.84 -30.93 -14.21
C TYR E 88 18.19 -32.24 -13.52
N ASN E 89 17.31 -32.79 -12.68
CA ASN E 89 17.65 -33.96 -11.85
C ASN E 89 18.86 -33.67 -10.97
N VAL E 90 18.90 -32.47 -10.41
CA VAL E 90 20.04 -31.98 -9.63
C VAL E 90 19.56 -31.57 -8.25
N ASP E 91 20.37 -31.88 -7.24
CA ASP E 91 20.15 -31.44 -5.86
C ASP E 91 21.25 -30.46 -5.48
N LEU E 92 20.86 -29.23 -5.12
CA LEU E 92 21.86 -28.25 -4.72
C LEU E 92 22.30 -28.39 -3.27
N HIS E 93 21.65 -29.26 -2.50
CA HIS E 93 21.95 -29.40 -1.08
C HIS E 93 23.41 -29.81 -0.87
N GLY E 94 24.11 -29.06 -0.03
CA GLY E 94 25.49 -29.35 0.29
C GLY E 94 26.51 -28.86 -0.71
N LYS E 95 26.09 -28.30 -1.85
CA LYS E 95 27.06 -27.75 -2.79
C LYS E 95 27.53 -26.37 -2.38
N ALA E 96 26.76 -25.67 -1.56
CA ALA E 96 27.15 -24.35 -1.08
C ALA E 96 27.14 -24.30 0.43
N VAL E 97 27.93 -23.38 0.96
CA VAL E 97 27.90 -23.01 2.37
C VAL E 97 27.85 -21.49 2.44
N ASP E 98 27.55 -20.98 3.63
CA ASP E 98 27.31 -19.56 3.84
C ASP E 98 28.38 -18.98 4.76
N CYS E 99 29.03 -17.89 4.31
CA CYS E 99 30.10 -17.20 5.04
C CYS E 99 29.82 -15.71 5.24
N GLY E 100 28.56 -15.27 5.11
CA GLY E 100 28.19 -13.85 5.15
C GLY E 100 28.69 -12.99 6.31
N ASP E 101 29.44 -11.93 5.98
CA ASP E 101 30.14 -11.05 6.93
C ASP E 101 29.48 -10.89 8.30
N SER E 108 33.58 4.13 6.79
CA SER E 108 35.01 3.90 6.61
C SER E 108 35.27 3.02 5.39
N PRO E 109 35.17 3.62 4.20
CA PRO E 109 35.24 2.82 2.96
C PRO E 109 36.58 2.14 2.71
N GLU E 110 37.66 2.63 3.33
CA GLU E 110 39.00 2.22 2.93
C GLU E 110 39.29 0.79 3.36
N VAL E 111 39.12 0.51 4.67
CA VAL E 111 39.44 -0.81 5.20
C VAL E 111 38.42 -1.84 4.72
N ALA E 112 37.15 -1.44 4.63
CA ALA E 112 36.09 -2.36 4.20
C ALA E 112 36.41 -2.98 2.85
N HIS E 113 36.91 -2.19 1.90
CA HIS E 113 37.29 -2.75 0.60
C HIS E 113 38.46 -3.71 0.74
N GLU E 114 39.39 -3.43 1.66
CA GLU E 114 40.45 -4.40 1.89
C GLU E 114 39.93 -5.65 2.58
N ARG E 115 38.93 -5.51 3.45
CA ARG E 115 38.30 -6.70 4.03
C ARG E 115 37.63 -7.54 2.97
N ILE E 116 36.94 -6.90 2.03
CA ILE E 116 36.32 -7.63 0.92
C ILE E 116 37.38 -8.35 0.10
N TYR E 117 38.51 -7.67 -0.14
CA TYR E 117 39.59 -8.27 -0.94
C TYR E 117 40.08 -9.57 -0.33
N ARG E 118 40.36 -9.57 0.98
CA ARG E 118 40.86 -10.78 1.62
C ARG E 118 39.79 -11.85 1.74
N ALA E 119 38.53 -11.45 1.92
CA ALA E 119 37.44 -12.43 1.93
C ALA E 119 37.40 -13.22 0.63
N VAL E 120 37.54 -12.53 -0.51
CA VAL E 120 37.53 -13.21 -1.80
C VAL E 120 38.81 -14.02 -1.99
N ARG E 121 39.95 -13.47 -1.58
CA ARG E 121 41.20 -14.21 -1.68
C ARG E 121 41.15 -15.51 -0.88
N GLU E 122 40.52 -15.49 0.30
CA GLU E 122 40.48 -16.67 1.13
C GLU E 122 39.57 -17.76 0.55
N VAL E 123 38.42 -17.36 -0.02
CA VAL E 123 37.54 -18.34 -0.67
C VAL E 123 38.25 -18.93 -1.89
N LEU E 124 38.85 -18.07 -2.71
CA LEU E 124 39.57 -18.53 -3.89
C LEU E 124 40.70 -19.47 -3.50
N LYS E 125 41.40 -19.16 -2.40
CA LYS E 125 42.45 -20.04 -1.90
C LYS E 125 41.91 -21.44 -1.60
N SER E 126 40.66 -21.55 -1.15
CA SER E 126 40.07 -22.85 -0.85
C SER E 126 39.69 -23.63 -2.10
N GLY E 127 39.63 -22.99 -3.26
CA GLY E 127 39.18 -23.62 -4.48
C GLY E 127 37.68 -23.54 -4.71
N LEU E 128 36.93 -23.03 -3.74
CA LEU E 128 35.49 -22.87 -3.88
C LEU E 128 35.16 -21.66 -4.75
N ILE E 129 33.93 -21.64 -5.24
CA ILE E 129 33.42 -20.54 -6.08
C ILE E 129 32.70 -19.56 -5.17
N PRO E 130 33.24 -18.36 -4.96
CA PRO E 130 32.52 -17.36 -4.15
C PRO E 130 31.29 -16.84 -4.87
N ILE E 131 30.19 -16.77 -4.14
CA ILE E 131 28.97 -16.10 -4.61
C ILE E 131 28.82 -14.83 -3.77
N ILE E 132 29.14 -13.70 -4.36
CA ILE E 132 29.22 -12.42 -3.66
C ILE E 132 27.93 -11.66 -3.92
N CYS E 133 27.14 -11.44 -2.87
CA CYS E 133 25.83 -10.82 -2.97
C CYS E 133 25.77 -9.43 -2.33
N GLY E 134 24.58 -8.84 -2.42
CA GLY E 134 24.25 -7.50 -1.98
C GLY E 134 25.09 -6.33 -2.42
N GLY E 135 24.69 -5.14 -1.96
CA GLY E 135 25.52 -3.95 -2.04
C GLY E 135 25.61 -3.42 -3.46
N ASP E 136 26.30 -2.28 -3.59
CA ASP E 136 26.34 -1.57 -4.84
C ASP E 136 27.41 -2.17 -5.77
N ARG E 137 27.34 -1.79 -7.04
CA ARG E 137 28.13 -2.46 -8.07
C ARG E 137 29.64 -2.27 -7.90
N SER E 138 30.08 -1.26 -7.14
CA SER E 138 31.52 -1.01 -7.01
C SER E 138 32.25 -2.19 -6.36
N ILE E 139 31.52 -3.11 -5.71
CA ILE E 139 32.17 -4.26 -5.09
C ILE E 139 32.87 -5.14 -6.11
N SER E 140 32.36 -5.14 -7.36
CA SER E 140 32.97 -5.98 -8.39
C SER E 140 34.42 -5.62 -8.64
N ILE E 141 34.76 -4.35 -8.46
CA ILE E 141 36.15 -3.91 -8.60
C ILE E 141 37.07 -4.70 -7.67
N THR E 142 36.68 -4.83 -6.40
CA THR E 142 37.54 -5.49 -5.42
C THR E 142 37.55 -7.00 -5.63
N ALA E 143 36.40 -7.59 -5.93
CA ALA E 143 36.34 -9.02 -6.18
C ALA E 143 37.15 -9.38 -7.42
N ALA E 144 37.02 -8.57 -8.49
CA ALA E 144 37.78 -8.84 -9.70
C ALA E 144 39.27 -8.65 -9.46
N ARG E 145 39.65 -7.67 -8.64
CA ARG E 145 41.06 -7.50 -8.29
C ARG E 145 41.57 -8.69 -7.48
N ALA E 146 40.76 -9.18 -6.55
CA ALA E 146 41.16 -10.35 -5.77
C ALA E 146 41.32 -11.58 -6.65
N LEU E 147 40.42 -11.77 -7.62
CA LEU E 147 40.56 -12.89 -8.54
C LEU E 147 41.76 -12.70 -9.46
N SER E 148 41.97 -11.49 -9.97
CA SER E 148 43.12 -11.24 -10.85
C SER E 148 44.43 -11.53 -10.12
N ASP E 149 44.54 -11.10 -8.86
CA ASP E 149 45.73 -11.42 -8.08
C ASP E 149 45.84 -12.91 -7.80
N HIS E 150 44.70 -13.57 -7.57
CA HIS E 150 44.74 -14.98 -7.19
C HIS E 150 45.32 -15.85 -8.30
N ILE E 151 44.95 -15.58 -9.56
CA ILE E 151 45.42 -16.42 -10.66
C ILE E 151 46.86 -16.10 -11.08
N GLY E 152 47.36 -14.92 -10.75
CA GLY E 152 48.73 -14.56 -11.05
C GLY E 152 48.90 -14.08 -12.47
N PRO E 153 50.09 -13.55 -12.77
CA PRO E 153 50.31 -12.90 -14.08
C PRO E 153 50.49 -13.85 -15.25
N GLN E 154 50.59 -15.16 -15.03
CA GLN E 154 50.80 -16.10 -16.13
C GLN E 154 49.50 -16.68 -16.68
N LYS E 155 48.35 -16.29 -16.17
CA LYS E 155 47.07 -16.81 -16.64
C LYS E 155 46.26 -15.66 -17.23
N LYS E 156 45.24 -16.02 -18.02
CA LYS E 156 44.38 -15.04 -18.66
C LYS E 156 43.00 -15.06 -18.01
N MET E 157 42.45 -13.87 -17.76
CA MET E 157 41.17 -13.75 -17.07
C MET E 157 40.08 -13.29 -18.02
N GLY E 158 38.86 -13.77 -17.79
CA GLY E 158 37.68 -13.31 -18.50
C GLY E 158 36.67 -12.72 -17.54
N TYR E 159 35.84 -11.80 -18.03
CA TYR E 159 34.89 -11.09 -17.18
C TYR E 159 33.61 -10.84 -17.96
N MET E 160 32.48 -11.21 -17.37
CA MET E 160 31.17 -10.96 -17.95
C MET E 160 30.26 -10.32 -16.91
N HIS E 161 29.60 -9.23 -17.30
CA HIS E 161 28.67 -8.52 -16.41
C HIS E 161 27.39 -8.18 -17.16
N PHE E 162 26.25 -8.37 -16.48
CA PHE E 162 24.93 -7.99 -17.00
C PHE E 162 24.46 -6.73 -16.28
N GLY E 163 24.06 -5.73 -17.04
CA GLY E 163 23.59 -4.50 -16.44
C GLY E 163 23.16 -3.51 -17.49
N ALA E 164 22.29 -2.60 -17.07
CA ALA E 164 21.82 -1.53 -17.94
C ALA E 164 22.83 -0.41 -18.06
N GLN E 165 23.80 -0.36 -17.16
CA GLN E 165 24.76 0.75 -17.07
C GLN E 165 26.15 0.24 -17.37
N LEU E 166 26.88 0.97 -18.21
CA LEU E 166 28.25 0.59 -18.53
C LEU E 166 29.19 0.76 -17.33
N ASP E 167 28.93 1.76 -16.47
CA ASP E 167 29.79 2.06 -15.33
C ASP E 167 31.25 2.24 -15.77
N MET E 168 31.43 3.04 -16.81
CA MET E 168 32.74 3.29 -17.39
C MET E 168 33.22 4.71 -17.10
N ALA E 169 32.98 5.18 -15.88
CA ALA E 169 33.49 6.48 -15.45
C ALA E 169 34.94 6.34 -15.00
N ASP E 170 35.86 6.99 -15.70
CA ASP E 170 37.22 7.07 -15.19
C ASP E 170 37.23 7.71 -13.81
N SER E 171 36.43 8.75 -13.63
CA SER E 171 36.19 9.32 -12.31
C SER E 171 34.76 9.85 -12.27
N TRP E 172 34.22 9.94 -11.05
CA TRP E 172 32.86 10.40 -10.81
C TRP E 172 32.87 11.21 -9.52
N ALA E 173 32.46 12.48 -9.61
CA ALA E 173 32.51 13.39 -8.46
C ALA E 173 33.89 13.41 -7.83
N GLY E 174 34.92 13.25 -8.65
CA GLY E 174 36.29 13.24 -8.16
C GLY E 174 36.75 11.92 -7.58
N GLU E 175 35.88 10.91 -7.50
CA GLU E 175 36.24 9.61 -6.96
C GLU E 175 36.60 8.65 -8.09
N ARG E 176 37.22 7.53 -7.70
CA ARG E 176 37.66 6.54 -8.66
C ARG E 176 37.19 5.13 -8.34
N ASN E 177 36.42 4.92 -7.27
CA ASN E 177 36.00 3.57 -6.91
C ASN E 177 34.52 3.53 -6.51
N LEU E 178 33.71 4.42 -7.07
CA LEU E 178 32.28 4.40 -6.90
C LEU E 178 31.65 3.43 -7.91
N ALA E 179 30.36 3.15 -7.73
CA ALA E 179 29.65 2.24 -8.63
C ALA E 179 29.78 2.60 -10.10
N PRO E 180 29.56 3.86 -10.54
CA PRO E 180 29.70 4.17 -11.96
C PRO E 180 31.14 4.09 -12.49
N CYS E 181 32.13 3.85 -11.63
CA CYS E 181 33.50 3.70 -12.09
C CYS E 181 33.91 2.25 -12.30
N ALA E 182 33.01 1.29 -12.05
CA ALA E 182 33.44 -0.10 -11.87
C ALA E 182 34.16 -0.64 -13.10
N MET E 183 33.50 -0.58 -14.27
CA MET E 183 34.11 -1.12 -15.48
C MET E 183 35.40 -0.41 -15.85
N ALA E 184 35.49 0.89 -15.59
CA ALA E 184 36.75 1.59 -15.86
C ALA E 184 37.88 1.03 -15.00
N ARG E 185 37.57 0.62 -13.76
CA ARG E 185 38.58 0.01 -12.90
C ARG E 185 38.86 -1.43 -13.28
N ILE E 186 37.80 -2.22 -13.49
CA ILE E 186 37.95 -3.64 -13.72
C ILE E 186 38.73 -3.92 -15.01
N THR E 187 38.52 -3.10 -16.03
CA THR E 187 39.21 -3.26 -17.30
C THR E 187 40.66 -2.77 -17.27
N GLU E 188 41.16 -2.30 -16.14
CA GLU E 188 42.57 -1.97 -16.03
C GLU E 188 43.42 -3.12 -15.49
N LEU E 189 42.79 -4.21 -15.06
CA LEU E 189 43.52 -5.35 -14.51
C LEU E 189 44.48 -5.91 -15.56
N PRO E 190 45.72 -6.25 -15.18
CA PRO E 190 46.73 -6.55 -16.22
C PRO E 190 46.47 -7.84 -16.97
N ASN E 191 45.79 -8.80 -16.36
CA ASN E 191 45.50 -10.08 -16.99
C ASN E 191 44.07 -10.17 -17.50
N LEU E 192 43.46 -9.03 -17.80
CA LEU E 192 42.14 -8.99 -18.41
C LEU E 192 42.28 -8.42 -19.82
N ASP E 193 42.47 -9.30 -20.79
CA ASP E 193 42.48 -8.87 -22.18
C ASP E 193 41.08 -8.39 -22.56
N ILE E 194 41.02 -7.26 -23.26
CA ILE E 194 39.74 -6.62 -23.55
C ILE E 194 38.84 -7.51 -24.40
N ARG E 195 39.42 -8.38 -25.22
CA ARG E 195 38.60 -9.32 -25.97
C ARG E 195 38.03 -10.43 -25.11
N ASN E 196 38.48 -10.56 -23.87
CA ASN E 196 37.88 -11.48 -22.90
C ASN E 196 36.93 -10.78 -21.94
N VAL E 197 36.41 -9.61 -22.31
CA VAL E 197 35.49 -8.84 -21.49
C VAL E 197 34.17 -8.72 -22.22
N ALA E 198 33.08 -9.02 -21.52
CA ALA E 198 31.74 -8.85 -22.09
C ALA E 198 30.88 -8.03 -21.12
N HIS E 199 30.08 -7.12 -21.68
CA HIS E 199 29.12 -6.34 -20.92
C HIS E 199 27.83 -6.30 -21.72
N LEU E 200 26.75 -6.80 -21.14
CA LEU E 200 25.52 -7.04 -21.88
C LEU E 200 24.36 -6.30 -21.24
N GLY E 201 23.64 -5.53 -22.05
CA GLY E 201 22.36 -4.96 -21.65
C GLY E 201 22.26 -3.44 -21.63
N ALA E 202 23.31 -2.70 -21.99
CA ALA E 202 23.28 -1.24 -21.88
C ALA E 202 22.15 -0.63 -22.71
N ARG E 203 21.45 0.34 -22.12
CA ARG E 203 20.33 1.00 -22.76
C ARG E 203 20.00 2.26 -21.97
N ASN E 204 19.21 3.14 -22.59
CA ASN E 204 18.66 4.33 -21.94
C ASN E 204 19.75 5.29 -21.44
N ALA E 205 19.35 6.28 -20.65
CA ALA E 205 20.13 7.50 -20.47
C ALA E 205 21.06 7.46 -19.27
N MET E 206 21.24 6.33 -18.60
CA MET E 206 22.19 6.26 -17.50
C MET E 206 23.57 5.87 -18.00
N ASN E 207 24.02 6.49 -19.10
CA ASN E 207 25.27 6.12 -19.75
C ASN E 207 25.88 7.38 -20.38
N PRO E 208 26.61 8.16 -19.59
CA PRO E 208 27.14 9.42 -20.10
C PRO E 208 28.19 9.17 -21.17
N LYS E 209 28.45 10.21 -21.97
CA LYS E 209 29.26 10.02 -23.17
C LYS E 209 30.67 9.57 -22.83
N ASP E 210 31.23 10.06 -21.71
CA ASP E 210 32.58 9.66 -21.35
C ASP E 210 32.67 8.18 -21.01
N HIS E 211 31.55 7.56 -20.61
CA HIS E 211 31.53 6.11 -20.44
C HIS E 211 31.61 5.40 -21.79
N ILE E 212 30.97 5.98 -22.81
CA ILE E 212 31.04 5.43 -24.16
C ILE E 212 32.41 5.70 -24.78
N ASP E 213 32.90 6.94 -24.66
CA ASP E 213 34.21 7.27 -25.19
C ASP E 213 35.30 6.40 -24.58
N LEU E 214 35.26 6.21 -23.27
CA LEU E 214 36.26 5.36 -22.62
C LEU E 214 36.16 3.92 -23.11
N SER E 215 34.93 3.43 -23.33
CA SER E 215 34.76 2.10 -23.91
C SER E 215 35.40 2.03 -25.29
N LYS E 216 35.24 3.09 -26.09
CA LYS E 216 35.87 3.12 -27.40
C LYS E 216 37.39 3.17 -27.27
N GLU E 217 37.89 3.98 -26.35
CA GLU E 217 39.33 4.08 -26.15
C GLU E 217 39.95 2.73 -25.82
N ARG E 218 39.25 1.92 -25.03
CA ARG E 218 39.80 0.66 -24.57
C ARG E 218 39.36 -0.53 -25.41
N GLY E 219 38.44 -0.34 -26.34
CA GLY E 219 37.96 -1.47 -27.13
C GLY E 219 36.97 -2.36 -26.41
N LEU E 220 36.24 -1.83 -25.43
CA LEU E 220 35.23 -2.62 -24.73
C LEU E 220 34.12 -2.98 -25.70
N GLN E 221 34.00 -4.27 -25.98
CA GLN E 221 33.04 -4.78 -26.95
C GLN E 221 31.71 -5.08 -26.26
N TYR E 222 31.05 -4.00 -25.82
CA TYR E 222 29.80 -4.17 -25.08
C TYR E 222 28.64 -4.51 -26.02
N ASP E 223 27.71 -5.31 -25.50
CA ASP E 223 26.50 -5.67 -26.25
C ASP E 223 25.33 -4.88 -25.66
N SER E 224 24.99 -3.76 -26.29
CA SER E 224 23.85 -2.97 -25.88
C SER E 224 22.58 -3.79 -26.07
N MET E 225 21.54 -3.41 -25.32
CA MET E 225 20.26 -4.10 -25.45
C MET E 225 19.71 -4.01 -26.88
N PHE E 226 19.89 -2.85 -27.53
CA PHE E 226 19.45 -2.74 -28.92
C PHE E 226 20.17 -3.77 -29.80
N ASP E 227 21.50 -3.86 -29.66
CA ASP E 227 22.25 -4.87 -30.41
C ASP E 227 21.71 -6.27 -30.15
N LEU E 228 21.40 -6.56 -28.88
CA LEU E 228 20.94 -7.91 -28.53
C LEU E 228 19.61 -8.23 -29.19
N PHE E 229 18.65 -7.30 -29.13
CA PHE E 229 17.35 -7.55 -29.74
C PHE E 229 17.47 -7.79 -31.25
N ASP E 230 18.27 -6.95 -31.93
CA ASP E 230 18.40 -7.04 -33.38
C ASP E 230 18.93 -8.40 -33.83
N ALA E 231 19.79 -9.03 -33.03
CA ALA E 231 20.40 -10.31 -33.36
C ALA E 231 19.59 -11.50 -32.88
N GLY E 232 18.39 -11.27 -32.35
CA GLY E 232 17.67 -12.36 -31.71
C GLY E 232 18.25 -12.80 -30.38
N ILE E 233 19.13 -11.98 -29.80
CA ILE E 233 19.70 -12.16 -28.46
C ILE E 233 20.71 -13.29 -28.40
N TYR E 234 20.25 -14.53 -28.51
CA TYR E 234 21.11 -15.66 -28.18
C TYR E 234 22.31 -15.81 -29.09
N PRO E 235 22.24 -15.56 -30.40
CA PRO E 235 23.48 -15.64 -31.20
C PRO E 235 24.54 -14.67 -30.71
N LEU E 236 24.14 -13.47 -30.25
CA LEU E 236 25.13 -12.51 -29.76
C LEU E 236 25.65 -12.91 -28.39
N VAL E 237 24.77 -13.38 -27.50
CA VAL E 237 25.20 -13.88 -26.20
C VAL E 237 26.19 -15.03 -26.38
N GLU E 238 25.92 -15.92 -27.33
CA GLU E 238 26.81 -17.05 -27.54
C GLU E 238 28.22 -16.58 -27.89
N ARG E 239 28.33 -15.51 -28.68
CA ARG E 239 29.64 -15.03 -29.08
C ARG E 239 30.39 -14.38 -27.92
N SER E 240 29.68 -13.64 -27.07
CA SER E 240 30.37 -12.97 -25.96
C SER E 240 30.75 -13.97 -24.87
N ILE E 241 29.92 -14.98 -24.66
CA ILE E 241 30.33 -16.10 -23.80
C ILE E 241 31.64 -16.69 -24.29
N ASP E 242 31.71 -16.98 -25.59
CA ASP E 242 32.91 -17.61 -26.15
C ASP E 242 34.13 -16.71 -26.00
N ARG E 243 33.96 -15.39 -26.16
CA ARG E 243 35.09 -14.49 -25.95
C ARG E 243 35.54 -14.50 -24.49
N VAL E 244 34.61 -14.67 -23.55
CA VAL E 244 34.98 -14.66 -22.14
C VAL E 244 35.60 -16.00 -21.72
N TRP E 245 35.14 -17.11 -22.30
CA TRP E 245 35.54 -18.44 -21.85
C TRP E 245 36.62 -19.10 -22.69
N SER E 246 36.77 -18.75 -23.97
CA SER E 246 37.77 -19.39 -24.82
C SER E 246 39.14 -18.80 -24.52
N GLY E 247 40.08 -19.66 -24.15
CA GLY E 247 41.45 -19.25 -23.91
C GLY E 247 41.71 -18.60 -22.58
N THR E 248 40.73 -18.57 -21.69
CA THR E 248 40.90 -18.01 -20.35
C THR E 248 40.92 -19.12 -19.32
N ASP E 249 41.67 -18.89 -18.23
CA ASP E 249 41.77 -19.85 -17.15
C ASP E 249 40.74 -19.63 -16.06
N ALA E 250 40.18 -18.42 -15.96
CA ALA E 250 39.19 -18.12 -14.94
C ALA E 250 38.22 -17.10 -15.51
N GLN E 251 36.95 -17.20 -15.10
CA GLN E 251 35.90 -16.32 -15.60
C GLN E 251 35.11 -15.74 -14.44
N TYR E 252 34.89 -14.43 -14.47
CA TYR E 252 34.12 -13.70 -13.46
C TYR E 252 32.78 -13.27 -14.06
N LEU E 253 31.69 -13.64 -13.41
CA LEU E 253 30.33 -13.36 -13.89
C LEU E 253 29.60 -12.49 -12.87
N GLY E 254 29.14 -11.32 -13.29
CA GLY E 254 28.45 -10.41 -12.40
C GLY E 254 27.09 -10.02 -12.95
N PHE E 255 26.14 -9.81 -12.03
CA PHE E 255 24.76 -9.47 -12.38
C PHE E 255 24.35 -8.18 -11.69
N ASN E 256 23.90 -7.20 -12.47
CA ASN E 256 23.04 -6.13 -11.99
C ASN E 256 21.69 -6.42 -12.63
N PHE E 257 20.69 -6.77 -11.82
CA PHE E 257 19.46 -7.24 -12.41
C PHE E 257 18.59 -6.12 -12.98
N ASN E 258 19.09 -4.88 -13.01
CA ASN E 258 18.45 -3.91 -13.89
C ASN E 258 18.71 -4.17 -15.36
N VAL E 259 19.47 -5.22 -15.69
CA VAL E 259 19.49 -5.73 -17.06
C VAL E 259 18.11 -6.23 -17.47
N MET E 260 17.31 -6.68 -16.50
CA MET E 260 15.98 -7.17 -16.76
C MET E 260 15.02 -6.02 -17.01
N ASP E 261 13.98 -6.29 -17.80
CA ASP E 261 12.92 -5.31 -17.97
C ASP E 261 12.34 -4.93 -16.61
N SER E 262 12.08 -3.63 -16.44
CA SER E 262 11.57 -3.12 -15.16
C SER E 262 10.35 -3.91 -14.67
N SER E 263 9.49 -4.33 -15.61
CA SER E 263 8.29 -5.08 -15.23
C SER E 263 8.63 -6.34 -14.44
N THR E 264 9.80 -6.93 -14.66
CA THR E 264 10.14 -8.15 -13.94
C THR E 264 11.21 -7.97 -12.87
N ALA E 265 11.75 -6.77 -12.68
CA ALA E 265 12.70 -6.51 -11.60
C ALA E 265 12.51 -5.10 -11.05
N PRO E 266 11.41 -4.86 -10.31
CA PRO E 266 11.25 -3.53 -9.69
C PRO E 266 12.23 -3.28 -8.56
N GLY E 267 12.50 -4.27 -7.70
CA GLY E 267 13.34 -4.04 -6.55
C GLY E 267 14.82 -4.01 -6.83
N VAL E 268 15.26 -3.06 -7.66
CA VAL E 268 16.67 -2.86 -7.94
C VAL E 268 16.96 -1.38 -7.71
N THR E 269 18.26 -1.06 -7.63
CA THR E 269 18.65 0.31 -7.35
C THR E 269 18.16 1.25 -8.43
N SER E 270 18.29 0.85 -9.71
CA SER E 270 18.01 1.73 -10.83
C SER E 270 17.30 0.92 -11.92
N THR E 271 15.97 0.81 -11.79
CA THR E 271 15.21 0.00 -12.72
C THR E 271 15.08 0.70 -14.08
N GLU E 272 15.03 -0.10 -15.14
CA GLU E 272 15.04 0.42 -16.51
C GLU E 272 14.09 -0.39 -17.39
N PRO E 273 13.18 0.26 -18.12
CA PRO E 273 12.35 -0.47 -19.08
C PRO E 273 13.14 -0.91 -20.30
N GLY E 274 12.57 -1.88 -21.02
CA GLY E 274 13.14 -2.35 -22.26
C GLY E 274 14.28 -3.32 -22.13
N GLY E 275 14.29 -4.17 -21.11
CA GLY E 275 15.35 -5.10 -20.87
C GLY E 275 14.91 -6.53 -21.12
N LEU E 276 15.74 -7.47 -20.63
CA LEU E 276 15.50 -8.89 -20.84
C LEU E 276 14.26 -9.39 -20.10
N GLU E 277 13.50 -10.26 -20.76
CA GLU E 277 12.48 -11.05 -20.09
C GLU E 277 13.12 -12.10 -19.21
N SER E 278 12.36 -12.59 -18.24
CA SER E 278 12.85 -13.69 -17.40
C SER E 278 13.13 -14.95 -18.22
N ARG E 279 12.26 -15.29 -19.17
CA ARG E 279 12.54 -16.48 -19.99
C ARG E 279 13.82 -16.35 -20.80
N GLU E 280 14.20 -15.13 -21.19
CA GLU E 280 15.44 -14.96 -21.94
C GLU E 280 16.67 -15.18 -21.06
N MET E 281 16.64 -14.67 -19.84
CA MET E 281 17.75 -14.87 -18.92
C MET E 281 17.96 -16.35 -18.61
N MET E 282 16.87 -17.08 -18.35
CA MET E 282 17.00 -18.50 -18.01
C MET E 282 17.70 -19.26 -19.13
N ARG E 283 17.36 -18.93 -20.38
CA ARG E 283 18.06 -19.54 -21.51
C ARG E 283 19.52 -19.10 -21.57
N ILE E 284 19.81 -17.83 -21.27
CA ILE E 284 21.20 -17.38 -21.23
C ILE E 284 21.98 -18.13 -20.15
N VAL E 285 21.35 -18.38 -19.00
CA VAL E 285 21.97 -19.15 -17.93
C VAL E 285 22.40 -20.53 -18.42
N ASP E 286 21.54 -21.21 -19.19
CA ASP E 286 21.94 -22.51 -19.75
C ASP E 286 23.10 -22.37 -20.72
N MET E 287 23.12 -21.27 -21.50
CA MET E 287 24.22 -21.05 -22.43
C MET E 287 25.54 -20.85 -21.69
N ILE E 288 25.54 -20.08 -20.61
CA ILE E 288 26.74 -19.94 -19.81
C ILE E 288 27.14 -21.29 -19.23
N ALA E 289 26.17 -22.02 -18.68
CA ALA E 289 26.43 -23.30 -18.03
C ALA E 289 27.04 -24.34 -18.96
N LYS E 290 26.91 -24.16 -20.27
CA LYS E 290 27.51 -25.12 -21.19
C LYS E 290 29.03 -25.13 -21.07
N ARG E 291 29.62 -24.04 -20.59
CA ARG E 291 31.07 -23.95 -20.51
C ARG E 291 31.66 -24.74 -19.35
N GLY E 292 30.82 -25.27 -18.46
CA GLY E 292 31.27 -26.20 -17.44
C GLY E 292 32.11 -25.61 -16.33
N GLY E 293 31.95 -24.33 -16.03
CA GLY E 293 32.67 -23.77 -14.91
C GLY E 293 32.70 -22.26 -14.95
N VAL E 294 32.89 -21.68 -13.77
CA VAL E 294 33.04 -20.24 -13.61
C VAL E 294 33.79 -20.02 -12.30
N SER E 295 34.52 -18.91 -12.20
CA SER E 295 35.39 -18.68 -11.04
C SER E 295 34.76 -17.85 -9.95
N VAL E 296 34.05 -16.77 -10.28
CA VAL E 296 33.38 -15.95 -9.27
C VAL E 296 32.02 -15.53 -9.83
N ILE E 297 31.01 -15.52 -8.96
CA ILE E 297 29.68 -15.05 -9.29
C ILE E 297 29.34 -13.91 -8.34
N ASP E 298 28.94 -12.77 -8.90
CA ASP E 298 28.48 -11.65 -8.08
C ASP E 298 27.11 -11.21 -8.54
N LEU E 299 26.38 -10.61 -7.61
CA LEU E 299 25.15 -9.89 -7.90
C LEU E 299 25.11 -8.67 -7.01
N THR E 300 24.83 -7.52 -7.62
CA THR E 300 24.81 -6.24 -6.92
C THR E 300 23.52 -5.50 -7.28
N GLU E 301 23.25 -4.44 -6.51
CA GLU E 301 22.21 -3.45 -6.81
C GLU E 301 20.79 -3.98 -6.69
N LEU E 302 20.60 -5.11 -6.02
CA LEU E 302 19.27 -5.45 -5.52
C LEU E 302 18.84 -4.46 -4.45
N CYS E 303 17.57 -4.09 -4.46
CA CYS E 303 17.06 -3.01 -3.60
C CYS E 303 15.71 -3.42 -3.06
N PRO E 304 15.68 -4.21 -1.98
CA PRO E 304 14.43 -4.86 -1.56
C PRO E 304 13.31 -3.91 -1.16
N ILE E 305 13.64 -2.70 -0.72
CA ILE E 305 12.61 -1.77 -0.26
C ILE E 305 11.67 -1.36 -1.40
N PHE E 306 12.13 -1.46 -2.65
CA PHE E 306 11.31 -1.16 -3.82
C PHE E 306 10.62 -2.40 -4.37
N ASP E 307 10.76 -3.53 -3.72
CA ASP E 307 10.25 -4.76 -4.30
C ASP E 307 8.78 -4.95 -3.93
N ILE E 308 8.06 -5.64 -4.82
CA ILE E 308 6.65 -6.00 -4.65
C ILE E 308 6.55 -7.51 -4.84
N SER E 309 6.07 -8.21 -3.80
CA SER E 309 6.06 -9.68 -3.74
C SER E 309 7.45 -10.26 -3.95
N GLY E 310 8.49 -9.53 -3.55
CA GLY E 310 9.84 -10.03 -3.68
C GLY E 310 10.29 -10.29 -5.10
N THR E 311 9.72 -9.55 -6.08
CA THR E 311 9.87 -9.92 -7.49
C THR E 311 11.33 -9.92 -7.91
N ALA E 312 12.07 -8.84 -7.64
CA ALA E 312 13.47 -8.81 -8.02
C ALA E 312 14.27 -9.84 -7.26
N ALA E 313 14.04 -9.97 -5.94
CA ALA E 313 14.75 -10.96 -5.14
C ALA E 313 14.43 -12.38 -5.62
N ARG E 314 13.18 -12.65 -5.96
CA ARG E 314 12.82 -13.98 -6.45
C ARG E 314 13.46 -14.27 -7.80
N LEU E 315 13.48 -13.29 -8.70
CA LEU E 315 14.14 -13.49 -9.99
C LEU E 315 15.63 -13.76 -9.79
N ALA E 316 16.30 -12.93 -8.98
CA ALA E 316 17.72 -13.12 -8.70
C ALA E 316 17.99 -14.50 -8.12
N ALA E 317 17.17 -14.92 -7.15
CA ALA E 317 17.36 -16.23 -6.54
C ALA E 317 17.25 -17.33 -7.58
N CYS E 318 16.23 -17.24 -8.45
CA CYS E 318 16.01 -18.30 -9.43
C CYS E 318 17.09 -18.33 -10.49
N VAL E 319 17.69 -17.18 -10.83
CA VAL E 319 18.78 -17.15 -11.79
C VAL E 319 20.03 -17.80 -11.22
N ILE E 320 20.41 -17.40 -10.01
CA ILE E 320 21.64 -17.91 -9.41
C ILE E 320 21.51 -19.40 -9.14
N MET E 321 20.37 -19.82 -8.58
CA MET E 321 20.19 -21.25 -8.30
C MET E 321 20.09 -22.05 -9.58
N ARG E 322 19.42 -21.51 -10.61
CA ARG E 322 19.37 -22.22 -11.88
C ARG E 322 20.76 -22.36 -12.49
N LEU E 323 21.61 -21.35 -12.31
CA LEU E 323 22.97 -21.47 -12.81
C LEU E 323 23.71 -22.61 -12.10
N MET E 324 23.61 -22.66 -10.77
CA MET E 324 24.21 -23.76 -10.03
C MET E 324 23.64 -25.11 -10.48
N ALA E 325 22.32 -25.19 -10.61
CA ALA E 325 21.70 -26.44 -11.04
C ALA E 325 22.15 -26.83 -12.45
N SER E 326 22.25 -25.85 -13.35
CA SER E 326 22.62 -26.13 -14.73
C SER E 326 24.08 -26.55 -14.84
N LEU E 327 24.95 -25.91 -14.05
CA LEU E 327 26.35 -26.31 -14.03
C LEU E 327 26.51 -27.75 -13.53
N ALA E 328 25.74 -28.12 -12.50
CA ALA E 328 25.82 -29.49 -11.99
C ALA E 328 25.34 -30.51 -13.03
N ALA E 329 24.26 -30.19 -13.74
CA ALA E 329 23.79 -31.07 -14.80
C ALA E 329 24.82 -31.20 -15.90
N GLN E 330 25.47 -30.09 -16.27
CA GLN E 330 26.50 -30.11 -17.30
C GLN E 330 27.68 -30.98 -16.89
N ASP E 331 28.01 -30.97 -15.60
CA ASP E 331 29.10 -31.77 -15.04
C ASP E 331 28.71 -33.24 -14.85
N GLY E 332 27.46 -33.60 -15.13
CA GLY E 332 26.98 -34.94 -14.83
C GLY E 332 26.68 -35.17 -13.37
N ASP E 333 26.75 -34.12 -12.54
CA ASP E 333 26.55 -34.24 -11.09
C ASP E 333 25.05 -34.25 -10.79
N VAL E 334 24.41 -35.34 -11.18
CA VAL E 334 22.99 -35.52 -11.01
C VAL E 334 22.75 -36.55 -9.91
N ILE E 335 21.49 -36.66 -9.47
CA ILE E 335 21.12 -37.58 -8.41
C ILE E 335 20.51 -38.83 -9.02
N ASP E 336 20.47 -39.89 -8.22
CA ASP E 336 19.83 -41.15 -8.61
C ASP E 336 18.32 -40.93 -8.78
N ASP E 337 17.87 -40.88 -10.03
CA ASP E 337 16.47 -40.60 -10.34
C ASP E 337 15.51 -41.69 -9.88
N LYS E 338 16.03 -42.84 -9.43
CA LYS E 338 15.21 -43.92 -8.92
C LYS E 338 14.84 -43.75 -7.45
N LEU E 339 15.48 -42.84 -6.72
CA LEU E 339 15.08 -42.56 -5.34
C LEU E 339 13.62 -42.17 -5.29
N ARG E 340 12.89 -42.69 -4.30
CA ARG E 340 11.49 -42.37 -4.11
C ARG E 340 11.22 -42.00 -2.66
N ARG E 341 10.17 -41.20 -2.46
CA ARG E 341 9.79 -40.78 -1.11
C ARG E 341 9.44 -41.96 -0.22
N THR E 342 8.91 -43.03 -0.78
CA THR E 342 8.61 -44.25 -0.04
C THR E 342 9.86 -44.98 0.41
N ASP E 343 11.06 -44.42 0.28
CA ASP E 343 12.28 -45.03 0.82
C ASP E 343 12.70 -44.42 2.14
N LEU E 344 12.12 -43.30 2.55
CA LEU E 344 12.51 -42.64 3.78
C LEU E 344 12.07 -43.42 5.01
N VAL E 345 12.98 -43.57 5.97
CA VAL E 345 12.70 -44.29 7.22
C VAL E 345 12.37 -43.31 8.36
N SER F 6 -4.38 43.83 -2.19
CA SER F 6 -5.39 42.82 -2.53
C SER F 6 -5.62 41.85 -1.37
N TYR F 7 -6.88 41.50 -1.17
CA TYR F 7 -7.34 40.64 -0.08
C TYR F 7 -7.99 39.36 -0.58
N ALA F 8 -7.95 39.12 -1.89
CA ALA F 8 -8.63 37.96 -2.46
C ALA F 8 -8.12 36.64 -1.86
N HIS F 9 -6.88 36.60 -1.41
CA HIS F 9 -6.32 35.38 -0.81
C HIS F 9 -6.96 35.02 0.54
N LEU F 10 -7.76 35.91 1.13
CA LEU F 10 -8.45 35.58 2.37
C LEU F 10 -9.69 34.73 2.14
N PHE F 11 -10.25 34.76 0.93
CA PHE F 11 -11.60 34.29 0.67
C PHE F 11 -11.63 33.19 -0.39
N SER F 12 -12.80 32.58 -0.50
CA SER F 12 -13.06 31.63 -1.58
C SER F 12 -12.84 32.32 -2.92
N PRO F 13 -12.20 31.64 -3.87
CA PRO F 13 -11.97 32.25 -5.18
C PRO F 13 -13.26 32.62 -5.88
N LEU F 14 -13.24 33.78 -6.54
CA LEU F 14 -14.36 34.21 -7.35
C LEU F 14 -14.31 33.48 -8.69
N GLY F 15 -15.40 33.54 -9.43
CA GLY F 15 -15.42 32.94 -10.76
C GLY F 15 -14.70 33.81 -11.79
N GLY F 16 -14.57 33.26 -12.99
CA GLY F 16 -14.01 33.97 -14.13
C GLY F 16 -12.53 34.28 -14.08
N ASP F 17 -11.84 34.03 -12.96
CA ASP F 17 -10.49 34.56 -12.77
C ASP F 17 -9.41 33.73 -13.46
N GLY F 26 3.29 28.38 -8.90
CA GLY F 26 4.26 27.50 -9.51
C GLY F 26 5.47 27.22 -8.63
N LEU F 27 6.10 28.29 -8.16
CA LEU F 27 7.26 28.16 -7.31
C LEU F 27 6.89 27.47 -6.00
N ILE F 28 7.70 26.51 -5.58
CA ILE F 28 7.42 25.73 -4.38
C ILE F 28 8.04 26.48 -3.21
N THR F 29 7.21 27.19 -2.44
CA THR F 29 7.71 27.98 -1.33
C THR F 29 6.83 27.79 -0.11
N PHE F 30 7.44 27.96 1.05
CA PHE F 30 6.73 27.94 2.33
C PHE F 30 5.58 28.94 2.32
N LEU F 31 4.36 28.43 2.53
CA LEU F 31 3.14 29.25 2.63
C LEU F 31 2.88 30.08 1.36
N ARG F 32 3.34 29.59 0.21
CA ARG F 32 3.25 30.36 -1.05
CA ARG F 32 3.22 30.37 -1.03
C ARG F 32 3.83 31.76 -0.88
N SER F 33 4.86 31.88 -0.03
CA SER F 33 5.44 33.20 0.22
C SER F 33 6.51 33.52 -0.83
N ALA F 34 6.83 34.80 -0.94
CA ALA F 34 7.79 35.22 -1.96
C ALA F 34 9.18 34.71 -1.65
N HIS F 35 9.97 34.48 -2.70
CA HIS F 35 11.37 34.16 -2.54
C HIS F 35 12.19 35.44 -2.43
N VAL F 36 13.02 35.51 -1.40
CA VAL F 36 14.01 36.57 -1.22
C VAL F 36 15.36 35.88 -1.06
N PRO F 37 16.41 36.34 -1.74
CA PRO F 37 17.71 35.68 -1.61
C PRO F 37 18.20 35.76 -0.17
N LEU F 38 19.09 34.82 0.17
CA LEU F 38 19.70 34.78 1.50
C LEU F 38 20.71 35.90 1.63
N ASN F 39 20.21 37.11 1.84
CA ASN F 39 21.02 38.31 1.91
C ASN F 39 20.42 39.23 2.96
N ALA F 40 21.25 39.67 3.92
CA ALA F 40 20.71 40.40 5.07
C ALA F 40 20.03 41.69 4.63
N GLU F 41 20.63 42.39 3.66
CA GLU F 41 20.04 43.65 3.20
C GLU F 41 18.72 43.43 2.50
N ALA F 42 18.65 42.43 1.62
CA ALA F 42 17.40 42.13 0.93
C ALA F 42 16.32 41.66 1.90
N LEU F 43 16.71 40.92 2.93
CA LEU F 43 15.71 40.41 3.87
C LEU F 43 15.11 41.53 4.72
N LYS F 44 15.93 42.46 5.19
CA LYS F 44 15.42 43.54 6.03
C LYS F 44 14.44 44.42 5.25
N ALA F 45 14.69 44.63 3.97
CA ALA F 45 13.86 45.49 3.14
C ALA F 45 12.59 44.82 2.64
N CYS F 46 12.46 43.49 2.74
CA CYS F 46 11.31 42.85 2.11
C CYS F 46 10.03 42.99 2.94
N GLY F 47 10.13 43.29 4.23
CA GLY F 47 8.96 43.48 5.06
C GLY F 47 8.48 42.28 5.84
N ALA F 48 9.01 41.08 5.59
CA ALA F 48 8.56 39.91 6.33
C ALA F 48 9.16 39.91 7.74
N LYS F 49 8.57 39.09 8.61
CA LYS F 49 9.15 38.86 9.94
C LYS F 49 9.92 37.55 10.04
N TYR F 50 9.61 36.55 9.20
CA TYR F 50 10.27 35.25 9.22
C TYR F 50 10.90 34.96 7.87
N ALA F 51 12.03 34.26 7.90
CA ALA F 51 12.71 33.82 6.68
C ALA F 51 12.91 32.31 6.78
N PHE F 52 12.20 31.57 5.95
CA PHE F 52 12.30 30.12 5.91
C PHE F 52 13.56 29.69 5.16
N VAL F 53 14.33 28.80 5.77
CA VAL F 53 15.58 28.31 5.21
C VAL F 53 15.53 26.79 5.21
N GLY F 54 15.58 26.17 4.03
CA GLY F 54 15.66 24.74 3.96
C GLY F 54 17.10 24.27 4.11
N VAL F 55 17.29 23.23 4.91
CA VAL F 55 18.63 22.70 5.15
C VAL F 55 18.58 21.19 4.93
N PRO F 56 18.64 20.70 3.68
CA PRO F 56 18.56 19.24 3.40
C PRO F 56 19.88 18.50 3.66
N PHE F 57 20.23 18.40 4.94
CA PHE F 57 21.50 17.83 5.37
C PHE F 57 21.24 16.71 6.37
N ASP F 58 21.76 15.51 6.09
CA ASP F 58 21.48 14.38 6.98
C ASP F 58 22.74 13.62 7.39
N GLU F 59 23.91 14.22 7.25
CA GLU F 59 25.14 13.50 7.53
C GLU F 59 25.54 13.53 9.00
N GLY F 60 24.69 14.10 9.86
CA GLY F 60 24.78 13.87 11.28
C GLY F 60 23.81 12.81 11.77
N ASN F 61 23.00 12.25 10.87
CA ASN F 61 22.00 11.24 11.20
C ASN F 61 22.62 9.85 11.24
N ILE F 62 22.44 9.15 12.37
CA ILE F 62 22.85 7.76 12.48
C ILE F 62 21.68 6.78 12.35
N GLY F 63 20.47 7.28 12.12
CA GLY F 63 19.31 6.40 12.04
C GLY F 63 18.81 6.20 10.63
N LYS F 64 17.51 5.96 10.46
CA LYS F 64 16.98 5.72 9.12
C LYS F 64 17.03 7.00 8.29
N PRO F 65 17.36 6.89 7.01
CA PRO F 65 17.47 8.09 6.16
C PRO F 65 16.09 8.60 5.76
N GLY F 66 16.07 9.86 5.33
CA GLY F 66 14.85 10.43 4.82
C GLY F 66 14.67 11.91 5.09
N SER F 67 15.34 12.44 6.11
CA SER F 67 15.13 13.85 6.45
C SER F 67 15.65 14.79 5.37
N GLU F 68 16.46 14.28 4.44
CA GLU F 68 16.96 15.09 3.34
C GLU F 68 15.82 15.66 2.50
N ASP F 69 14.74 14.90 2.34
CA ASP F 69 13.57 15.32 1.57
C ASP F 69 12.55 16.10 2.39
N ALA F 70 12.77 16.28 3.69
CA ALA F 70 11.79 16.99 4.52
C ALA F 70 11.52 18.42 4.06
N PRO F 71 12.52 19.26 3.75
CA PRO F 71 12.19 20.64 3.40
C PRO F 71 11.20 20.78 2.24
N ARG F 72 11.36 19.98 1.18
N ARG F 72 11.38 20.00 1.17
CA ARG F 72 10.45 20.08 0.05
CA ARG F 72 10.46 20.06 0.04
C ARG F 72 9.04 19.63 0.44
C ARG F 72 9.05 19.64 0.47
N GLU F 73 8.94 18.49 1.12
CA GLU F 73 7.63 17.99 1.53
C GLU F 73 6.95 18.93 2.51
N PHE F 74 7.72 19.54 3.42
CA PHE F 74 7.15 20.55 4.31
C PHE F 74 6.60 21.72 3.52
N ARG F 75 7.38 22.24 2.57
CA ARG F 75 6.91 23.35 1.74
C ARG F 75 5.62 22.98 1.02
N LEU F 76 5.57 21.76 0.45
CA LEU F 76 4.39 21.35 -0.31
C LEU F 76 3.17 21.21 0.58
N ILE F 77 3.34 20.75 1.82
CA ILE F 77 2.21 20.60 2.71
C ILE F 77 1.60 21.96 3.07
N THR F 78 2.45 22.97 3.29
CA THR F 78 1.92 24.28 3.67
C THR F 78 1.06 24.88 2.56
N GLN F 79 1.18 24.41 1.33
CA GLN F 79 0.35 24.95 0.26
C GLN F 79 -1.07 24.38 0.25
N GLU F 80 -1.39 23.44 1.14
CA GLU F 80 -2.75 22.93 1.29
C GLU F 80 -3.65 23.85 2.12
N TYR F 81 -3.08 24.89 2.74
CA TYR F 81 -3.78 25.72 3.70
C TYR F 81 -3.87 27.18 3.24
N PHE F 82 -4.91 27.87 3.68
CA PHE F 82 -4.96 29.32 3.52
C PHE F 82 -4.04 30.00 4.53
N SER F 83 -3.68 31.25 4.26
CA SER F 83 -2.83 31.99 5.16
C SER F 83 -3.61 32.62 6.29
N TYR F 84 -4.94 32.61 6.19
CA TYR F 84 -5.84 33.23 7.15
C TYR F 84 -6.25 32.21 8.21
N TRP F 85 -6.17 32.61 9.48
CA TRP F 85 -6.49 31.79 10.65
C TRP F 85 -7.74 32.37 11.32
N PHE F 86 -8.89 31.73 11.10
CA PHE F 86 -10.11 32.28 11.68
C PHE F 86 -10.07 32.21 13.21
N GLU F 87 -9.30 31.27 13.77
CA GLU F 87 -9.19 31.19 15.22
C GLU F 87 -8.52 32.41 15.84
N TYR F 88 -7.68 33.11 15.07
CA TYR F 88 -6.91 34.25 15.58
C TYR F 88 -7.24 35.57 14.90
N ASN F 89 -8.04 35.55 13.84
CA ASN F 89 -8.28 36.72 13.02
C ASN F 89 -6.95 37.28 12.50
N VAL F 90 -6.08 36.38 12.05
CA VAL F 90 -4.73 36.72 11.62
C VAL F 90 -4.51 36.24 10.20
N ASP F 91 -3.84 37.05 9.39
CA ASP F 91 -3.42 36.69 8.04
C ASP F 91 -1.89 36.56 8.03
N LEU F 92 -1.41 35.36 7.74
CA LEU F 92 0.02 35.13 7.69
C LEU F 92 0.64 35.58 6.37
N HIS F 93 -0.18 35.99 5.42
CA HIS F 93 0.33 36.40 4.11
C HIS F 93 1.32 37.54 4.25
N GLY F 94 2.50 37.39 3.65
CA GLY F 94 3.52 38.40 3.74
C GLY F 94 4.33 38.39 5.03
N LYS F 95 3.98 37.54 6.00
CA LYS F 95 4.74 37.54 7.24
C LYS F 95 6.04 36.76 7.11
N ALA F 96 6.12 35.84 6.13
CA ALA F 96 7.32 35.06 5.90
C ALA F 96 7.74 35.19 4.44
N VAL F 97 9.03 34.95 4.21
CA VAL F 97 9.57 34.76 2.87
C VAL F 97 10.44 33.51 2.92
N ASP F 98 10.74 32.99 1.74
CA ASP F 98 11.47 31.74 1.58
C ASP F 98 12.81 32.04 0.92
N CYS F 99 13.90 31.61 1.56
CA CYS F 99 15.23 31.88 1.03
C CYS F 99 15.80 30.71 0.28
N GLY F 100 15.01 29.68 0.02
CA GLY F 100 15.54 28.48 -0.59
C GLY F 100 16.26 27.58 0.39
N ASP F 101 17.16 26.75 -0.15
CA ASP F 101 17.93 25.77 0.60
C ASP F 101 19.38 26.23 0.68
N VAL F 102 20.08 25.77 1.71
CA VAL F 102 21.53 25.89 1.75
C VAL F 102 22.11 24.77 0.88
N SER F 103 23.13 25.11 0.09
CA SER F 103 23.68 24.16 -0.87
C SER F 103 24.49 23.08 -0.16
N MET F 104 24.07 21.81 -0.30
CA MET F 104 24.68 20.72 0.45
C MET F 104 25.72 20.01 -0.41
N PRO F 105 27.02 20.17 -0.13
CA PRO F 105 28.04 19.64 -1.04
C PRO F 105 28.22 18.13 -0.98
N LYS F 106 27.72 17.47 0.07
CA LYS F 106 27.52 16.02 0.21
C LYS F 106 28.73 15.24 0.75
N VAL F 107 29.86 15.86 1.07
CA VAL F 107 30.98 15.07 1.61
C VAL F 107 31.93 15.90 2.47
N SER F 108 31.45 17.01 3.05
CA SER F 108 32.29 17.87 3.88
C SER F 108 31.47 18.39 5.04
N PRO F 109 31.28 17.58 6.09
CA PRO F 109 30.37 18.01 7.17
C PRO F 109 30.85 19.28 7.83
N GLU F 110 32.17 19.43 7.96
CA GLU F 110 32.73 20.68 8.45
C GLU F 110 32.35 21.84 7.53
N VAL F 111 32.43 21.62 6.21
CA VAL F 111 32.13 22.69 5.27
C VAL F 111 30.63 22.95 5.23
N ALA F 112 29.81 21.88 5.22
CA ALA F 112 28.37 22.06 5.22
C ALA F 112 27.93 22.86 6.43
N HIS F 113 28.47 22.54 7.62
CA HIS F 113 28.09 23.26 8.82
C HIS F 113 28.52 24.74 8.73
N GLU F 114 29.63 25.00 8.06
N GLU F 114 29.61 25.03 8.04
CA GLU F 114 30.07 26.38 7.83
CA GLU F 114 29.98 26.43 7.91
C GLU F 114 29.05 27.15 7.00
C GLU F 114 29.09 27.19 6.94
N ARG F 115 28.57 26.53 5.90
CA ARG F 115 27.56 27.16 5.07
C ARG F 115 26.28 27.41 5.87
N ILE F 116 25.91 26.45 6.71
CA ILE F 116 24.74 26.62 7.57
C ILE F 116 24.98 27.78 8.55
N TYR F 117 26.18 27.84 9.14
CA TYR F 117 26.48 28.90 10.09
C TYR F 117 26.36 30.27 9.43
N ARG F 118 26.90 30.43 8.22
CA ARG F 118 26.81 31.71 7.53
C ARG F 118 25.37 32.04 7.17
N ALA F 119 24.58 31.02 6.84
CA ALA F 119 23.20 31.23 6.44
C ALA F 119 22.38 31.78 7.61
N VAL F 120 22.54 31.17 8.79
CA VAL F 120 21.79 31.63 9.96
C VAL F 120 22.29 33.00 10.43
N ARG F 121 23.61 33.23 10.43
CA ARG F 121 24.12 34.55 10.80
C ARG F 121 23.57 35.62 9.87
N GLU F 122 23.49 35.31 8.57
CA GLU F 122 23.02 36.30 7.60
C GLU F 122 21.54 36.61 7.81
N VAL F 123 20.73 35.59 8.12
CA VAL F 123 19.32 35.85 8.42
C VAL F 123 19.19 36.66 9.70
N LEU F 124 19.92 36.27 10.74
CA LEU F 124 19.85 36.98 12.01
C LEU F 124 20.29 38.43 11.87
N LYS F 125 21.33 38.69 11.08
CA LYS F 125 21.76 40.06 10.84
C LYS F 125 20.64 40.93 10.28
N SER F 126 19.72 40.34 9.50
CA SER F 126 18.62 41.10 8.93
C SER F 126 17.55 41.47 9.95
N GLY F 127 17.52 40.79 11.09
CA GLY F 127 16.48 41.01 12.07
C GLY F 127 15.25 40.14 11.91
N LEU F 128 15.17 39.33 10.86
CA LEU F 128 14.07 38.39 10.72
C LEU F 128 14.33 37.14 11.55
N ILE F 129 13.27 36.38 11.80
CA ILE F 129 13.35 35.14 12.56
C ILE F 129 13.56 34.00 11.56
N PRO F 130 14.71 33.33 11.58
CA PRO F 130 14.87 32.16 10.72
C PRO F 130 13.96 31.02 11.15
N ILE F 131 13.29 30.42 10.17
CA ILE F 131 12.57 29.16 10.37
C ILE F 131 13.38 28.11 9.64
N ILE F 132 14.16 27.34 10.38
CA ILE F 132 15.15 26.43 9.81
C ILE F 132 14.55 25.04 9.76
N CYS F 133 14.32 24.54 8.55
CA CYS F 133 13.73 23.22 8.37
C CYS F 133 14.82 22.28 7.90
N GLY F 134 15.10 21.27 8.68
CA GLY F 134 16.30 20.52 8.43
C GLY F 134 16.21 19.14 7.86
N GLY F 135 17.39 18.57 7.76
CA GLY F 135 17.61 17.15 7.73
C GLY F 135 17.69 16.81 9.20
N ASP F 136 18.84 16.34 9.66
CA ASP F 136 18.99 15.74 10.98
C ASP F 136 19.19 16.81 12.06
N ARG F 137 19.07 16.36 13.32
CA ARG F 137 19.08 17.26 14.48
C ARG F 137 20.42 17.97 14.66
N SER F 138 21.52 17.43 14.12
CA SER F 138 22.80 18.11 14.32
C SER F 138 22.79 19.52 13.73
N ILE F 139 21.81 19.85 12.88
CA ILE F 139 21.71 21.20 12.34
C ILE F 139 21.52 22.22 13.45
N SER F 140 20.89 21.83 14.56
CA SER F 140 20.65 22.76 15.66
C SER F 140 21.94 23.23 16.31
N ILE F 141 22.97 22.39 16.36
CA ILE F 141 24.25 22.79 16.92
C ILE F 141 24.74 24.06 16.27
N THR F 142 24.71 24.07 14.93
CA THR F 142 25.27 25.19 14.20
C THR F 142 24.34 26.41 14.28
N ALA F 143 23.02 26.19 14.20
CA ALA F 143 22.08 27.29 14.31
C ALA F 143 22.14 27.92 15.70
N ALA F 144 22.20 27.10 16.75
CA ALA F 144 22.27 27.64 18.11
C ALA F 144 23.58 28.40 18.33
N ARG F 145 24.68 27.91 17.78
CA ARG F 145 25.93 28.63 17.90
C ARG F 145 25.86 29.96 17.16
N ALA F 146 25.22 29.97 15.99
CA ALA F 146 25.10 31.21 15.24
C ALA F 146 24.32 32.26 16.01
N LEU F 147 23.24 31.84 16.69
CA LEU F 147 22.50 32.78 17.50
C LEU F 147 23.33 33.28 18.68
N SER F 148 24.05 32.36 19.34
CA SER F 148 24.90 32.75 20.47
C SER F 148 25.96 33.75 20.04
N ASP F 149 26.62 33.50 18.90
CA ASP F 149 27.58 34.47 18.40
C ASP F 149 26.89 35.76 17.96
N HIS F 150 25.68 35.65 17.43
CA HIS F 150 24.95 36.83 16.96
C HIS F 150 24.68 37.82 18.09
N ILE F 151 24.20 37.32 19.23
CA ILE F 151 23.86 38.21 20.34
C ILE F 151 25.11 38.64 21.09
N GLY F 152 26.22 37.92 20.97
CA GLY F 152 27.47 38.34 21.55
C GLY F 152 27.56 37.96 23.02
N PRO F 153 28.74 38.15 23.61
CA PRO F 153 28.96 37.69 24.98
C PRO F 153 28.29 38.55 26.05
N GLN F 154 27.70 39.69 25.70
CA GLN F 154 27.02 40.51 26.70
C GLN F 154 25.53 40.23 26.78
N LYS F 155 25.01 39.27 26.02
CA LYS F 155 23.59 38.98 26.03
C LYS F 155 23.33 37.57 26.56
N LYS F 156 22.08 37.32 26.95
CA LYS F 156 21.64 36.04 27.47
C LYS F 156 20.73 35.35 26.47
N MET F 157 20.95 34.05 26.30
CA MET F 157 20.22 33.22 25.38
C MET F 157 19.35 32.23 26.15
N GLY F 158 18.20 31.92 25.59
CA GLY F 158 17.37 30.85 26.13
C GLY F 158 17.19 29.77 25.08
N TYR F 159 16.93 28.53 25.50
CA TYR F 159 16.84 27.44 24.54
C TYR F 159 15.79 26.43 25.00
N MET F 160 14.86 26.12 24.10
CA MET F 160 13.82 25.13 24.35
C MET F 160 13.76 24.16 23.18
N HIS F 161 13.73 22.86 23.49
CA HIS F 161 13.64 21.82 22.47
C HIS F 161 12.63 20.76 22.91
N PHE F 162 11.83 20.30 21.94
CA PHE F 162 10.91 19.19 22.10
C PHE F 162 11.47 17.97 21.36
N GLY F 163 11.54 16.84 22.05
CA GLY F 163 12.04 15.63 21.41
C GLY F 163 12.02 14.47 22.39
N ALA F 164 11.98 13.26 21.82
CA ALA F 164 11.99 12.07 22.67
C ALA F 164 13.40 11.73 23.18
N GLN F 165 14.44 12.32 22.59
CA GLN F 165 15.82 11.99 22.89
C GLN F 165 16.54 13.20 23.46
N LEU F 166 17.30 12.98 24.52
CA LEU F 166 18.08 14.06 25.11
C LEU F 166 19.20 14.53 24.19
N ASP F 167 19.78 13.65 23.38
CA ASP F 167 20.93 13.98 22.52
C ASP F 167 22.07 14.62 23.32
N MET F 168 22.41 13.98 24.43
CA MET F 168 23.46 14.48 25.33
C MET F 168 24.70 13.59 25.31
N ALA F 169 25.11 13.14 24.13
CA ALA F 169 26.34 12.38 23.97
C ALA F 169 27.50 13.34 23.88
N ASP F 170 28.43 13.29 24.85
CA ASP F 170 29.65 14.09 24.72
C ASP F 170 30.38 13.73 23.44
N SER F 171 30.44 12.44 23.12
CA SER F 171 30.91 12.00 21.81
C SER F 171 30.17 10.73 21.43
N TRP F 172 30.13 10.47 20.13
CA TRP F 172 29.41 9.33 19.58
C TRP F 172 30.24 8.79 18.42
N ALA F 173 30.63 7.51 18.51
CA ALA F 173 31.48 6.89 17.49
C ALA F 173 32.74 7.71 17.21
N GLY F 174 33.27 8.39 18.22
CA GLY F 174 34.44 9.21 18.06
C GLY F 174 34.20 10.60 17.50
N GLU F 175 32.96 10.94 17.16
CA GLU F 175 32.61 12.24 16.63
C GLU F 175 32.01 13.10 17.75
N ARG F 176 32.07 14.42 17.59
CA ARG F 176 31.51 15.31 18.59
CA ARG F 176 31.54 15.35 18.58
C ARG F 176 30.35 16.15 18.09
N ASN F 177 29.99 16.06 16.80
CA ASN F 177 28.93 16.91 16.27
C ASN F 177 27.89 16.14 15.46
N LEU F 178 27.69 14.86 15.78
CA LEU F 178 26.59 14.14 15.17
C LEU F 178 25.30 14.44 15.93
N ALA F 179 24.17 14.02 15.35
CA ALA F 179 22.86 14.33 15.92
C ALA F 179 22.74 13.96 17.41
N PRO F 180 23.14 12.77 17.87
CA PRO F 180 23.06 12.50 19.31
C PRO F 180 23.98 13.34 20.19
N CYS F 181 24.83 14.19 19.63
CA CYS F 181 25.70 15.07 20.39
C CYS F 181 25.13 16.48 20.56
N ALA F 182 23.96 16.77 19.99
CA ALA F 182 23.52 18.14 19.77
C ALA F 182 23.43 18.91 21.08
N MET F 183 22.66 18.41 22.04
CA MET F 183 22.47 19.12 23.30
C MET F 183 23.77 19.23 24.08
N ALA F 184 24.66 18.24 23.95
CA ALA F 184 25.95 18.32 24.63
C ALA F 184 26.78 19.49 24.12
N ARG F 185 26.67 19.80 22.82
CA ARG F 185 27.34 20.97 22.28
C ARG F 185 26.58 22.25 22.60
N ILE F 186 25.24 22.22 22.46
CA ILE F 186 24.44 23.42 22.64
C ILE F 186 24.55 23.95 24.05
N THR F 187 24.60 23.06 25.05
CA THR F 187 24.74 23.49 26.44
C THR F 187 26.17 23.90 26.79
N GLU F 188 27.11 23.86 25.86
CA GLU F 188 28.43 24.42 26.11
C GLU F 188 28.54 25.88 25.69
N LEU F 189 27.51 26.42 25.04
CA LEU F 189 27.56 27.79 24.57
C LEU F 189 27.77 28.76 25.75
N PRO F 190 28.66 29.75 25.61
CA PRO F 190 29.05 30.54 26.78
C PRO F 190 27.96 31.46 27.32
N ASN F 191 27.02 31.92 26.49
CA ASN F 191 25.97 32.80 26.98
C ASN F 191 24.63 32.09 27.13
N LEU F 192 24.65 30.76 27.25
CA LEU F 192 23.44 29.98 27.50
C LEU F 192 23.57 29.37 28.91
N ASP F 193 23.04 30.08 29.91
CA ASP F 193 22.95 29.53 31.26
C ASP F 193 22.00 28.33 31.26
N ILE F 194 22.39 27.28 31.98
CA ILE F 194 21.60 26.04 31.96
C ILE F 194 20.21 26.30 32.53
N ARG F 195 20.07 27.27 33.42
CA ARG F 195 18.76 27.61 33.95
C ARG F 195 17.83 28.15 32.86
N ASN F 196 18.38 28.55 31.71
CA ASN F 196 17.56 29.03 30.61
C ASN F 196 17.41 27.97 29.54
N VAL F 197 17.61 26.70 29.88
CA VAL F 197 17.51 25.59 28.94
C VAL F 197 16.36 24.69 29.35
N ALA F 198 15.51 24.35 28.38
CA ALA F 198 14.40 23.43 28.59
C ALA F 198 14.46 22.34 27.54
N HIS F 199 14.18 21.12 27.96
CA HIS F 199 14.08 19.99 27.04
C HIS F 199 12.85 19.19 27.47
N LEU F 200 11.93 18.99 26.54
CA LEU F 200 10.64 18.40 26.88
C LEU F 200 10.37 17.18 26.01
N GLY F 201 10.04 16.07 26.66
CA GLY F 201 9.50 14.91 25.98
C GLY F 201 10.33 13.66 26.05
N ALA F 202 11.47 13.63 26.73
CA ALA F 202 12.35 12.47 26.71
C ALA F 202 11.65 11.24 27.29
N ARG F 203 11.82 10.10 26.62
CA ARG F 203 11.17 8.86 27.02
C ARG F 203 11.81 7.69 26.27
N ASN F 204 11.55 6.48 26.75
CA ASN F 204 11.95 5.24 26.10
C ASN F 204 13.46 5.07 25.98
N ALA F 205 13.90 4.09 25.20
CA ALA F 205 15.24 3.54 25.40
C ALA F 205 16.30 4.15 24.49
N MET F 206 16.00 5.20 23.74
CA MET F 206 17.06 5.80 22.92
C MET F 206 17.78 6.91 23.67
N ASN F 207 18.14 6.63 24.92
CA ASN F 207 18.75 7.61 25.80
C ASN F 207 19.76 6.87 26.68
N PRO F 208 20.99 6.69 26.19
CA PRO F 208 21.97 5.91 26.95
C PRO F 208 22.36 6.61 28.24
N LYS F 209 23.00 5.85 29.13
CA LYS F 209 23.20 6.34 30.50
C LYS F 209 24.08 7.59 30.54
N ASP F 210 25.11 7.65 29.68
CA ASP F 210 25.96 8.85 29.68
C ASP F 210 25.20 10.10 29.25
N HIS F 211 24.07 9.96 28.55
CA HIS F 211 23.26 11.16 28.29
C HIS F 211 22.60 11.66 29.58
N ILE F 212 22.16 10.74 30.44
CA ILE F 212 21.60 11.11 31.73
C ILE F 212 22.70 11.53 32.70
N ASP F 213 23.82 10.81 32.71
CA ASP F 213 24.93 11.19 33.58
C ASP F 213 25.40 12.61 33.25
N LEU F 214 25.59 12.90 31.96
CA LEU F 214 26.03 14.23 31.55
C LEU F 214 24.97 15.29 31.85
N SER F 215 23.69 14.97 31.65
CA SER F 215 22.64 15.91 32.01
C SER F 215 22.64 16.23 33.50
N LYS F 216 22.85 15.22 34.35
CA LYS F 216 22.90 15.47 35.78
C LYS F 216 24.13 16.30 36.15
N GLU F 217 25.28 16.00 35.53
CA GLU F 217 26.51 16.74 35.81
C GLU F 217 26.32 18.24 35.55
N ARG F 218 25.57 18.58 34.50
CA ARG F 218 25.43 19.96 34.06
C ARG F 218 24.18 20.64 34.61
N GLY F 219 23.31 19.93 35.31
CA GLY F 219 22.12 20.56 35.83
C GLY F 219 21.04 20.81 34.79
N LEU F 220 21.00 20.01 33.73
CA LEU F 220 19.93 20.13 32.73
C LEU F 220 18.63 19.61 33.33
N GLN F 221 17.69 20.50 33.62
CA GLN F 221 16.42 20.10 34.23
C GLN F 221 15.43 19.77 33.13
N TYR F 222 15.68 18.67 32.44
CA TYR F 222 14.81 18.29 31.35
C TYR F 222 13.49 17.79 31.91
N ASP F 223 12.41 18.03 31.16
CA ASP F 223 11.08 17.58 31.53
C ASP F 223 10.78 16.32 30.72
N SER F 224 11.02 15.16 31.33
CA SER F 224 10.72 13.91 30.66
C SER F 224 9.22 13.80 30.43
N MET F 225 8.85 12.94 29.48
CA MET F 225 7.42 12.73 29.23
C MET F 225 6.71 12.27 30.49
N PHE F 226 7.34 11.37 31.27
CA PHE F 226 6.75 10.96 32.54
C PHE F 226 6.50 12.17 33.44
N ASP F 227 7.51 13.03 33.62
CA ASP F 227 7.35 14.27 34.37
C ASP F 227 6.15 15.07 33.85
N LEU F 228 6.04 15.18 32.53
CA LEU F 228 4.98 16.01 31.96
C LEU F 228 3.60 15.42 32.28
N PHE F 229 3.43 14.12 32.06
CA PHE F 229 2.14 13.49 32.33
C PHE F 229 1.76 13.63 33.80
N ASP F 230 2.72 13.38 34.69
CA ASP F 230 2.44 13.44 36.13
C ASP F 230 2.00 14.82 36.57
N ALA F 231 2.47 15.88 35.90
CA ALA F 231 2.14 17.25 36.24
C ALA F 231 0.91 17.77 35.50
N GLY F 232 0.24 16.94 34.72
CA GLY F 232 -0.83 17.42 33.85
C GLY F 232 -0.34 18.22 32.67
N ILE F 233 0.95 18.15 32.37
CA ILE F 233 1.60 18.75 31.20
C ILE F 233 1.71 20.26 31.32
N TYR F 234 0.59 20.98 31.23
CA TYR F 234 0.67 22.42 31.07
C TYR F 234 1.30 23.16 32.25
N PRO F 235 1.06 22.81 33.52
CA PRO F 235 1.74 23.53 34.61
C PRO F 235 3.26 23.45 34.53
N LEU F 236 3.81 22.29 34.14
CA LEU F 236 5.26 22.15 34.03
C LEU F 236 5.79 22.86 32.79
N VAL F 237 5.08 22.75 31.66
CA VAL F 237 5.50 23.48 30.47
C VAL F 237 5.57 24.98 30.75
N GLU F 238 4.58 25.50 31.49
CA GLU F 238 4.59 26.93 31.78
C GLU F 238 5.83 27.32 32.58
N ARG F 239 6.27 26.46 33.49
CA ARG F 239 7.45 26.77 34.28
C ARG F 239 8.72 26.74 33.42
N SER F 240 8.79 25.84 32.45
CA SER F 240 9.97 25.81 31.59
C SER F 240 9.96 26.95 30.59
N ILE F 241 8.77 27.30 30.08
CA ILE F 241 8.63 28.51 29.27
C ILE F 241 9.16 29.72 30.03
N ASP F 242 8.76 29.85 31.30
CA ASP F 242 9.21 30.99 32.08
C ASP F 242 10.73 30.96 32.26
N ARG F 243 11.31 29.78 32.46
CA ARG F 243 12.76 29.73 32.62
C ARG F 243 13.48 30.16 31.34
N VAL F 244 12.92 29.81 30.17
CA VAL F 244 13.59 30.10 28.91
C VAL F 244 13.41 31.55 28.52
N TRP F 245 12.25 32.14 28.82
CA TRP F 245 11.94 33.49 28.37
C TRP F 245 12.17 34.57 29.42
N SER F 246 12.17 34.25 30.71
CA SER F 246 12.36 35.30 31.71
C SER F 246 13.82 35.71 31.77
N GLY F 247 14.08 36.98 31.51
CA GLY F 247 15.41 37.53 31.63
C GLY F 247 16.36 37.23 30.51
N THR F 248 15.89 36.65 29.40
CA THR F 248 16.78 36.37 28.29
C THR F 248 16.53 37.35 27.16
N ASP F 249 17.57 37.61 26.39
CA ASP F 249 17.53 38.54 25.28
C ASP F 249 17.13 37.88 23.96
N ALA F 250 17.31 36.57 23.83
CA ALA F 250 16.95 35.83 22.63
C ALA F 250 16.58 34.42 23.02
N GLN F 251 15.66 33.81 22.27
CA GLN F 251 15.20 32.46 22.58
C GLN F 251 15.25 31.59 21.33
N TYR F 252 15.78 30.39 21.47
CA TYR F 252 15.84 29.41 20.39
C TYR F 252 14.83 28.31 20.68
N LEU F 253 13.95 28.06 19.72
CA LEU F 253 12.88 27.07 19.87
C LEU F 253 13.04 26.02 18.79
N GLY F 254 13.18 24.76 19.19
CA GLY F 254 13.39 23.67 18.26
C GLY F 254 12.45 22.51 18.49
N PHE F 255 12.11 21.83 17.40
CA PHE F 255 11.18 20.69 17.41
C PHE F 255 11.81 19.48 16.71
N ASN F 256 11.82 18.35 17.42
CA ASN F 256 11.83 17.02 16.82
C ASN F 256 10.44 16.44 17.06
N PHE F 257 9.70 16.21 16.00
CA PHE F 257 8.32 15.83 16.21
C PHE F 257 8.15 14.37 16.64
N ASN F 258 9.24 13.64 16.92
CA ASN F 258 9.05 12.42 17.69
C ASN F 258 8.71 12.71 19.14
N VAL F 259 8.65 13.99 19.54
CA VAL F 259 8.03 14.33 20.81
C VAL F 259 6.56 13.92 20.80
N MET F 260 5.93 13.89 19.62
CA MET F 260 4.53 13.50 19.50
C MET F 260 4.38 12.00 19.58
N ASP F 261 3.22 11.54 20.05
CA ASP F 261 2.88 10.13 19.99
C ASP F 261 2.99 9.61 18.57
N SER F 262 3.58 8.41 18.43
CA SER F 262 3.82 7.84 17.11
C SER F 262 2.57 7.85 16.22
N SER F 263 1.39 7.64 16.81
CA SER F 263 0.15 7.61 16.05
C SER F 263 -0.09 8.90 15.28
N THR F 264 0.39 10.04 15.78
CA THR F 264 0.12 11.30 15.11
C THR F 264 1.33 11.90 14.42
N ALA F 265 2.51 11.24 14.48
CA ALA F 265 3.67 11.67 13.71
C ALA F 265 4.47 10.45 13.27
N PRO F 266 3.92 9.65 12.35
CA PRO F 266 4.72 8.50 11.86
C PRO F 266 5.91 8.92 11.02
N GLY F 267 5.76 9.96 10.19
CA GLY F 267 6.82 10.37 9.29
C GLY F 267 7.90 11.20 9.95
N VAL F 268 8.59 10.61 10.92
CA VAL F 268 9.75 11.21 11.55
C VAL F 268 10.86 10.17 11.56
N THR F 269 12.08 10.63 11.81
CA THR F 269 13.24 9.74 11.72
C THR F 269 13.18 8.60 12.73
N SER F 270 12.75 8.88 13.95
CA SER F 270 12.74 7.83 14.96
C SER F 270 11.48 7.98 15.82
N THR F 271 10.41 7.35 15.37
CA THR F 271 9.10 7.48 16.02
C THR F 271 9.07 6.73 17.36
N GLU F 272 8.29 7.26 18.30
CA GLU F 272 8.25 6.74 19.68
C GLU F 272 6.84 6.75 20.26
N PRO F 273 6.35 5.63 20.76
CA PRO F 273 5.04 5.63 21.42
C PRO F 273 5.08 6.41 22.74
N GLY F 274 3.90 6.82 23.19
CA GLY F 274 3.75 7.49 24.48
C GLY F 274 4.11 8.96 24.51
N GLY F 275 3.85 9.69 23.43
CA GLY F 275 4.20 11.09 23.36
C GLY F 275 3.00 12.01 23.42
N LEU F 276 3.24 13.27 23.04
CA LEU F 276 2.20 14.30 23.08
C LEU F 276 1.11 14.03 22.05
N GLU F 277 -0.12 14.41 22.42
CA GLU F 277 -1.22 14.50 21.45
C GLU F 277 -1.15 15.84 20.71
N SER F 278 -1.73 15.86 19.51
CA SER F 278 -1.74 17.10 18.74
C SER F 278 -2.42 18.23 19.52
N ARG F 279 -3.53 17.94 20.21
CA ARG F 279 -4.20 18.99 20.97
C ARG F 279 -3.33 19.51 22.09
N GLU F 280 -2.46 18.66 22.63
CA GLU F 280 -1.57 19.16 23.67
C GLU F 280 -0.52 20.09 23.07
N MET F 281 0.04 19.74 21.90
CA MET F 281 1.03 20.61 21.29
C MET F 281 0.41 21.94 20.86
N MET F 282 -0.86 21.95 20.45
CA MET F 282 -1.47 23.22 20.05
C MET F 282 -1.59 24.18 21.24
N ARG F 283 -2.06 23.68 22.39
CA ARG F 283 -2.14 24.54 23.58
C ARG F 283 -0.76 25.04 23.99
N ILE F 284 0.25 24.17 23.92
CA ILE F 284 1.61 24.60 24.24
C ILE F 284 2.07 25.72 23.32
N VAL F 285 1.70 25.63 22.03
CA VAL F 285 2.05 26.69 21.08
C VAL F 285 1.47 28.02 21.55
N ASP F 286 0.20 28.03 21.97
CA ASP F 286 -0.37 29.28 22.48
C ASP F 286 0.36 29.75 23.73
N MET F 287 0.76 28.82 24.60
CA MET F 287 1.50 29.19 25.80
C MET F 287 2.84 29.84 25.45
N ILE F 288 3.54 29.29 24.46
CA ILE F 288 4.80 29.90 24.02
C ILE F 288 4.54 31.29 23.47
N ALA F 289 3.52 31.40 22.60
CA ALA F 289 3.22 32.68 21.96
C ALA F 289 2.83 33.75 22.96
N LYS F 290 2.35 33.38 24.16
CA LYS F 290 2.00 34.39 25.16
C LYS F 290 3.21 35.25 25.54
N ARG F 291 4.42 34.72 25.40
CA ARG F 291 5.63 35.48 25.67
C ARG F 291 5.96 36.50 24.59
N GLY F 292 5.23 36.49 23.47
CA GLY F 292 5.31 37.59 22.52
C GLY F 292 6.60 37.71 21.72
N GLY F 293 7.30 36.61 21.48
CA GLY F 293 8.49 36.66 20.64
C GLY F 293 9.38 35.43 20.71
N VAL F 294 10.16 35.20 19.66
CA VAL F 294 11.12 34.10 19.62
C VAL F 294 12.17 34.51 18.61
N SER F 295 13.40 34.03 18.78
CA SER F 295 14.50 34.48 17.95
C SER F 295 14.82 33.55 16.79
N VAL F 296 14.78 32.23 17.03
CA VAL F 296 15.01 31.23 16.00
C VAL F 296 14.03 30.08 16.24
N ILE F 297 13.49 29.54 15.15
CA ILE F 297 12.63 28.36 15.15
C ILE F 297 13.26 27.31 14.25
N ASP F 298 13.43 26.09 14.77
CA ASP F 298 13.86 25.00 13.91
C ASP F 298 12.93 23.81 14.06
N LEU F 299 12.91 22.98 13.02
CA LEU F 299 12.30 21.67 13.07
C LEU F 299 13.19 20.71 12.29
N THR F 300 13.50 19.58 12.89
CA THR F 300 14.37 18.61 12.26
C THR F 300 13.74 17.23 12.35
N GLU F 301 14.33 16.30 11.60
CA GLU F 301 14.06 14.87 11.68
C GLU F 301 12.67 14.48 11.17
N LEU F 302 12.00 15.34 10.40
CA LEU F 302 10.87 14.87 9.61
C LEU F 302 11.36 13.87 8.56
N CYS F 303 10.57 12.85 8.28
CA CYS F 303 11.01 11.76 7.41
C CYS F 303 9.85 11.35 6.53
N PRO F 304 9.63 12.07 5.43
CA PRO F 304 8.39 11.88 4.65
C PRO F 304 8.23 10.49 4.07
N ILE F 305 9.31 9.75 3.83
CA ILE F 305 9.16 8.43 3.22
C ILE F 305 8.38 7.49 4.13
N PHE F 306 8.39 7.72 5.44
CA PHE F 306 7.62 6.91 6.38
C PHE F 306 6.23 7.46 6.67
N ASP F 307 5.82 8.56 6.04
CA ASP F 307 4.58 9.21 6.43
C ASP F 307 3.38 8.56 5.73
N ILE F 308 2.21 8.70 6.35
CA ILE F 308 0.95 8.17 5.85
C ILE F 308 -0.06 9.31 5.76
N SER F 309 -0.54 9.60 4.56
CA SER F 309 -1.36 10.77 4.30
C SER F 309 -0.66 12.05 4.73
N GLY F 310 0.67 12.04 4.70
CA GLY F 310 1.43 13.23 5.08
C GLY F 310 1.26 13.63 6.54
N THR F 311 0.98 12.66 7.43
CA THR F 311 0.50 13.01 8.76
C THR F 311 1.51 13.84 9.55
N ALA F 312 2.77 13.40 9.60
CA ALA F 312 3.78 14.15 10.35
C ALA F 312 4.06 15.51 9.71
N ALA F 313 4.15 15.56 8.38
CA ALA F 313 4.39 16.83 7.71
C ALA F 313 3.22 17.79 7.96
N ARG F 314 2.00 17.28 7.93
CA ARG F 314 0.83 18.11 8.16
C ARG F 314 0.81 18.62 9.58
N LEU F 315 1.13 17.74 10.53
CA LEU F 315 1.20 18.14 11.92
C LEU F 315 2.26 19.23 12.13
N ALA F 316 3.46 19.03 11.59
CA ALA F 316 4.53 20.04 11.74
C ALA F 316 4.10 21.39 11.15
N ALA F 317 3.51 21.38 9.95
CA ALA F 317 3.05 22.61 9.33
C ALA F 317 2.00 23.32 10.19
N CYS F 318 1.03 22.57 10.72
CA CYS F 318 0.00 23.20 11.55
CA CYS F 318 0.01 23.22 11.54
C CYS F 318 0.60 23.76 12.83
N VAL F 319 1.57 23.06 13.42
CA VAL F 319 2.20 23.58 14.65
C VAL F 319 2.93 24.89 14.35
N ILE F 320 3.75 24.89 13.29
CA ILE F 320 4.57 26.06 12.97
C ILE F 320 3.68 27.24 12.55
N MET F 321 2.70 26.99 11.68
CA MET F 321 1.84 28.08 11.25
C MET F 321 0.97 28.58 12.40
N ARG F 322 0.50 27.68 13.27
CA ARG F 322 -0.26 28.14 14.43
C ARG F 322 0.59 28.98 15.34
N LEU F 323 1.88 28.66 15.46
CA LEU F 323 2.79 29.48 16.26
C LEU F 323 2.89 30.89 15.70
N MET F 324 3.09 30.99 14.38
CA MET F 324 3.10 32.30 13.73
C MET F 324 1.79 33.03 13.95
N ALA F 325 0.66 32.32 13.77
CA ALA F 325 -0.64 32.95 13.93
C ALA F 325 -0.86 33.41 15.37
N SER F 326 -0.47 32.58 16.34
CA SER F 326 -0.67 32.95 17.75
C SER F 326 0.25 34.09 18.16
N LEU F 327 1.49 34.10 17.65
CA LEU F 327 2.36 35.24 17.91
C LEU F 327 1.78 36.53 17.34
N ALA F 328 1.22 36.45 16.13
CA ALA F 328 0.62 37.65 15.54
C ALA F 328 -0.57 38.14 16.36
N ALA F 329 -1.41 37.21 16.84
CA ALA F 329 -2.54 37.60 17.68
C ALA F 329 -2.08 38.23 18.99
N GLN F 330 -1.07 37.64 19.62
CA GLN F 330 -0.53 38.19 20.87
C GLN F 330 0.02 39.59 20.64
N ASP F 331 0.59 39.81 19.47
CA ASP F 331 1.11 41.12 19.10
C ASP F 331 0.01 42.09 18.67
N GLY F 332 -1.25 41.66 18.61
CA GLY F 332 -2.28 42.55 18.09
C GLY F 332 -2.24 42.74 16.59
N ASP F 333 -1.40 41.98 15.88
CA ASP F 333 -1.22 42.11 14.44
C ASP F 333 -2.33 41.31 13.74
N VAL F 334 -3.54 41.83 13.87
CA VAL F 334 -4.76 41.21 13.38
C VAL F 334 -5.25 42.00 12.16
N ILE F 335 -6.17 41.42 11.40
CA ILE F 335 -6.71 42.04 10.20
C ILE F 335 -8.05 42.70 10.55
N ASP F 336 -8.49 43.59 9.67
CA ASP F 336 -9.81 44.21 9.80
C ASP F 336 -10.91 43.17 9.64
N ASP F 337 -11.52 42.74 10.74
CA ASP F 337 -12.53 41.69 10.66
C ASP F 337 -13.82 42.13 9.98
N LYS F 338 -14.05 43.44 9.78
CA LYS F 338 -15.19 43.92 9.03
C LYS F 338 -15.07 43.65 7.53
N LEU F 339 -13.89 43.26 7.05
CA LEU F 339 -13.73 42.86 5.64
C LEU F 339 -14.68 41.74 5.26
N ARG F 340 -15.29 41.86 4.09
CA ARG F 340 -16.17 40.84 3.54
C ARG F 340 -15.76 40.52 2.11
N ARG F 341 -16.08 39.29 1.69
CA ARG F 341 -15.79 38.85 0.32
C ARG F 341 -16.49 39.71 -0.72
N THR F 342 -17.67 40.24 -0.39
CA THR F 342 -18.40 41.11 -1.29
C THR F 342 -17.67 42.42 -1.56
N ASP F 343 -16.58 42.71 -0.84
CA ASP F 343 -15.81 43.92 -1.09
C ASP F 343 -14.86 43.78 -2.26
N LEU F 344 -14.53 42.55 -2.66
CA LEU F 344 -13.70 42.33 -3.83
C LEU F 344 -14.43 42.66 -5.13
N VAL F 345 -15.77 42.67 -5.12
CA VAL F 345 -16.55 42.86 -6.34
C VAL F 345 -17.04 44.29 -6.48
C2 C5J G . -34.51 -13.14 10.05
C5 C5J G . -35.98 -12.22 8.23
N1 C5J G . -34.51 -13.24 11.40
N6 C5J G . -37.15 -11.55 8.07
N4 C5J G . -35.67 -12.47 9.58
O3 C5J G . -33.62 -13.60 9.31
O7 C5J G . -35.25 -12.56 7.31
C URE H . -14.16 19.93 3.42
O URE H . -14.88 20.17 4.44
N1 URE H . -13.95 20.86 2.48
N2 URE H . -13.61 18.71 3.23
NI NI I . -16.92 19.31 4.84
NI NI J . -14.02 18.83 6.05
C2 C5J K . -32.31 -8.36 -19.10
C5 C5J K . -33.40 -10.05 -17.60
N1 C5J K . -32.02 -8.19 -20.42
N6 C5J K . -34.01 -11.25 -17.68
N4 C5J K . -32.98 -9.58 -18.85
O3 C5J K . -32.04 -7.53 -18.21
O7 C5J K . -33.25 -9.46 -16.53
C URE L . 0.85 -24.37 -4.92
O URE L . 0.91 -24.86 -6.08
N1 URE L . 1.29 -25.04 -3.86
N2 URE L . 0.33 -23.15 -4.72
NI NI M . -1.11 -25.23 -7.43
NI NI N . 1.20 -23.20 -7.82
CA CA O . -41.47 -26.49 1.70
#